data_2DGR
#
_entry.id   2DGR
#
_entity_poly.entity_id   1
_entity_poly.type   'polypeptide(L)'
_entity_poly.pdbx_seq_one_letter_code
;GSSGSSGGQTTIQVRVPYRVVGLVVGPKGATIKRIQQRTHTYIVTPGRDKEPVFAVTGMPENVDRAREEIEAHITLRSGP
SSG
;
_entity_poly.pdbx_strand_id   A
#
# COMPACT_ATOMS: atom_id res chain seq x y z
N GLY A 1 18.38 -13.92 -21.44
CA GLY A 1 19.70 -13.37 -21.18
C GLY A 1 19.72 -11.86 -21.21
N SER A 2 19.39 -11.29 -22.37
CA SER A 2 19.38 -9.84 -22.53
C SER A 2 17.97 -9.34 -22.86
N SER A 3 17.40 -9.88 -23.94
CA SER A 3 16.06 -9.48 -24.36
C SER A 3 15.25 -10.70 -24.81
N GLY A 4 13.93 -10.61 -24.66
CA GLY A 4 13.07 -11.71 -25.05
C GLY A 4 12.23 -12.23 -23.89
N SER A 5 11.50 -11.33 -23.24
CA SER A 5 10.65 -11.70 -22.11
C SER A 5 9.50 -10.70 -21.95
N SER A 6 8.31 -11.23 -21.71
CA SER A 6 7.13 -10.39 -21.54
C SER A 6 6.89 -10.09 -20.07
N GLY A 7 7.19 -8.85 -19.67
CA GLY A 7 7.01 -8.45 -18.29
C GLY A 7 8.07 -7.47 -17.82
N GLY A 8 7.64 -6.25 -17.49
CA GLY A 8 8.57 -5.24 -17.04
C GLY A 8 8.40 -4.90 -15.57
N GLN A 9 7.34 -4.16 -15.26
CA GLN A 9 7.06 -3.76 -13.88
C GLN A 9 6.93 -4.99 -12.99
N THR A 10 6.62 -4.76 -11.71
CA THR A 10 6.46 -5.84 -10.75
C THR A 10 5.32 -5.55 -9.78
N THR A 11 4.83 -6.60 -9.12
CA THR A 11 3.75 -6.45 -8.16
C THR A 11 4.07 -7.16 -6.85
N ILE A 12 4.01 -6.42 -5.75
CA ILE A 12 4.30 -6.99 -4.44
C ILE A 12 3.06 -6.98 -3.55
N GLN A 13 3.01 -7.90 -2.61
CA GLN A 13 1.87 -7.99 -1.69
C GLN A 13 2.27 -7.58 -0.29
N VAL A 14 1.83 -6.39 0.13
CA VAL A 14 2.13 -5.87 1.46
C VAL A 14 1.27 -6.53 2.52
N ARG A 15 1.89 -6.92 3.62
CA ARG A 15 1.17 -7.57 4.72
C ARG A 15 0.96 -6.59 5.88
N VAL A 16 -0.30 -6.36 6.23
CA VAL A 16 -0.62 -5.45 7.33
C VAL A 16 -1.72 -6.04 8.22
N PRO A 17 -1.69 -5.67 9.50
CA PRO A 17 -2.68 -6.13 10.48
C PRO A 17 -4.06 -5.55 10.24
N TYR A 18 -5.07 -6.43 10.22
CA TYR A 18 -6.44 -6.00 9.99
C TYR A 18 -6.77 -4.77 10.82
N ARG A 19 -6.01 -4.57 11.89
CA ARG A 19 -6.23 -3.41 12.77
C ARG A 19 -5.78 -2.12 12.09
N VAL A 20 -4.62 -2.16 11.45
CA VAL A 20 -4.08 -1.00 10.76
C VAL A 20 -4.81 -0.75 9.44
N VAL A 21 -5.25 -1.83 8.82
CA VAL A 21 -5.97 -1.74 7.55
C VAL A 21 -6.91 -0.55 7.53
N GLY A 22 -8.03 -0.67 8.24
CA GLY A 22 -8.99 0.41 8.30
C GLY A 22 -8.34 1.77 8.37
N LEU A 23 -7.19 1.85 9.04
CA LEU A 23 -6.47 3.11 9.19
C LEU A 23 -5.82 3.51 7.87
N VAL A 24 -5.20 2.55 7.20
CA VAL A 24 -4.55 2.80 5.92
C VAL A 24 -5.57 3.18 4.85
N VAL A 25 -6.48 2.26 4.55
CA VAL A 25 -7.50 2.50 3.54
C VAL A 25 -8.15 3.87 3.74
N GLY A 26 -8.55 4.16 4.98
CA GLY A 26 -9.18 5.43 5.27
C GLY A 26 -10.67 5.41 4.98
N PRO A 27 -11.35 6.50 5.37
CA PRO A 27 -12.80 6.63 5.16
C PRO A 27 -13.22 6.29 3.74
N LYS A 28 -13.56 5.01 3.53
CA LYS A 28 -13.98 4.56 2.21
C LYS A 28 -12.95 4.91 1.14
N GLY A 29 -11.67 4.81 1.51
CA GLY A 29 -10.60 5.12 0.58
C GLY A 29 -10.38 6.61 0.44
N ALA A 30 -9.80 7.22 1.47
CA ALA A 30 -9.53 8.65 1.45
C ALA A 30 -8.05 8.93 1.71
N THR A 31 -7.39 8.03 2.43
CA THR A 31 -5.98 8.18 2.74
C THR A 31 -5.11 7.36 1.78
N ILE A 32 -5.52 6.12 1.53
CA ILE A 32 -4.78 5.24 0.64
C ILE A 32 -4.71 5.82 -0.76
N LYS A 33 -5.68 6.67 -1.10
CA LYS A 33 -5.72 7.30 -2.42
C LYS A 33 -4.55 8.26 -2.60
N ARG A 34 -4.12 8.88 -1.51
CA ARG A 34 -3.00 9.82 -1.55
C ARG A 34 -1.69 9.11 -1.88
N ILE A 35 -1.48 7.95 -1.26
CA ILE A 35 -0.27 7.17 -1.49
C ILE A 35 -0.13 6.80 -2.97
N GLN A 36 -1.14 6.14 -3.51
CA GLN A 36 -1.13 5.74 -4.91
C GLN A 36 -0.66 6.88 -5.81
N GLN A 37 -0.96 8.11 -5.39
CA GLN A 37 -0.57 9.29 -6.16
C GLN A 37 0.88 9.68 -5.85
N ARG A 38 1.17 9.88 -4.57
CA ARG A 38 2.52 10.26 -4.15
C ARG A 38 3.54 9.23 -4.63
N THR A 39 3.08 8.01 -4.86
CA THR A 39 3.96 6.94 -5.31
C THR A 39 3.66 6.56 -6.76
N HIS A 40 2.53 7.04 -7.27
CA HIS A 40 2.13 6.75 -8.64
C HIS A 40 2.11 5.25 -8.90
N THR A 41 1.40 4.52 -8.05
CA THR A 41 1.30 3.06 -8.18
C THR A 41 -0.16 2.61 -8.13
N TYR A 42 -0.39 1.34 -8.44
CA TYR A 42 -1.73 0.78 -8.43
C TYR A 42 -1.96 -0.07 -7.17
N ILE A 43 -2.53 0.55 -6.15
CA ILE A 43 -2.80 -0.13 -4.90
C ILE A 43 -4.22 -0.69 -4.87
N VAL A 44 -4.34 -1.99 -4.61
CA VAL A 44 -5.63 -2.65 -4.55
C VAL A 44 -5.95 -3.13 -3.15
N THR A 45 -7.14 -2.79 -2.66
CA THR A 45 -7.57 -3.19 -1.33
C THR A 45 -8.15 -4.60 -1.32
N PRO A 46 -7.91 -5.34 -0.23
CA PRO A 46 -8.40 -6.71 -0.08
C PRO A 46 -9.92 -6.77 0.08
N GLY A 47 -10.44 -7.98 0.23
CA GLY A 47 -11.88 -8.15 0.40
C GLY A 47 -12.33 -7.89 1.82
N ARG A 48 -13.59 -8.18 2.10
CA ARG A 48 -14.16 -7.97 3.42
C ARG A 48 -14.03 -9.24 4.27
N ASP A 49 -14.10 -10.38 3.61
CA ASP A 49 -14.00 -11.66 4.30
C ASP A 49 -12.72 -12.38 3.93
N LYS A 50 -11.65 -11.61 3.74
CA LYS A 50 -10.35 -12.18 3.38
C LYS A 50 -9.25 -11.61 4.27
N GLU A 51 -8.06 -12.20 4.18
CA GLU A 51 -6.92 -11.76 4.98
C GLU A 51 -6.46 -10.37 4.54
N PRO A 52 -6.02 -9.56 5.51
CA PRO A 52 -5.54 -8.20 5.25
C PRO A 52 -4.22 -8.18 4.50
N VAL A 53 -4.29 -7.97 3.20
CA VAL A 53 -3.09 -7.92 2.35
C VAL A 53 -3.29 -6.97 1.18
N PHE A 54 -2.52 -5.89 1.19
CA PHE A 54 -2.60 -4.89 0.12
C PHE A 54 -1.73 -5.30 -1.08
N ALA A 55 -2.24 -5.05 -2.27
CA ALA A 55 -1.52 -5.39 -3.51
C ALA A 55 -1.07 -4.14 -4.24
N VAL A 56 0.24 -4.02 -4.45
CA VAL A 56 0.80 -2.87 -5.14
C VAL A 56 1.46 -3.28 -6.46
N THR A 57 0.98 -2.69 -7.56
CA THR A 57 1.52 -3.00 -8.87
C THR A 57 2.25 -1.81 -9.47
N GLY A 58 3.52 -2.00 -9.81
CA GLY A 58 4.32 -0.93 -10.37
C GLY A 58 5.79 -1.28 -10.46
N MET A 59 6.61 -0.30 -10.84
CA MET A 59 8.05 -0.50 -10.96
C MET A 59 8.62 -1.09 -9.67
N PRO A 60 9.79 -1.72 -9.78
CA PRO A 60 10.47 -2.35 -8.65
C PRO A 60 11.00 -1.32 -7.65
N GLU A 61 10.80 -0.04 -7.96
CA GLU A 61 11.25 1.04 -7.09
C GLU A 61 10.07 1.83 -6.54
N ASN A 62 8.97 1.81 -7.27
CA ASN A 62 7.77 2.53 -6.86
C ASN A 62 6.93 1.68 -5.90
N VAL A 63 6.58 0.48 -6.34
CA VAL A 63 5.78 -0.44 -5.53
C VAL A 63 6.42 -0.64 -4.15
N ASP A 64 7.74 -0.60 -4.11
CA ASP A 64 8.47 -0.78 -2.85
C ASP A 64 8.45 0.50 -2.02
N ARG A 65 8.26 1.63 -2.70
CA ARG A 65 8.22 2.93 -2.02
C ARG A 65 6.89 3.13 -1.31
N ALA A 66 5.82 2.66 -1.92
CA ALA A 66 4.48 2.79 -1.34
C ALA A 66 4.32 1.88 -0.12
N ARG A 67 4.90 0.67 -0.21
CA ARG A 67 4.82 -0.29 0.88
C ARG A 67 5.32 0.32 2.18
N GLU A 68 6.44 1.03 2.10
CA GLU A 68 7.02 1.66 3.28
C GLU A 68 6.03 2.58 3.96
N GLU A 69 5.38 3.44 3.18
CA GLU A 69 4.39 4.37 3.71
C GLU A 69 3.24 3.62 4.37
N ILE A 70 2.74 2.59 3.69
CA ILE A 70 1.64 1.79 4.21
C ILE A 70 1.95 1.29 5.62
N GLU A 71 3.03 0.53 5.74
CA GLU A 71 3.43 -0.02 7.03
C GLU A 71 3.76 1.09 8.02
N ALA A 72 4.29 2.20 7.50
CA ALA A 72 4.63 3.34 8.34
C ALA A 72 3.46 3.75 9.23
N HIS A 73 2.26 3.76 8.67
CA HIS A 73 1.07 4.13 9.42
C HIS A 73 0.91 3.25 10.65
N ILE A 74 1.33 2.00 10.54
CA ILE A 74 1.23 1.06 11.64
C ILE A 74 1.76 1.67 12.93
N THR A 75 2.84 2.45 12.81
CA THR A 75 3.44 3.10 13.97
C THR A 75 2.81 4.46 14.23
N LEU A 76 2.52 5.18 13.17
CA LEU A 76 1.91 6.51 13.28
C LEU A 76 0.62 6.44 14.07
N ARG A 77 0.49 7.34 15.05
CA ARG A 77 -0.69 7.38 15.89
C ARG A 77 -1.86 8.05 15.17
N SER A 78 -2.93 7.29 14.96
CA SER A 78 -4.10 7.81 14.27
C SER A 78 -5.38 7.47 15.03
N GLY A 79 -5.72 8.31 16.00
CA GLY A 79 -6.92 8.09 16.80
C GLY A 79 -6.68 8.31 18.28
N PRO A 80 -7.77 8.28 19.07
CA PRO A 80 -7.70 8.48 20.52
C PRO A 80 -7.03 7.32 21.23
N SER A 81 -6.59 7.55 22.46
CA SER A 81 -5.92 6.52 23.25
C SER A 81 -6.81 6.05 24.39
N SER A 82 -7.45 7.01 25.07
CA SER A 82 -8.34 6.68 26.18
C SER A 82 -9.35 5.63 25.79
N GLY A 83 -9.29 4.48 26.46
CA GLY A 83 -10.20 3.39 26.17
C GLY A 83 -11.61 3.69 26.63
N GLY A 1 24.17 -7.29 -17.94
CA GLY A 1 23.27 -8.41 -18.19
C GLY A 1 22.28 -8.62 -17.07
N SER A 2 21.77 -9.85 -16.96
CA SER A 2 20.81 -10.18 -15.91
C SER A 2 19.50 -9.42 -16.12
N SER A 3 19.07 -9.34 -17.37
CA SER A 3 17.83 -8.64 -17.70
C SER A 3 16.63 -9.57 -17.57
N GLY A 4 16.77 -10.79 -18.07
CA GLY A 4 15.69 -11.75 -18.00
C GLY A 4 14.60 -11.47 -19.01
N SER A 5 13.70 -12.44 -19.20
CA SER A 5 12.61 -12.28 -20.15
C SER A 5 11.30 -11.97 -19.42
N SER A 6 11.37 -11.06 -18.46
CA SER A 6 10.20 -10.66 -17.69
C SER A 6 9.35 -9.64 -18.45
N GLY A 7 8.14 -9.39 -17.97
CA GLY A 7 7.26 -8.45 -18.61
C GLY A 7 7.72 -7.01 -18.42
N GLY A 8 8.15 -6.69 -17.20
CA GLY A 8 8.61 -5.34 -16.90
C GLY A 8 8.35 -4.93 -15.47
N GLN A 9 7.18 -4.35 -15.22
CA GLN A 9 6.81 -3.92 -13.89
C GLN A 9 6.73 -5.10 -12.93
N THR A 10 6.46 -4.82 -11.66
CA THR A 10 6.35 -5.86 -10.64
C THR A 10 5.16 -5.61 -9.72
N THR A 11 4.78 -6.64 -8.97
CA THR A 11 3.66 -6.54 -8.05
C THR A 11 3.97 -7.22 -6.72
N ILE A 12 4.04 -6.43 -5.66
CA ILE A 12 4.32 -6.96 -4.32
C ILE A 12 3.08 -6.95 -3.44
N GLN A 13 3.02 -7.87 -2.50
CA GLN A 13 1.89 -7.97 -1.59
C GLN A 13 2.29 -7.57 -0.17
N VAL A 14 1.85 -6.39 0.26
CA VAL A 14 2.17 -5.89 1.59
C VAL A 14 1.37 -6.62 2.66
N ARG A 15 2.01 -6.90 3.79
CA ARG A 15 1.35 -7.60 4.88
C ARG A 15 1.09 -6.66 6.05
N VAL A 16 -0.19 -6.34 6.28
CA VAL A 16 -0.57 -5.45 7.37
C VAL A 16 -1.72 -6.03 8.17
N PRO A 17 -1.76 -5.72 9.48
CA PRO A 17 -2.81 -6.20 10.39
C PRO A 17 -4.16 -5.56 10.10
N TYR A 18 -5.22 -6.33 10.29
CA TYR A 18 -6.57 -5.83 10.05
C TYR A 18 -6.83 -4.54 10.81
N ARG A 19 -6.36 -4.50 12.06
CA ARG A 19 -6.54 -3.31 12.90
C ARG A 19 -6.00 -2.06 12.20
N VAL A 20 -4.98 -2.25 11.35
CA VAL A 20 -4.38 -1.15 10.63
C VAL A 20 -5.14 -0.85 9.35
N VAL A 21 -5.67 -1.89 8.72
CA VAL A 21 -6.42 -1.75 7.48
C VAL A 21 -7.27 -0.48 7.50
N GLY A 22 -8.27 -0.46 8.38
CA GLY A 22 -9.14 0.69 8.49
C GLY A 22 -8.38 2.00 8.50
N LEU A 23 -7.18 1.98 9.09
CA LEU A 23 -6.34 3.17 9.17
C LEU A 23 -5.80 3.54 7.79
N VAL A 24 -5.09 2.61 7.16
CA VAL A 24 -4.51 2.84 5.85
C VAL A 24 -5.58 3.25 4.84
N VAL A 25 -6.61 2.41 4.70
CA VAL A 25 -7.71 2.68 3.79
C VAL A 25 -8.20 4.11 3.93
N GLY A 26 -8.58 4.49 5.15
CA GLY A 26 -9.07 5.83 5.40
C GLY A 26 -10.56 5.96 5.11
N PRO A 27 -11.15 7.08 5.55
CA PRO A 27 -12.57 7.36 5.34
C PRO A 27 -13.01 7.12 3.90
N LYS A 28 -13.51 5.92 3.64
CA LYS A 28 -13.97 5.56 2.29
C LYS A 28 -12.82 5.64 1.29
N GLY A 29 -11.67 5.08 1.66
CA GLY A 29 -10.52 5.10 0.77
C GLY A 29 -10.08 6.51 0.43
N ALA A 30 -9.69 7.27 1.45
CA ALA A 30 -9.25 8.65 1.24
C ALA A 30 -7.74 8.76 1.35
N THR A 31 -7.17 8.06 2.34
CA THR A 31 -5.73 8.08 2.55
C THR A 31 -5.00 7.17 1.56
N ILE A 32 -5.53 5.95 1.39
CA ILE A 32 -4.94 4.99 0.48
C ILE A 32 -4.73 5.60 -0.90
N LYS A 33 -5.65 6.48 -1.30
CA LYS A 33 -5.57 7.14 -2.59
C LYS A 33 -4.36 8.07 -2.66
N ARG A 34 -4.10 8.77 -1.57
CA ARG A 34 -2.97 9.70 -1.50
C ARG A 34 -1.66 8.96 -1.67
N ILE A 35 -1.68 7.66 -1.38
CA ILE A 35 -0.48 6.83 -1.49
C ILE A 35 -0.21 6.45 -2.94
N GLN A 36 -1.26 6.11 -3.67
CA GLN A 36 -1.15 5.72 -5.06
C GLN A 36 -0.74 6.91 -5.92
N GLN A 37 -1.15 8.10 -5.51
CA GLN A 37 -0.82 9.33 -6.24
C GLN A 37 0.59 9.80 -5.91
N ARG A 38 0.90 9.86 -4.62
CA ARG A 38 2.22 10.29 -4.18
C ARG A 38 3.32 9.39 -4.75
N THR A 39 3.01 8.11 -4.88
CA THR A 39 3.96 7.14 -5.40
C THR A 39 3.68 6.84 -6.87
N HIS A 40 2.51 7.26 -7.34
CA HIS A 40 2.12 7.02 -8.73
C HIS A 40 2.12 5.53 -9.06
N THR A 41 1.38 4.77 -8.26
CA THR A 41 1.30 3.32 -8.46
C THR A 41 -0.16 2.84 -8.41
N TYR A 42 -0.35 1.53 -8.52
CA TYR A 42 -1.68 0.95 -8.49
C TYR A 42 -1.85 0.04 -7.28
N ILE A 43 -2.45 0.57 -6.22
CA ILE A 43 -2.67 -0.20 -5.00
C ILE A 43 -4.06 -0.82 -4.99
N VAL A 44 -4.13 -2.11 -4.65
CA VAL A 44 -5.40 -2.81 -4.60
C VAL A 44 -5.73 -3.25 -3.18
N THR A 45 -6.97 -3.03 -2.76
CA THR A 45 -7.41 -3.40 -1.42
C THR A 45 -7.92 -4.84 -1.39
N PRO A 46 -7.71 -5.52 -0.25
CA PRO A 46 -8.14 -6.90 -0.06
C PRO A 46 -9.65 -7.04 0.02
N GLY A 47 -10.12 -8.26 0.23
CA GLY A 47 -11.55 -8.51 0.34
C GLY A 47 -12.06 -8.34 1.75
N ARG A 48 -13.38 -8.32 1.89
CA ARG A 48 -14.01 -8.16 3.20
C ARG A 48 -13.80 -9.40 4.06
N ASP A 49 -13.93 -10.57 3.44
CA ASP A 49 -13.76 -11.84 4.14
C ASP A 49 -12.42 -12.47 3.78
N LYS A 50 -11.37 -11.66 3.73
CA LYS A 50 -10.04 -12.15 3.40
C LYS A 50 -8.99 -11.54 4.32
N GLU A 51 -7.78 -12.08 4.29
CA GLU A 51 -6.69 -11.59 5.11
C GLU A 51 -6.32 -10.16 4.73
N PRO A 52 -5.96 -9.34 5.74
CA PRO A 52 -5.58 -7.95 5.53
C PRO A 52 -4.24 -7.81 4.81
N VAL A 53 -4.27 -7.90 3.49
CA VAL A 53 -3.06 -7.80 2.68
C VAL A 53 -3.29 -6.86 1.50
N PHE A 54 -2.37 -5.90 1.34
CA PHE A 54 -2.46 -4.94 0.24
C PHE A 54 -1.60 -5.38 -0.94
N ALA A 55 -2.12 -5.19 -2.15
CA ALA A 55 -1.40 -5.57 -3.35
C ALA A 55 -1.00 -4.33 -4.17
N VAL A 56 0.29 -4.03 -4.20
CA VAL A 56 0.79 -2.88 -4.93
C VAL A 56 1.39 -3.31 -6.27
N THR A 57 1.03 -2.60 -7.33
CA THR A 57 1.54 -2.89 -8.67
C THR A 57 2.31 -1.72 -9.24
N GLY A 58 3.45 -2.00 -9.83
CA GLY A 58 4.27 -0.95 -10.42
C GLY A 58 5.74 -1.30 -10.47
N MET A 59 6.56 -0.36 -10.94
CA MET A 59 8.00 -0.59 -11.03
C MET A 59 8.55 -1.14 -9.72
N PRO A 60 9.71 -1.80 -9.80
CA PRO A 60 10.37 -2.39 -8.62
C PRO A 60 10.92 -1.32 -7.68
N GLU A 61 10.72 -0.06 -8.03
CA GLU A 61 11.20 1.05 -7.21
C GLU A 61 10.04 1.89 -6.72
N ASN A 62 8.96 1.94 -7.50
CA ASN A 62 7.79 2.72 -7.14
C ASN A 62 6.93 1.97 -6.12
N VAL A 63 6.67 0.69 -6.40
CA VAL A 63 5.87 -0.13 -5.51
C VAL A 63 6.58 -0.36 -4.17
N ASP A 64 7.90 -0.29 -4.20
CA ASP A 64 8.70 -0.48 -2.99
C ASP A 64 8.48 0.66 -2.00
N ARG A 65 8.39 1.88 -2.52
CA ARG A 65 8.18 3.06 -1.69
C ARG A 65 6.80 3.01 -1.04
N ALA A 66 5.77 2.92 -1.88
CA ALA A 66 4.40 2.87 -1.39
C ALA A 66 4.26 1.89 -0.23
N ARG A 67 4.83 0.71 -0.40
CA ARG A 67 4.77 -0.33 0.63
C ARG A 67 5.18 0.23 2.00
N GLU A 68 6.19 1.09 1.99
CA GLU A 68 6.69 1.70 3.23
C GLU A 68 5.59 2.53 3.90
N GLU A 69 4.98 3.43 3.13
CA GLU A 69 3.92 4.28 3.64
C GLU A 69 2.77 3.44 4.18
N ILE A 70 2.52 2.30 3.55
CA ILE A 70 1.45 1.41 3.97
C ILE A 70 1.69 0.89 5.37
N GLU A 71 2.73 0.08 5.52
CA GLU A 71 3.06 -0.50 6.83
C GLU A 71 3.43 0.60 7.83
N ALA A 72 4.03 1.67 7.32
CA ALA A 72 4.44 2.78 8.17
C ALA A 72 3.39 3.08 9.23
N HIS A 73 2.15 3.31 8.79
CA HIS A 73 1.06 3.59 9.71
C HIS A 73 1.14 2.72 10.96
N ILE A 74 1.50 1.46 10.77
CA ILE A 74 1.63 0.53 11.88
C ILE A 74 2.35 1.17 13.06
N THR A 75 3.51 1.77 12.79
CA THR A 75 4.29 2.42 13.82
C THR A 75 3.52 3.58 14.46
N LEU A 76 2.98 4.45 13.62
CA LEU A 76 2.21 5.60 14.10
C LEU A 76 1.12 5.15 15.07
N ARG A 77 0.42 6.12 15.65
CA ARG A 77 -0.66 5.83 16.59
C ARG A 77 -1.53 7.05 16.82
N SER A 78 -2.82 6.92 16.51
CA SER A 78 -3.76 8.02 16.68
C SER A 78 -4.91 7.63 17.59
N GLY A 79 -5.68 8.62 18.04
CA GLY A 79 -6.82 8.34 18.91
C GLY A 79 -7.73 7.27 18.36
N PRO A 80 -8.32 6.47 19.26
CA PRO A 80 -9.23 5.38 18.87
C PRO A 80 -10.56 5.91 18.33
N SER A 81 -11.22 5.11 17.51
CA SER A 81 -12.49 5.50 16.91
C SER A 81 -13.18 4.29 16.27
N SER A 82 -14.48 4.17 16.48
CA SER A 82 -15.26 3.07 15.93
C SER A 82 -16.65 3.53 15.52
N GLY A 83 -16.97 3.39 14.24
CA GLY A 83 -18.27 3.79 13.74
C GLY A 83 -18.57 3.22 12.37
N GLY A 1 24.75 -2.54 -14.09
CA GLY A 1 24.73 -3.86 -14.68
C GLY A 1 23.45 -4.13 -15.46
N SER A 2 23.37 -5.32 -16.05
CA SER A 2 22.19 -5.70 -16.84
C SER A 2 21.17 -6.41 -15.95
N SER A 3 20.17 -5.66 -15.49
CA SER A 3 19.13 -6.20 -14.63
C SER A 3 17.77 -6.13 -15.32
N GLY A 4 16.87 -7.02 -14.91
CA GLY A 4 15.54 -7.04 -15.50
C GLY A 4 15.18 -8.38 -16.09
N SER A 5 14.16 -9.03 -15.54
CA SER A 5 13.73 -10.34 -16.01
C SER A 5 12.24 -10.33 -16.32
N SER A 6 11.47 -9.60 -15.52
CA SER A 6 10.03 -9.51 -15.70
C SER A 6 9.68 -8.56 -16.84
N GLY A 7 8.51 -8.76 -17.45
CA GLY A 7 8.09 -7.90 -18.54
C GLY A 7 8.54 -6.47 -18.37
N GLY A 8 8.33 -5.92 -17.18
CA GLY A 8 8.72 -4.56 -16.90
C GLY A 8 8.35 -4.11 -15.50
N GLN A 9 7.06 -4.18 -15.18
CA GLN A 9 6.59 -3.78 -13.87
C GLN A 9 6.43 -4.99 -12.95
N THR A 10 6.38 -4.74 -11.64
CA THR A 10 6.23 -5.81 -10.67
C THR A 10 5.10 -5.51 -9.70
N THR A 11 4.57 -6.55 -9.06
CA THR A 11 3.47 -6.41 -8.11
C THR A 11 3.79 -7.12 -6.81
N ILE A 12 3.94 -6.35 -5.73
CA ILE A 12 4.24 -6.91 -4.43
C ILE A 12 3.01 -6.91 -3.53
N GLN A 13 2.98 -7.82 -2.55
CA GLN A 13 1.86 -7.92 -1.64
C GLN A 13 2.27 -7.53 -0.22
N VAL A 14 1.82 -6.36 0.22
CA VAL A 14 2.13 -5.86 1.54
C VAL A 14 1.29 -6.56 2.61
N ARG A 15 1.91 -6.84 3.75
CA ARG A 15 1.23 -7.52 4.85
C ARG A 15 1.03 -6.56 6.02
N VAL A 16 -0.23 -6.29 6.35
CA VAL A 16 -0.57 -5.40 7.45
C VAL A 16 -1.71 -5.96 8.28
N PRO A 17 -1.72 -5.61 9.58
CA PRO A 17 -2.76 -6.06 10.52
C PRO A 17 -4.12 -5.42 10.23
N TYR A 18 -5.14 -6.26 10.07
CA TYR A 18 -6.49 -5.78 9.80
C TYR A 18 -6.77 -4.48 10.55
N ARG A 19 -6.23 -4.37 11.75
CA ARG A 19 -6.41 -3.18 12.57
C ARG A 19 -5.88 -1.94 11.86
N VAL A 20 -4.68 -2.05 11.31
CA VAL A 20 -4.05 -0.94 10.61
C VAL A 20 -4.72 -0.69 9.26
N VAL A 21 -5.23 -1.77 8.66
CA VAL A 21 -5.89 -1.68 7.36
C VAL A 21 -6.87 -0.51 7.33
N GLY A 22 -7.84 -0.53 8.23
CA GLY A 22 -8.83 0.53 8.29
C GLY A 22 -8.19 1.90 8.39
N LEU A 23 -7.15 2.01 9.19
CA LEU A 23 -6.45 3.28 9.37
C LEU A 23 -5.84 3.76 8.06
N VAL A 24 -5.14 2.86 7.38
CA VAL A 24 -4.52 3.20 6.11
C VAL A 24 -5.56 3.54 5.05
N VAL A 25 -6.53 2.64 4.87
CA VAL A 25 -7.59 2.84 3.89
C VAL A 25 -8.21 4.23 4.03
N GLY A 26 -8.70 4.53 5.24
CA GLY A 26 -9.31 5.82 5.48
C GLY A 26 -10.80 5.82 5.17
N PRO A 27 -11.47 6.93 5.52
CA PRO A 27 -12.91 7.08 5.29
C PRO A 27 -13.30 6.70 3.87
N LYS A 28 -13.85 5.49 3.72
CA LYS A 28 -14.28 5.00 2.42
C LYS A 28 -13.18 5.16 1.38
N GLY A 29 -11.95 4.82 1.79
CA GLY A 29 -10.81 4.93 0.88
C GLY A 29 -10.52 6.36 0.49
N ALA A 30 -9.82 7.08 1.36
CA ALA A 30 -9.47 8.47 1.11
C ALA A 30 -7.98 8.71 1.34
N THR A 31 -7.40 7.97 2.27
CA THR A 31 -5.99 8.11 2.59
C THR A 31 -5.15 7.18 1.73
N ILE A 32 -5.64 5.96 1.51
CA ILE A 32 -4.94 4.98 0.71
C ILE A 32 -4.81 5.44 -0.75
N LYS A 33 -5.79 6.22 -1.20
CA LYS A 33 -5.79 6.73 -2.56
C LYS A 33 -4.66 7.72 -2.77
N ARG A 34 -4.44 8.59 -1.80
CA ARG A 34 -3.39 9.60 -1.88
C ARG A 34 -2.03 8.93 -2.12
N ILE A 35 -1.77 7.86 -1.40
CA ILE A 35 -0.51 7.13 -1.53
C ILE A 35 -0.29 6.66 -2.96
N GLN A 36 -1.34 6.12 -3.57
CA GLN A 36 -1.26 5.64 -4.94
C GLN A 36 -0.71 6.71 -5.87
N GLN A 37 -1.09 7.97 -5.62
CA GLN A 37 -0.63 9.08 -6.43
C GLN A 37 0.78 9.51 -6.02
N ARG A 38 0.98 9.72 -4.73
CA ARG A 38 2.28 10.13 -4.21
C ARG A 38 3.36 9.12 -4.62
N THR A 39 2.97 7.86 -4.76
CA THR A 39 3.91 6.82 -5.13
C THR A 39 3.68 6.37 -6.58
N HIS A 40 2.58 6.83 -7.17
CA HIS A 40 2.25 6.48 -8.55
C HIS A 40 2.20 4.97 -8.73
N THR A 41 1.45 4.29 -7.87
CA THR A 41 1.33 2.84 -7.94
C THR A 41 -0.13 2.41 -7.73
N TYR A 42 -0.53 1.38 -8.44
CA TYR A 42 -1.89 0.86 -8.34
C TYR A 42 -2.06 0.00 -7.09
N ILE A 43 -2.54 0.61 -6.02
CA ILE A 43 -2.75 -0.09 -4.76
C ILE A 43 -4.13 -0.73 -4.70
N VAL A 44 -4.16 -2.07 -4.76
CA VAL A 44 -5.42 -2.80 -4.72
C VAL A 44 -5.74 -3.26 -3.30
N THR A 45 -6.88 -2.82 -2.78
CA THR A 45 -7.30 -3.19 -1.43
C THR A 45 -7.86 -4.61 -1.40
N PRO A 46 -7.65 -5.31 -0.28
CA PRO A 46 -8.13 -6.68 -0.10
C PRO A 46 -9.66 -6.76 0.03
N GLY A 47 -10.19 -7.97 0.03
CA GLY A 47 -11.63 -8.15 0.14
C GLY A 47 -12.11 -8.03 1.57
N ARG A 48 -13.43 -8.13 1.75
CA ARG A 48 -14.02 -8.03 3.08
C ARG A 48 -13.83 -9.32 3.87
N ASP A 49 -13.84 -10.44 3.17
CA ASP A 49 -13.67 -11.74 3.79
C ASP A 49 -12.33 -12.36 3.42
N LYS A 50 -11.29 -11.53 3.39
CA LYS A 50 -9.95 -11.99 3.04
C LYS A 50 -8.91 -11.38 3.97
N GLU A 51 -7.74 -12.01 4.05
CA GLU A 51 -6.66 -11.53 4.90
C GLU A 51 -6.28 -10.09 4.52
N PRO A 52 -5.90 -9.31 5.54
CA PRO A 52 -5.50 -7.91 5.34
C PRO A 52 -4.17 -7.78 4.62
N VAL A 53 -4.23 -7.57 3.31
CA VAL A 53 -3.03 -7.43 2.49
C VAL A 53 -3.25 -6.44 1.36
N PHE A 54 -2.29 -5.52 1.19
CA PHE A 54 -2.38 -4.52 0.13
C PHE A 54 -1.49 -4.88 -1.04
N ALA A 55 -2.10 -5.10 -2.20
CA ALA A 55 -1.35 -5.45 -3.40
C ALA A 55 -0.97 -4.21 -4.20
N VAL A 56 0.32 -3.87 -4.19
CA VAL A 56 0.81 -2.71 -4.91
C VAL A 56 1.43 -3.11 -6.25
N THR A 57 0.91 -2.55 -7.33
CA THR A 57 1.42 -2.84 -8.67
C THR A 57 2.18 -1.67 -9.24
N GLY A 58 3.37 -1.93 -9.77
CA GLY A 58 4.19 -0.89 -10.35
C GLY A 58 5.65 -1.25 -10.39
N MET A 59 6.47 -0.36 -10.95
CA MET A 59 7.91 -0.60 -11.06
C MET A 59 8.45 -1.20 -9.76
N PRO A 60 9.62 -1.85 -9.86
CA PRO A 60 10.27 -2.48 -8.71
C PRO A 60 10.81 -1.46 -7.71
N GLU A 61 10.60 -0.17 -8.01
CA GLU A 61 11.06 0.90 -7.15
C GLU A 61 9.89 1.72 -6.63
N ASN A 62 8.90 1.93 -7.48
CA ASN A 62 7.72 2.71 -7.11
C ASN A 62 6.87 1.96 -6.09
N VAL A 63 6.65 0.67 -6.34
CA VAL A 63 5.87 -0.15 -5.43
C VAL A 63 6.58 -0.36 -4.11
N ASP A 64 7.90 -0.50 -4.17
CA ASP A 64 8.71 -0.70 -2.97
C ASP A 64 8.51 0.45 -1.99
N ARG A 65 8.48 1.67 -2.51
CA ARG A 65 8.30 2.85 -1.67
C ARG A 65 6.93 2.84 -1.01
N ALA A 66 5.89 2.58 -1.79
CA ALA A 66 4.53 2.53 -1.27
C ALA A 66 4.45 1.67 -0.02
N ARG A 67 5.03 0.48 -0.10
CA ARG A 67 5.02 -0.45 1.03
C ARG A 67 5.50 0.24 2.30
N GLU A 68 6.57 1.01 2.19
CA GLU A 68 7.13 1.72 3.33
C GLU A 68 6.05 2.56 4.03
N GLU A 69 5.25 3.26 3.24
CA GLU A 69 4.19 4.09 3.79
C GLU A 69 3.09 3.23 4.42
N ILE A 70 2.54 2.32 3.63
CA ILE A 70 1.49 1.43 4.11
C ILE A 70 1.85 0.82 5.46
N GLU A 71 3.08 0.33 5.55
CA GLU A 71 3.57 -0.29 6.79
C GLU A 71 3.76 0.76 7.88
N ALA A 72 4.36 1.88 7.52
CA ALA A 72 4.61 2.96 8.48
C ALA A 72 3.39 3.18 9.37
N HIS A 73 2.25 3.46 8.73
CA HIS A 73 1.01 3.70 9.48
C HIS A 73 0.94 2.82 10.71
N ILE A 74 1.47 1.60 10.60
CA ILE A 74 1.47 0.67 11.72
C ILE A 74 2.10 1.29 12.96
N THR A 75 3.28 1.87 12.79
CA THR A 75 3.99 2.51 13.90
C THR A 75 3.69 4.00 13.96
N LEU A 76 2.42 4.35 13.81
CA LEU A 76 2.00 5.75 13.85
C LEU A 76 1.19 6.03 15.12
N ARG A 77 1.31 7.25 15.61
CA ARG A 77 0.58 7.66 16.82
C ARG A 77 -0.56 8.61 16.48
N SER A 78 -1.42 8.20 15.57
CA SER A 78 -2.55 9.02 15.14
C SER A 78 -2.18 10.50 15.14
N GLY A 79 -0.98 10.79 14.65
CA GLY A 79 -0.53 12.17 14.61
C GLY A 79 -1.16 12.96 13.47
N PRO A 80 -0.81 14.25 13.37
CA PRO A 80 -1.33 15.13 12.33
C PRO A 80 -0.79 14.79 10.95
N SER A 81 -1.68 14.53 10.01
CA SER A 81 -1.29 14.17 8.66
C SER A 81 -0.70 15.39 7.93
N SER A 82 0.45 15.18 7.30
CA SER A 82 1.13 16.26 6.58
C SER A 82 0.13 17.06 5.73
N GLY A 83 0.48 18.31 5.45
CA GLY A 83 -0.39 19.15 4.65
C GLY A 83 -0.20 20.62 4.95
N GLY A 1 16.96 7.68 -25.81
CA GLY A 1 16.71 6.32 -25.38
C GLY A 1 15.38 5.77 -25.90
N SER A 2 15.38 5.36 -27.17
CA SER A 2 14.18 4.81 -27.79
C SER A 2 13.85 3.44 -27.24
N SER A 3 13.21 3.41 -26.06
CA SER A 3 12.84 2.16 -25.42
C SER A 3 11.56 2.33 -24.61
N GLY A 4 10.85 1.22 -24.39
CA GLY A 4 9.62 1.27 -23.63
C GLY A 4 9.03 -0.11 -23.42
N SER A 5 9.77 -0.99 -22.76
CA SER A 5 9.31 -2.34 -22.49
C SER A 5 7.88 -2.34 -21.98
N SER A 6 6.94 -2.65 -22.88
CA SER A 6 5.52 -2.68 -22.53
C SER A 6 5.32 -3.28 -21.14
N GLY A 7 5.97 -4.41 -20.89
CA GLY A 7 5.84 -5.07 -19.60
C GLY A 7 7.15 -5.09 -18.84
N GLY A 8 7.39 -4.07 -18.02
CA GLY A 8 8.61 -4.00 -17.24
C GLY A 8 8.37 -3.58 -15.81
N GLN A 9 7.21 -3.95 -15.28
CA GLN A 9 6.86 -3.61 -13.91
C GLN A 9 6.71 -4.87 -13.05
N THR A 10 6.45 -4.67 -11.76
CA THR A 10 6.28 -5.79 -10.84
C THR A 10 5.14 -5.53 -9.85
N THR A 11 4.67 -6.58 -9.20
CA THR A 11 3.59 -6.47 -8.23
C THR A 11 3.96 -7.13 -6.91
N ILE A 12 3.85 -6.38 -5.82
CA ILE A 12 4.17 -6.90 -4.50
C ILE A 12 2.92 -7.00 -3.63
N GLN A 13 3.02 -7.75 -2.55
CA GLN A 13 1.90 -7.94 -1.63
C GLN A 13 2.26 -7.48 -0.23
N VAL A 14 1.85 -6.25 0.11
CA VAL A 14 2.14 -5.69 1.42
C VAL A 14 1.34 -6.40 2.50
N ARG A 15 1.96 -6.58 3.67
CA ARG A 15 1.31 -7.25 4.79
C ARG A 15 1.06 -6.28 5.93
N VAL A 16 -0.21 -6.14 6.32
CA VAL A 16 -0.59 -5.25 7.40
C VAL A 16 -1.70 -5.85 8.25
N PRO A 17 -1.73 -5.47 9.54
CA PRO A 17 -2.74 -5.97 10.48
C PRO A 17 -4.13 -5.41 10.19
N TYR A 18 -5.10 -6.31 10.03
CA TYR A 18 -6.47 -5.92 9.74
C TYR A 18 -6.82 -4.62 10.46
N ARG A 19 -6.25 -4.43 11.65
CA ARG A 19 -6.50 -3.23 12.44
C ARG A 19 -6.05 -1.98 11.69
N VAL A 20 -4.82 -2.01 11.19
CA VAL A 20 -4.26 -0.88 10.46
C VAL A 20 -4.96 -0.70 9.11
N VAL A 21 -5.34 -1.81 8.49
CA VAL A 21 -6.02 -1.78 7.21
C VAL A 21 -7.01 -0.63 7.14
N GLY A 22 -8.02 -0.66 8.01
CA GLY A 22 -9.03 0.39 8.04
C GLY A 22 -8.42 1.76 8.18
N LEU A 23 -7.38 1.87 9.01
CA LEU A 23 -6.71 3.14 9.24
C LEU A 23 -6.06 3.66 7.95
N VAL A 24 -5.41 2.76 7.22
CA VAL A 24 -4.76 3.13 5.97
C VAL A 24 -5.78 3.49 4.90
N VAL A 25 -6.63 2.52 4.54
CA VAL A 25 -7.66 2.75 3.53
C VAL A 25 -8.30 4.12 3.70
N GLY A 26 -8.71 4.43 4.92
CA GLY A 26 -9.33 5.71 5.19
C GLY A 26 -10.79 5.74 4.76
N PRO A 27 -11.49 6.84 5.11
CA PRO A 27 -12.90 7.02 4.77
C PRO A 27 -13.18 6.70 3.30
N LYS A 28 -13.66 5.50 3.05
CA LYS A 28 -13.98 5.06 1.69
C LYS A 28 -12.83 5.40 0.73
N GLY A 29 -11.62 5.02 1.10
CA GLY A 29 -10.47 5.29 0.26
C GLY A 29 -10.18 6.77 0.14
N ALA A 30 -9.63 7.36 1.21
CA ALA A 30 -9.30 8.78 1.21
C ALA A 30 -7.81 9.00 1.49
N THR A 31 -7.29 8.28 2.48
CA THR A 31 -5.90 8.40 2.85
C THR A 31 -5.01 7.55 1.94
N ILE A 32 -5.44 6.32 1.69
CA ILE A 32 -4.69 5.41 0.83
C ILE A 32 -4.48 6.01 -0.56
N LYS A 33 -5.50 6.70 -1.05
CA LYS A 33 -5.42 7.33 -2.37
C LYS A 33 -4.20 8.23 -2.47
N ARG A 34 -3.90 8.95 -1.40
CA ARG A 34 -2.76 9.86 -1.37
C ARG A 34 -1.46 9.10 -1.65
N ILE A 35 -1.38 7.86 -1.17
CA ILE A 35 -0.21 7.03 -1.38
C ILE A 35 -0.08 6.61 -2.85
N GLN A 36 -1.19 6.14 -3.41
CA GLN A 36 -1.21 5.70 -4.80
C GLN A 36 -0.70 6.81 -5.73
N GLN A 37 -1.10 8.04 -5.44
CA GLN A 37 -0.70 9.19 -6.24
C GLN A 37 0.73 9.61 -5.91
N ARG A 38 1.03 9.68 -4.62
CA ARG A 38 2.36 10.08 -4.16
C ARG A 38 3.43 9.14 -4.73
N THR A 39 3.09 7.85 -4.81
CA THR A 39 4.02 6.86 -5.32
C THR A 39 3.69 6.49 -6.77
N HIS A 40 2.52 6.93 -7.23
CA HIS A 40 2.08 6.64 -8.59
C HIS A 40 1.98 5.14 -8.83
N THR A 41 1.33 4.45 -7.91
CA THR A 41 1.17 2.99 -8.02
C THR A 41 -0.30 2.60 -7.89
N TYR A 42 -0.61 1.38 -8.30
CA TYR A 42 -1.98 0.87 -8.23
C TYR A 42 -2.18 0.02 -6.99
N ILE A 43 -2.68 0.65 -5.92
CA ILE A 43 -2.92 -0.05 -4.66
C ILE A 43 -4.34 -0.62 -4.62
N VAL A 44 -4.43 -1.93 -4.43
CA VAL A 44 -5.72 -2.60 -4.37
C VAL A 44 -5.97 -3.17 -2.97
N THR A 45 -7.14 -2.86 -2.42
CA THR A 45 -7.50 -3.35 -1.09
C THR A 45 -7.94 -4.80 -1.13
N PRO A 46 -7.66 -5.54 -0.05
CA PRO A 46 -8.03 -6.96 0.06
C PRO A 46 -9.53 -7.16 0.18
N GLY A 47 -9.95 -8.43 0.24
CA GLY A 47 -11.36 -8.74 0.35
C GLY A 47 -11.88 -8.56 1.77
N ARG A 48 -13.20 -8.53 1.92
CA ARG A 48 -13.81 -8.36 3.23
C ARG A 48 -13.58 -9.58 4.10
N ASP A 49 -13.79 -10.77 3.53
CA ASP A 49 -13.61 -12.02 4.25
C ASP A 49 -12.28 -12.68 3.87
N LYS A 50 -11.23 -11.86 3.79
CA LYS A 50 -9.90 -12.36 3.43
C LYS A 50 -8.84 -11.73 4.32
N GLU A 51 -7.61 -12.21 4.20
CA GLU A 51 -6.50 -11.70 5.00
C GLU A 51 -6.18 -10.26 4.61
N PRO A 52 -5.80 -9.46 5.62
CA PRO A 52 -5.46 -8.04 5.42
C PRO A 52 -4.14 -7.86 4.65
N VAL A 53 -4.25 -7.81 3.33
CA VAL A 53 -3.07 -7.64 2.48
C VAL A 53 -3.33 -6.60 1.40
N PHE A 54 -2.36 -5.71 1.21
CA PHE A 54 -2.48 -4.65 0.20
C PHE A 54 -1.63 -4.97 -1.02
N ALA A 55 -2.26 -5.03 -2.18
CA ALA A 55 -1.57 -5.33 -3.42
C ALA A 55 -1.13 -4.04 -4.12
N VAL A 56 0.17 -3.94 -4.39
CA VAL A 56 0.72 -2.76 -5.07
C VAL A 56 1.36 -3.14 -6.39
N THR A 57 0.83 -2.57 -7.47
CA THR A 57 1.36 -2.84 -8.81
C THR A 57 2.12 -1.65 -9.36
N GLY A 58 3.26 -1.92 -10.00
CA GLY A 58 4.07 -0.85 -10.55
C GLY A 58 5.54 -1.21 -10.61
N MET A 59 6.38 -0.21 -10.92
CA MET A 59 7.81 -0.43 -11.00
C MET A 59 8.34 -1.09 -9.73
N PRO A 60 9.52 -1.72 -9.84
CA PRO A 60 10.16 -2.41 -8.71
C PRO A 60 10.66 -1.44 -7.66
N GLU A 61 10.45 -0.15 -7.90
CA GLU A 61 10.89 0.88 -6.96
C GLU A 61 9.69 1.63 -6.37
N ASN A 62 8.76 2.03 -7.23
CA ASN A 62 7.57 2.74 -6.80
C ASN A 62 6.69 1.85 -5.93
N VAL A 63 6.49 0.61 -6.36
CA VAL A 63 5.67 -0.33 -5.62
C VAL A 63 6.28 -0.64 -4.26
N ASP A 64 7.60 -0.73 -4.22
CA ASP A 64 8.32 -1.02 -2.98
C ASP A 64 8.31 0.19 -2.05
N ARG A 65 8.31 1.38 -2.65
CA ARG A 65 8.31 2.62 -1.87
C ARG A 65 6.98 2.81 -1.17
N ALA A 66 5.89 2.43 -1.84
CA ALA A 66 4.56 2.57 -1.28
C ALA A 66 4.39 1.69 -0.03
N ARG A 67 4.99 0.50 -0.07
CA ARG A 67 4.91 -0.43 1.05
C ARG A 67 5.35 0.25 2.34
N GLU A 68 6.58 0.75 2.36
CA GLU A 68 7.12 1.41 3.55
C GLU A 68 6.15 2.45 4.08
N GLU A 69 5.44 3.11 3.16
CA GLU A 69 4.46 4.13 3.54
C GLU A 69 3.26 3.51 4.23
N ILE A 70 2.74 2.44 3.65
CA ILE A 70 1.58 1.75 4.21
C ILE A 70 1.91 1.15 5.58
N GLU A 71 3.03 0.43 5.65
CA GLU A 71 3.45 -0.18 6.90
C GLU A 71 3.68 0.87 7.98
N ALA A 72 4.30 1.97 7.60
CA ALA A 72 4.59 3.06 8.53
C ALA A 72 3.43 3.28 9.48
N HIS A 73 2.23 3.45 8.93
CA HIS A 73 1.04 3.67 9.74
C HIS A 73 1.05 2.78 10.98
N ILE A 74 1.47 1.52 10.79
CA ILE A 74 1.53 0.57 11.89
C ILE A 74 2.12 1.20 13.14
N THR A 75 3.28 1.85 12.98
CA THR A 75 3.95 2.50 14.09
C THR A 75 3.57 3.97 14.18
N LEU A 76 2.29 4.26 13.98
CA LEU A 76 1.79 5.63 14.04
C LEU A 76 1.25 5.96 15.44
N ARG A 77 0.33 5.13 15.91
CA ARG A 77 -0.26 5.34 17.22
C ARG A 77 0.12 4.21 18.18
N SER A 78 -0.08 4.43 19.48
CA SER A 78 0.25 3.44 20.48
C SER A 78 -0.73 2.26 20.43
N GLY A 79 -2.00 2.56 20.70
CA GLY A 79 -3.03 1.52 20.67
C GLY A 79 -4.42 2.07 20.87
N PRO A 80 -5.34 1.22 21.32
CA PRO A 80 -6.74 1.62 21.56
C PRO A 80 -6.88 2.55 22.74
N SER A 81 -5.75 2.92 23.34
CA SER A 81 -5.75 3.82 24.50
C SER A 81 -6.87 4.86 24.37
N SER A 82 -7.79 4.85 25.34
CA SER A 82 -8.90 5.78 25.34
C SER A 82 -8.43 7.20 25.62
N GLY A 83 -7.26 7.31 26.23
CA GLY A 83 -6.70 8.62 26.55
C GLY A 83 -6.07 8.67 27.92
N GLY A 1 23.16 -6.52 -17.94
CA GLY A 1 23.65 -7.88 -17.68
C GLY A 1 22.58 -8.93 -17.91
N SER A 2 21.81 -8.77 -18.98
CA SER A 2 20.74 -9.71 -19.29
C SER A 2 20.76 -10.07 -20.78
N SER A 3 21.09 -11.34 -21.06
CA SER A 3 21.14 -11.81 -22.44
C SER A 3 19.83 -11.57 -23.16
N GLY A 4 18.75 -11.49 -22.39
CA GLY A 4 17.44 -11.26 -22.97
C GLY A 4 16.78 -10.00 -22.45
N SER A 5 15.71 -9.57 -23.12
CA SER A 5 14.99 -8.36 -22.71
C SER A 5 14.47 -8.50 -21.28
N SER A 6 14.69 -7.46 -20.47
CA SER A 6 14.25 -7.45 -19.09
C SER A 6 12.73 -7.41 -19.00
N GLY A 7 12.20 -7.47 -17.78
CA GLY A 7 10.77 -7.43 -17.59
C GLY A 7 10.23 -6.02 -17.50
N GLY A 8 8.92 -5.89 -17.31
CA GLY A 8 8.30 -4.59 -17.22
C GLY A 8 8.18 -4.10 -15.79
N GLN A 9 6.99 -4.29 -15.20
CA GLN A 9 6.75 -3.86 -13.83
C GLN A 9 6.58 -5.07 -12.92
N THR A 10 6.58 -4.81 -11.60
CA THR A 10 6.43 -5.88 -10.62
C THR A 10 5.27 -5.59 -9.67
N THR A 11 4.81 -6.63 -8.97
CA THR A 11 3.71 -6.48 -8.03
C THR A 11 4.00 -7.22 -6.73
N ILE A 12 3.99 -6.48 -5.62
CA ILE A 12 4.24 -7.07 -4.32
C ILE A 12 2.98 -7.07 -3.45
N GLN A 13 2.94 -7.97 -2.48
CA GLN A 13 1.79 -8.08 -1.58
C GLN A 13 2.17 -7.65 -0.17
N VAL A 14 1.84 -6.41 0.18
CA VAL A 14 2.14 -5.88 1.50
C VAL A 14 1.35 -6.61 2.58
N ARG A 15 1.98 -6.84 3.72
CA ARG A 15 1.33 -7.53 4.83
C ARG A 15 1.13 -6.59 6.01
N VAL A 16 -0.13 -6.30 6.31
CA VAL A 16 -0.46 -5.41 7.42
C VAL A 16 -1.57 -5.99 8.29
N PRO A 17 -1.55 -5.64 9.58
CA PRO A 17 -2.55 -6.12 10.54
C PRO A 17 -3.93 -5.54 10.29
N TYR A 18 -4.93 -6.41 10.17
CA TYR A 18 -6.30 -5.98 9.93
C TYR A 18 -6.60 -4.68 10.68
N ARG A 19 -5.99 -4.53 11.84
CA ARG A 19 -6.20 -3.33 12.66
C ARG A 19 -5.72 -2.08 11.93
N VAL A 20 -4.48 -2.12 11.46
CA VAL A 20 -3.90 -0.99 10.74
C VAL A 20 -4.59 -0.79 9.40
N VAL A 21 -5.01 -1.89 8.78
CA VAL A 21 -5.69 -1.83 7.49
C VAL A 21 -6.67 -0.65 7.43
N GLY A 22 -7.71 -0.73 8.24
CA GLY A 22 -8.71 0.33 8.27
C GLY A 22 -8.09 1.70 8.42
N LEU A 23 -7.01 1.79 9.21
CA LEU A 23 -6.32 3.04 9.43
C LEU A 23 -5.68 3.55 8.15
N VAL A 24 -5.06 2.64 7.40
CA VAL A 24 -4.40 2.99 6.14
C VAL A 24 -5.43 3.31 5.07
N VAL A 25 -6.35 2.39 4.83
CA VAL A 25 -7.38 2.58 3.82
C VAL A 25 -8.08 3.92 4.01
N GLY A 26 -8.51 4.20 5.24
CA GLY A 26 -9.20 5.43 5.53
C GLY A 26 -10.66 5.40 5.16
N PRO A 27 -11.41 6.45 5.53
CA PRO A 27 -12.85 6.54 5.25
C PRO A 27 -13.17 6.22 3.79
N LYS A 28 -13.73 5.03 3.57
CA LYS A 28 -14.09 4.60 2.22
C LYS A 28 -12.96 4.88 1.24
N GLY A 29 -11.74 4.57 1.65
CA GLY A 29 -10.59 4.79 0.79
C GLY A 29 -10.36 6.26 0.50
N ALA A 30 -9.82 6.98 1.47
CA ALA A 30 -9.55 8.40 1.32
C ALA A 30 -8.09 8.72 1.59
N THR A 31 -7.45 7.89 2.41
CA THR A 31 -6.04 8.09 2.75
C THR A 31 -5.13 7.27 1.84
N ILE A 32 -5.60 6.08 1.44
CA ILE A 32 -4.83 5.22 0.56
C ILE A 32 -4.82 5.76 -0.86
N LYS A 33 -5.89 6.45 -1.24
CA LYS A 33 -6.00 7.03 -2.57
C LYS A 33 -4.86 7.99 -2.85
N ARG A 34 -4.45 8.74 -1.82
CA ARG A 34 -3.36 9.69 -1.96
C ARG A 34 -2.03 8.98 -2.21
N ILE A 35 -1.71 8.02 -1.35
CA ILE A 35 -0.47 7.28 -1.48
C ILE A 35 -0.26 6.81 -2.92
N GLN A 36 -1.28 6.19 -3.49
CA GLN A 36 -1.21 5.69 -4.86
C GLN A 36 -0.61 6.75 -5.79
N GLN A 37 -0.92 8.01 -5.52
CA GLN A 37 -0.42 9.12 -6.32
C GLN A 37 1.00 9.48 -5.92
N ARG A 38 1.20 9.71 -4.62
CA ARG A 38 2.52 10.07 -4.11
C ARG A 38 3.58 9.08 -4.58
N THR A 39 3.19 7.81 -4.69
CA THR A 39 4.11 6.77 -5.13
C THR A 39 3.83 6.37 -6.57
N HIS A 40 2.70 6.83 -7.10
CA HIS A 40 2.33 6.51 -8.48
C HIS A 40 2.27 5.00 -8.69
N THR A 41 1.51 4.31 -7.87
CA THR A 41 1.38 2.86 -7.96
C THR A 41 -0.08 2.43 -7.79
N TYR A 42 -0.45 1.35 -8.47
CA TYR A 42 -1.82 0.84 -8.39
C TYR A 42 -2.00 0.00 -7.13
N ILE A 43 -2.55 0.61 -6.09
CA ILE A 43 -2.78 -0.08 -4.84
C ILE A 43 -4.18 -0.71 -4.80
N VAL A 44 -4.22 -2.03 -4.68
CA VAL A 44 -5.48 -2.75 -4.63
C VAL A 44 -5.79 -3.24 -3.22
N THR A 45 -6.94 -2.85 -2.70
CA THR A 45 -7.35 -3.25 -1.36
C THR A 45 -7.96 -4.65 -1.36
N PRO A 46 -7.79 -5.37 -0.25
CA PRO A 46 -8.32 -6.73 -0.10
C PRO A 46 -9.84 -6.75 0.02
N GLY A 47 -10.41 -7.95 -0.01
CA GLY A 47 -11.85 -8.08 0.09
C GLY A 47 -12.35 -8.07 1.52
N ARG A 48 -13.62 -7.73 1.70
CA ARG A 48 -14.21 -7.67 3.03
C ARG A 48 -14.03 -8.99 3.78
N ASP A 49 -14.23 -10.09 3.07
CA ASP A 49 -14.08 -11.42 3.66
C ASP A 49 -12.75 -12.05 3.25
N LYS A 50 -11.68 -11.26 3.30
CA LYS A 50 -10.36 -11.73 2.94
C LYS A 50 -9.32 -11.26 3.95
N GLU A 51 -8.12 -11.83 3.87
CA GLU A 51 -7.04 -11.47 4.78
C GLU A 51 -6.54 -10.06 4.49
N PRO A 52 -6.06 -9.38 5.55
CA PRO A 52 -5.55 -8.01 5.43
C PRO A 52 -4.23 -7.95 4.67
N VAL A 53 -4.32 -7.75 3.36
CA VAL A 53 -3.13 -7.67 2.51
C VAL A 53 -3.34 -6.69 1.38
N PHE A 54 -2.38 -5.79 1.19
CA PHE A 54 -2.45 -4.79 0.13
C PHE A 54 -1.61 -5.21 -1.06
N ALA A 55 -2.16 -5.03 -2.26
CA ALA A 55 -1.47 -5.39 -3.49
C ALA A 55 -1.01 -4.14 -4.25
N VAL A 56 0.29 -3.87 -4.21
CA VAL A 56 0.85 -2.71 -4.88
C VAL A 56 1.49 -3.11 -6.21
N THR A 57 0.95 -2.57 -7.31
CA THR A 57 1.46 -2.87 -8.63
C THR A 57 2.24 -1.69 -9.21
N GLY A 58 3.39 -1.97 -9.81
CA GLY A 58 4.20 -0.91 -10.38
C GLY A 58 5.68 -1.27 -10.42
N MET A 59 6.49 -0.39 -11.01
CA MET A 59 7.92 -0.62 -11.10
C MET A 59 8.47 -1.19 -9.81
N PRO A 60 9.65 -1.84 -9.88
CA PRO A 60 10.31 -2.44 -8.72
C PRO A 60 10.83 -1.40 -7.75
N GLU A 61 10.61 -0.13 -8.07
CA GLU A 61 11.07 0.97 -7.23
C GLU A 61 9.89 1.80 -6.72
N ASN A 62 8.87 1.94 -7.57
CA ASN A 62 7.68 2.70 -7.21
C ASN A 62 6.84 1.95 -6.17
N VAL A 63 6.62 0.67 -6.42
CA VAL A 63 5.83 -0.17 -5.51
C VAL A 63 6.52 -0.30 -4.16
N ASP A 64 7.85 -0.39 -4.19
CA ASP A 64 8.62 -0.53 -2.95
C ASP A 64 8.32 0.62 -2.00
N ARG A 65 8.28 1.83 -2.53
CA ARG A 65 8.00 3.01 -1.71
C ARG A 65 6.66 2.87 -1.00
N ALA A 66 5.61 2.62 -1.77
CA ALA A 66 4.27 2.46 -1.21
C ALA A 66 4.30 1.59 0.04
N ARG A 67 4.90 0.41 -0.08
CA ARG A 67 4.99 -0.52 1.04
C ARG A 67 5.41 0.20 2.31
N GLU A 68 6.42 1.06 2.20
CA GLU A 68 6.91 1.81 3.34
C GLU A 68 5.82 2.71 3.92
N GLU A 69 5.07 3.36 3.03
CA GLU A 69 3.99 4.25 3.45
C GLU A 69 2.92 3.48 4.23
N ILE A 70 2.36 2.47 3.59
CA ILE A 70 1.33 1.65 4.22
C ILE A 70 1.78 1.14 5.58
N GLU A 71 2.98 0.57 5.63
CA GLU A 71 3.53 0.04 6.87
C GLU A 71 3.75 1.15 7.89
N ALA A 72 4.30 2.27 7.42
CA ALA A 72 4.55 3.41 8.29
C ALA A 72 3.38 3.66 9.24
N HIS A 73 2.20 3.88 8.66
CA HIS A 73 1.00 4.12 9.46
C HIS A 73 1.00 3.27 10.73
N ILE A 74 1.47 2.04 10.61
CA ILE A 74 1.54 1.13 11.75
C ILE A 74 2.19 1.80 12.95
N THR A 75 3.38 2.34 12.74
CA THR A 75 4.12 3.02 13.80
C THR A 75 3.64 4.45 13.99
N LEU A 76 3.42 5.14 12.87
CA LEU A 76 2.96 6.52 12.91
C LEU A 76 1.98 6.74 14.06
N ARG A 77 1.00 5.85 14.18
CA ARG A 77 0.00 5.94 15.23
C ARG A 77 -0.54 4.56 15.59
N SER A 78 -0.16 4.06 16.76
CA SER A 78 -0.60 2.75 17.22
C SER A 78 -2.11 2.74 17.47
N GLY A 79 -2.64 1.58 17.82
CA GLY A 79 -4.05 1.45 18.09
C GLY A 79 -4.48 2.24 19.32
N PRO A 80 -4.59 1.56 20.46
CA PRO A 80 -4.99 2.18 21.72
C PRO A 80 -3.93 3.13 22.27
N SER A 81 -4.23 4.42 22.26
CA SER A 81 -3.30 5.43 22.74
C SER A 81 -2.85 5.11 24.17
N SER A 82 -3.82 5.07 25.09
CA SER A 82 -3.54 4.78 26.48
C SER A 82 -4.23 3.50 26.93
N GLY A 83 -3.44 2.53 27.40
CA GLY A 83 -3.99 1.27 27.85
C GLY A 83 -4.08 1.18 29.36
N GLY A 1 26.79 6.70 -14.98
CA GLY A 1 26.09 5.82 -15.89
C GLY A 1 24.82 5.25 -15.29
N SER A 2 23.75 5.22 -16.08
CA SER A 2 22.47 4.70 -15.61
C SER A 2 21.52 4.45 -16.78
N SER A 3 21.01 3.24 -16.86
CA SER A 3 20.08 2.87 -17.94
C SER A 3 19.36 1.57 -17.61
N GLY A 4 18.06 1.55 -17.88
CA GLY A 4 17.27 0.35 -17.61
C GLY A 4 16.58 -0.17 -18.85
N SER A 5 17.36 -0.57 -19.84
CA SER A 5 16.81 -1.10 -21.08
C SER A 5 15.60 -1.98 -20.82
N SER A 6 15.79 -3.03 -20.02
CA SER A 6 14.71 -3.94 -19.68
C SER A 6 13.74 -3.30 -18.69
N GLY A 7 12.45 -3.44 -18.97
CA GLY A 7 11.43 -2.88 -18.09
C GLY A 7 10.62 -3.94 -17.39
N GLY A 8 9.30 -3.81 -17.47
CA GLY A 8 8.42 -4.77 -16.83
C GLY A 8 8.13 -4.43 -15.38
N GLN A 9 6.90 -4.01 -15.11
CA GLN A 9 6.50 -3.65 -13.76
C GLN A 9 6.42 -4.87 -12.86
N THR A 10 6.22 -4.65 -11.57
CA THR A 10 6.14 -5.73 -10.61
C THR A 10 4.96 -5.53 -9.64
N THR A 11 4.72 -6.52 -8.79
CA THR A 11 3.64 -6.45 -7.82
C THR A 11 3.99 -7.19 -6.54
N ILE A 12 3.86 -6.52 -5.40
CA ILE A 12 4.16 -7.12 -4.12
C ILE A 12 2.93 -7.16 -3.22
N GLN A 13 2.92 -8.10 -2.28
CA GLN A 13 1.80 -8.24 -1.37
C GLN A 13 2.18 -7.79 0.04
N VAL A 14 1.84 -6.54 0.38
CA VAL A 14 2.15 -5.99 1.68
C VAL A 14 1.34 -6.67 2.78
N ARG A 15 1.99 -6.97 3.89
CA ARG A 15 1.33 -7.62 5.02
C ARG A 15 1.03 -6.62 6.13
N VAL A 16 -0.26 -6.42 6.41
CA VAL A 16 -0.68 -5.49 7.45
C VAL A 16 -1.78 -6.10 8.31
N PRO A 17 -1.80 -5.72 9.59
CA PRO A 17 -2.80 -6.22 10.54
C PRO A 17 -4.19 -5.66 10.27
N TYR A 18 -5.16 -6.55 10.15
CA TYR A 18 -6.54 -6.16 9.88
C TYR A 18 -6.88 -4.86 10.62
N ARG A 19 -6.26 -4.65 11.77
CA ARG A 19 -6.49 -3.46 12.57
C ARG A 19 -6.03 -2.21 11.82
N VAL A 20 -4.78 -2.24 11.35
CA VAL A 20 -4.21 -1.11 10.62
C VAL A 20 -4.95 -0.88 9.31
N VAL A 21 -5.44 -1.96 8.72
CA VAL A 21 -6.18 -1.89 7.45
C VAL A 21 -7.11 -0.68 7.44
N GLY A 22 -8.18 -0.76 8.22
CA GLY A 22 -9.14 0.32 8.29
C GLY A 22 -8.47 1.68 8.37
N LEU A 23 -7.28 1.72 8.95
CA LEU A 23 -6.53 2.97 9.09
C LEU A 23 -5.93 3.40 7.75
N VAL A 24 -5.27 2.47 7.08
CA VAL A 24 -4.65 2.75 5.79
C VAL A 24 -5.70 3.20 4.77
N VAL A 25 -6.66 2.33 4.51
CA VAL A 25 -7.72 2.64 3.55
C VAL A 25 -8.28 4.04 3.78
N GLY A 26 -8.88 4.25 4.94
CA GLY A 26 -9.45 5.54 5.27
C GLY A 26 -10.89 5.68 4.82
N PRO A 27 -11.54 6.78 5.21
CA PRO A 27 -12.94 7.05 4.86
C PRO A 27 -13.20 6.83 3.37
N LYS A 28 -13.77 5.68 3.03
CA LYS A 28 -14.08 5.36 1.65
C LYS A 28 -12.88 5.60 0.75
N GLY A 29 -11.72 5.08 1.14
CA GLY A 29 -10.51 5.25 0.36
C GLY A 29 -10.14 6.70 0.19
N ALA A 30 -9.63 7.32 1.26
CA ALA A 30 -9.23 8.71 1.23
C ALA A 30 -7.74 8.87 1.53
N THR A 31 -7.25 8.06 2.46
CA THR A 31 -5.85 8.12 2.85
C THR A 31 -4.99 7.28 1.91
N ILE A 32 -5.46 6.07 1.60
CA ILE A 32 -4.74 5.18 0.71
C ILE A 32 -4.50 5.82 -0.65
N LYS A 33 -5.39 6.75 -1.02
CA LYS A 33 -5.27 7.45 -2.29
C LYS A 33 -4.00 8.28 -2.35
N ARG A 34 -3.73 9.02 -1.27
CA ARG A 34 -2.54 9.86 -1.19
C ARG A 34 -1.28 9.05 -1.52
N ILE A 35 -1.26 7.80 -1.09
CA ILE A 35 -0.13 6.92 -1.33
C ILE A 35 0.03 6.63 -2.81
N GLN A 36 -1.01 6.05 -3.40
CA GLN A 36 -0.98 5.71 -4.83
C GLN A 36 -0.58 6.92 -5.66
N GLN A 37 -1.02 8.10 -5.24
CA GLN A 37 -0.70 9.33 -5.96
C GLN A 37 0.72 9.80 -5.65
N ARG A 38 1.14 9.56 -4.40
CA ARG A 38 2.48 9.97 -3.98
C ARG A 38 3.55 9.14 -4.70
N THR A 39 3.28 7.86 -4.89
CA THR A 39 4.22 6.97 -5.57
C THR A 39 3.73 6.63 -6.97
N HIS A 40 2.57 7.17 -7.34
CA HIS A 40 2.00 6.92 -8.66
C HIS A 40 1.92 5.42 -8.94
N THR A 41 1.30 4.68 -8.02
CA THR A 41 1.15 3.24 -8.17
C THR A 41 -0.31 2.83 -8.10
N TYR A 42 -0.56 1.53 -8.22
CA TYR A 42 -1.92 1.00 -8.18
C TYR A 42 -2.10 0.06 -6.99
N ILE A 43 -2.68 0.60 -5.91
CA ILE A 43 -2.91 -0.19 -4.71
C ILE A 43 -4.29 -0.84 -4.73
N VAL A 44 -4.32 -2.15 -4.53
CA VAL A 44 -5.57 -2.89 -4.53
C VAL A 44 -5.90 -3.42 -3.14
N THR A 45 -7.05 -3.01 -2.61
CA THR A 45 -7.48 -3.44 -1.29
C THR A 45 -7.97 -4.89 -1.30
N PRO A 46 -7.72 -5.61 -0.21
CA PRO A 46 -8.13 -7.02 -0.07
C PRO A 46 -9.64 -7.17 0.03
N GLY A 47 -10.09 -8.41 0.16
CA GLY A 47 -11.51 -8.68 0.28
C GLY A 47 -12.05 -8.41 1.67
N ARG A 48 -13.37 -8.33 1.79
CA ARG A 48 -14.00 -8.06 3.08
C ARG A 48 -13.86 -9.27 4.01
N ASP A 49 -14.11 -10.46 3.47
CA ASP A 49 -14.01 -11.68 4.25
C ASP A 49 -12.73 -12.44 3.92
N LYS A 50 -11.63 -11.70 3.79
CA LYS A 50 -10.33 -12.29 3.47
C LYS A 50 -9.25 -11.74 4.38
N GLU A 51 -8.04 -12.29 4.26
CA GLU A 51 -6.92 -11.85 5.07
C GLU A 51 -6.49 -10.44 4.70
N PRO A 52 -6.06 -9.66 5.70
CA PRO A 52 -5.61 -8.28 5.49
C PRO A 52 -4.28 -8.20 4.75
N VAL A 53 -4.36 -7.92 3.45
CA VAL A 53 -3.16 -7.82 2.63
C VAL A 53 -3.36 -6.82 1.48
N PHE A 54 -2.41 -5.91 1.33
CA PHE A 54 -2.48 -4.90 0.28
C PHE A 54 -1.60 -5.28 -0.91
N ALA A 55 -2.16 -5.17 -2.10
CA ALA A 55 -1.43 -5.51 -3.32
C ALA A 55 -0.98 -4.25 -4.05
N VAL A 56 0.34 -4.02 -4.07
CA VAL A 56 0.90 -2.84 -4.74
C VAL A 56 1.45 -3.21 -6.11
N THR A 57 0.87 -2.61 -7.15
CA THR A 57 1.30 -2.87 -8.51
C THR A 57 2.03 -1.66 -9.11
N GLY A 58 3.18 -1.91 -9.70
CA GLY A 58 3.94 -0.82 -10.30
C GLY A 58 5.41 -1.18 -10.46
N MET A 59 6.20 -0.22 -10.96
CA MET A 59 7.62 -0.44 -11.17
C MET A 59 8.27 -1.02 -9.93
N PRO A 60 9.43 -1.67 -10.10
CA PRO A 60 10.18 -2.28 -9.00
C PRO A 60 10.80 -1.25 -8.07
N GLU A 61 10.61 0.03 -8.41
CA GLU A 61 11.15 1.12 -7.60
C GLU A 61 10.03 1.95 -6.99
N ASN A 62 8.86 1.92 -7.64
CA ASN A 62 7.71 2.67 -7.16
C ASN A 62 6.95 1.90 -6.09
N VAL A 63 6.56 0.67 -6.42
CA VAL A 63 5.82 -0.17 -5.47
C VAL A 63 6.62 -0.38 -4.19
N ASP A 64 7.95 -0.30 -4.30
CA ASP A 64 8.83 -0.49 -3.16
C ASP A 64 8.71 0.69 -2.19
N ARG A 65 8.60 1.90 -2.75
CA ARG A 65 8.49 3.10 -1.94
C ARG A 65 7.14 3.15 -1.22
N ALA A 66 6.07 2.95 -1.98
CA ALA A 66 4.72 2.98 -1.42
C ALA A 66 4.61 2.04 -0.22
N ARG A 67 5.19 0.85 -0.35
CA ARG A 67 5.15 -0.14 0.72
C ARG A 67 5.52 0.49 2.05
N GLU A 68 6.67 1.16 2.09
CA GLU A 68 7.14 1.81 3.32
C GLU A 68 6.05 2.69 3.91
N GLU A 69 5.36 3.44 3.06
CA GLU A 69 4.30 4.33 3.50
C GLU A 69 3.17 3.53 4.17
N ILE A 70 2.70 2.51 3.48
CA ILE A 70 1.62 1.67 4.01
C ILE A 70 1.99 1.10 5.37
N GLU A 71 3.23 0.63 5.51
CA GLU A 71 3.70 0.06 6.76
C GLU A 71 3.82 1.14 7.83
N ALA A 72 4.39 2.28 7.45
CA ALA A 72 4.57 3.39 8.38
C ALA A 72 3.33 3.59 9.23
N HIS A 73 2.17 3.69 8.59
CA HIS A 73 0.91 3.88 9.29
C HIS A 73 0.85 3.00 10.54
N ILE A 74 1.36 1.79 10.43
CA ILE A 74 1.36 0.85 11.55
C ILE A 74 1.97 1.50 12.80
N THR A 75 3.25 1.87 12.70
CA THR A 75 3.95 2.49 13.81
C THR A 75 3.74 4.00 13.82
N LEU A 76 2.53 4.43 13.46
CA LEU A 76 2.21 5.85 13.41
C LEU A 76 0.88 6.12 14.12
N ARG A 77 0.76 7.33 14.68
CA ARG A 77 -0.47 7.71 15.38
C ARG A 77 -1.64 7.83 14.41
N SER A 78 -2.82 7.39 14.86
CA SER A 78 -4.01 7.44 14.03
C SER A 78 -5.23 7.81 14.87
N GLY A 79 -5.93 8.86 14.47
CA GLY A 79 -7.11 9.30 15.19
C GLY A 79 -8.27 9.60 14.27
N PRO A 80 -9.05 8.56 13.92
CA PRO A 80 -10.21 8.72 13.03
C PRO A 80 -11.36 9.48 13.70
N SER A 81 -11.78 10.56 13.07
CA SER A 81 -12.87 11.38 13.60
C SER A 81 -14.17 10.59 13.64
N SER A 82 -15.05 10.95 14.56
CA SER A 82 -16.33 10.28 14.72
C SER A 82 -17.14 10.36 13.43
N GLY A 83 -17.70 9.23 13.01
CA GLY A 83 -18.49 9.19 11.80
C GLY A 83 -17.65 9.37 10.55
N GLY A 1 16.23 -10.98 -32.83
CA GLY A 1 14.98 -10.83 -32.13
C GLY A 1 14.67 -12.01 -31.22
N SER A 2 15.55 -12.24 -30.25
CA SER A 2 15.37 -13.35 -29.32
C SER A 2 14.36 -12.99 -28.23
N SER A 3 13.79 -14.01 -27.60
CA SER A 3 12.80 -13.81 -26.54
C SER A 3 13.48 -13.46 -25.22
N GLY A 4 13.45 -12.19 -24.85
CA GLY A 4 14.07 -11.75 -23.62
C GLY A 4 13.06 -11.64 -22.49
N SER A 5 12.59 -10.42 -22.24
CA SER A 5 11.62 -10.18 -21.17
C SER A 5 10.32 -9.63 -21.73
N SER A 6 9.21 -10.22 -21.31
CA SER A 6 7.89 -9.79 -21.77
C SER A 6 7.38 -8.62 -20.95
N GLY A 7 7.47 -8.73 -19.63
CA GLY A 7 7.02 -7.67 -18.76
C GLY A 7 8.16 -6.81 -18.25
N GLY A 8 7.82 -5.75 -17.52
CA GLY A 8 8.84 -4.86 -16.99
C GLY A 8 8.61 -4.53 -15.52
N GLN A 9 7.41 -4.03 -15.22
CA GLN A 9 7.07 -3.67 -13.84
C GLN A 9 6.91 -4.91 -12.97
N THR A 10 6.69 -4.69 -11.69
CA THR A 10 6.53 -5.79 -10.74
C THR A 10 5.35 -5.54 -9.81
N THR A 11 4.91 -6.59 -9.14
CA THR A 11 3.79 -6.49 -8.21
C THR A 11 4.12 -7.14 -6.87
N ILE A 12 4.02 -6.36 -5.80
CA ILE A 12 4.30 -6.86 -4.47
C ILE A 12 3.05 -6.86 -3.59
N GLN A 13 2.98 -7.80 -2.66
CA GLN A 13 1.83 -7.91 -1.77
C GLN A 13 2.20 -7.51 -0.35
N VAL A 14 1.85 -6.29 0.04
CA VAL A 14 2.15 -5.80 1.37
C VAL A 14 1.31 -6.50 2.42
N ARG A 15 1.91 -6.74 3.59
CA ARG A 15 1.23 -7.42 4.68
C ARG A 15 1.03 -6.48 5.87
N VAL A 16 -0.22 -6.27 6.25
CA VAL A 16 -0.53 -5.38 7.37
C VAL A 16 -1.66 -5.96 8.23
N PRO A 17 -1.64 -5.63 9.52
CA PRO A 17 -2.66 -6.11 10.48
C PRO A 17 -4.01 -5.48 10.23
N TYR A 18 -5.03 -6.33 10.06
CA TYR A 18 -6.39 -5.86 9.83
C TYR A 18 -6.66 -4.57 10.58
N ARG A 19 -6.08 -4.46 11.78
CA ARG A 19 -6.27 -3.27 12.60
C ARG A 19 -5.77 -2.02 11.87
N VAL A 20 -4.56 -2.09 11.34
CA VAL A 20 -3.96 -0.98 10.62
C VAL A 20 -4.68 -0.73 9.30
N VAL A 21 -5.11 -1.81 8.66
CA VAL A 21 -5.82 -1.72 7.38
C VAL A 21 -6.77 -0.53 7.37
N GLY A 22 -7.77 -0.57 8.24
CA GLY A 22 -8.73 0.51 8.31
C GLY A 22 -8.07 1.88 8.40
N LEU A 23 -7.02 1.97 9.20
CA LEU A 23 -6.29 3.23 9.37
C LEU A 23 -5.72 3.71 8.04
N VAL A 24 -5.14 2.78 7.29
CA VAL A 24 -4.55 3.11 6.00
C VAL A 24 -5.62 3.44 4.97
N VAL A 25 -6.51 2.50 4.71
CA VAL A 25 -7.59 2.69 3.76
C VAL A 25 -8.13 4.11 3.83
N GLY A 26 -8.47 4.55 5.04
CA GLY A 26 -9.00 5.90 5.22
C GLY A 26 -10.49 5.97 5.00
N PRO A 27 -11.10 7.09 5.40
CA PRO A 27 -12.54 7.31 5.25
C PRO A 27 -13.04 6.97 3.85
N LYS A 28 -13.49 5.73 3.67
CA LYS A 28 -13.99 5.28 2.38
C LYS A 28 -12.93 5.43 1.30
N GLY A 29 -11.69 5.08 1.64
CA GLY A 29 -10.60 5.18 0.68
C GLY A 29 -10.24 6.62 0.37
N ALA A 30 -9.73 7.34 1.36
CA ALA A 30 -9.34 8.72 1.18
C ALA A 30 -7.82 8.89 1.27
N THR A 31 -7.21 8.17 2.20
CA THR A 31 -5.76 8.24 2.38
C THR A 31 -5.04 7.29 1.43
N ILE A 32 -5.57 6.07 1.31
CA ILE A 32 -4.98 5.07 0.43
C ILE A 32 -4.91 5.57 -1.01
N LYS A 33 -5.84 6.46 -1.37
CA LYS A 33 -5.90 7.01 -2.71
C LYS A 33 -4.75 7.98 -2.95
N ARG A 34 -4.48 8.83 -1.96
CA ARG A 34 -3.41 9.81 -2.05
C ARG A 34 -2.06 9.12 -2.25
N ILE A 35 -1.87 8.01 -1.55
CA ILE A 35 -0.61 7.26 -1.64
C ILE A 35 -0.37 6.79 -3.08
N GLN A 36 -1.39 6.17 -3.68
CA GLN A 36 -1.27 5.68 -5.04
C GLN A 36 -0.71 6.75 -5.97
N GLN A 37 -1.10 8.00 -5.72
CA GLN A 37 -0.63 9.12 -6.53
C GLN A 37 0.77 9.55 -6.10
N ARG A 38 0.95 9.78 -4.81
CA ARG A 38 2.24 10.20 -4.28
C ARG A 38 3.34 9.23 -4.69
N THR A 39 2.99 7.95 -4.80
CA THR A 39 3.95 6.93 -5.18
C THR A 39 3.74 6.50 -6.63
N HIS A 40 2.58 6.86 -7.19
CA HIS A 40 2.26 6.50 -8.57
C HIS A 40 2.24 4.99 -8.76
N THR A 41 1.47 4.31 -7.91
CA THR A 41 1.37 2.85 -7.98
C THR A 41 -0.07 2.40 -7.78
N TYR A 42 -0.45 1.33 -8.46
CA TYR A 42 -1.80 0.80 -8.35
C TYR A 42 -1.95 -0.03 -7.07
N ILE A 43 -2.55 0.58 -6.05
CA ILE A 43 -2.76 -0.10 -4.77
C ILE A 43 -4.16 -0.69 -4.70
N VAL A 44 -4.23 -2.00 -4.49
CA VAL A 44 -5.51 -2.69 -4.38
C VAL A 44 -5.74 -3.22 -2.97
N THR A 45 -6.92 -2.97 -2.43
CA THR A 45 -7.27 -3.42 -1.09
C THR A 45 -7.79 -4.86 -1.11
N PRO A 46 -7.61 -5.57 0.01
CA PRO A 46 -8.06 -6.96 0.15
C PRO A 46 -9.57 -7.07 0.21
N GLY A 47 -10.07 -8.30 0.32
CA GLY A 47 -11.50 -8.52 0.40
C GLY A 47 -12.06 -8.27 1.77
N ARG A 48 -13.39 -8.24 1.88
CA ARG A 48 -14.05 -7.99 3.15
C ARG A 48 -13.87 -9.17 4.10
N ASP A 49 -14.11 -10.38 3.58
CA ASP A 49 -13.98 -11.59 4.37
C ASP A 49 -12.69 -12.34 4.01
N LYS A 50 -11.61 -11.59 3.83
CA LYS A 50 -10.32 -12.17 3.48
C LYS A 50 -9.22 -11.60 4.37
N GLU A 51 -8.02 -12.17 4.26
CA GLU A 51 -6.88 -11.72 5.04
C GLU A 51 -6.43 -10.34 4.60
N PRO A 52 -5.98 -9.52 5.57
CA PRO A 52 -5.51 -8.15 5.30
C PRO A 52 -4.19 -8.14 4.54
N VAL A 53 -4.27 -7.94 3.23
CA VAL A 53 -3.07 -7.89 2.39
C VAL A 53 -3.28 -6.95 1.20
N PHE A 54 -2.45 -5.91 1.13
CA PHE A 54 -2.53 -4.94 0.05
C PHE A 54 -1.71 -5.40 -1.15
N ALA A 55 -2.15 -5.01 -2.35
CA ALA A 55 -1.45 -5.37 -3.58
C ALA A 55 -1.03 -4.13 -4.36
N VAL A 56 0.27 -3.87 -4.38
CA VAL A 56 0.79 -2.71 -5.11
C VAL A 56 1.40 -3.13 -6.44
N THR A 57 1.06 -2.39 -7.50
CA THR A 57 1.58 -2.68 -8.83
C THR A 57 2.39 -1.51 -9.37
N GLY A 58 3.54 -1.81 -9.95
CA GLY A 58 4.39 -0.77 -10.51
C GLY A 58 5.86 -1.15 -10.47
N MET A 59 6.72 -0.25 -10.95
CA MET A 59 8.15 -0.49 -10.97
C MET A 59 8.62 -1.12 -9.67
N PRO A 60 9.79 -1.78 -9.72
CA PRO A 60 10.37 -2.44 -8.54
C PRO A 60 10.86 -1.44 -7.50
N GLU A 61 10.69 -0.16 -7.80
CA GLU A 61 11.12 0.90 -6.88
C GLU A 61 9.92 1.76 -6.45
N ASN A 62 9.03 2.03 -7.39
CA ASN A 62 7.85 2.83 -7.10
C ASN A 62 6.89 2.09 -6.18
N VAL A 63 6.73 0.79 -6.42
CA VAL A 63 5.85 -0.04 -5.61
C VAL A 63 6.44 -0.28 -4.22
N ASP A 64 7.76 -0.40 -4.16
CA ASP A 64 8.45 -0.64 -2.90
C ASP A 64 8.19 0.50 -1.92
N ARG A 65 8.18 1.72 -2.43
CA ARG A 65 7.94 2.90 -1.60
C ARG A 65 6.56 2.83 -0.94
N ALA A 66 5.53 2.69 -1.77
CA ALA A 66 4.16 2.61 -1.27
C ALA A 66 4.08 1.73 -0.04
N ARG A 67 4.77 0.59 -0.06
CA ARG A 67 4.77 -0.33 1.05
C ARG A 67 5.22 0.36 2.34
N GLU A 68 6.24 1.20 2.22
CA GLU A 68 6.77 1.93 3.36
C GLU A 68 5.66 2.71 4.08
N GLU A 69 4.83 3.39 3.30
CA GLU A 69 3.73 4.17 3.86
C GLU A 69 2.70 3.26 4.51
N ILE A 70 2.16 2.32 3.73
CA ILE A 70 1.16 1.39 4.23
C ILE A 70 1.60 0.75 5.54
N GLU A 71 2.86 0.31 5.58
CA GLU A 71 3.41 -0.32 6.77
C GLU A 71 3.62 0.70 7.87
N ALA A 72 4.17 1.85 7.51
CA ALA A 72 4.43 2.92 8.47
C ALA A 72 3.29 3.02 9.49
N HIS A 73 2.08 3.24 8.99
CA HIS A 73 0.91 3.36 9.86
C HIS A 73 1.01 2.42 11.05
N ILE A 74 1.51 1.21 10.80
CA ILE A 74 1.66 0.21 11.85
C ILE A 74 2.37 0.79 13.06
N THR A 75 3.58 1.29 12.84
CA THR A 75 4.37 1.87 13.92
C THR A 75 3.74 3.15 14.43
N LEU A 76 3.38 4.04 13.50
CA LEU A 76 2.75 5.31 13.85
C LEU A 76 1.37 5.09 14.47
N ARG A 77 0.77 6.17 14.97
CA ARG A 77 -0.56 6.09 15.58
C ARG A 77 -1.27 7.43 15.47
N SER A 78 -2.55 7.38 15.12
CA SER A 78 -3.36 8.58 14.97
C SER A 78 -2.83 9.47 13.84
N GLY A 79 -2.47 8.83 12.73
CA GLY A 79 -1.96 9.57 11.59
C GLY A 79 -0.48 9.88 11.72
N PRO A 80 0.04 10.72 10.81
CA PRO A 80 1.45 11.13 10.81
C PRO A 80 1.80 12.01 12.00
N SER A 81 3.07 11.99 12.40
CA SER A 81 3.54 12.80 13.52
C SER A 81 3.29 14.27 13.26
N SER A 82 2.57 14.92 14.18
CA SER A 82 2.26 16.34 14.05
C SER A 82 2.55 17.07 15.36
N GLY A 83 3.32 18.15 15.26
CA GLY A 83 3.65 18.93 16.44
C GLY A 83 4.39 20.22 16.10
N GLY A 1 26.01 6.43 -23.66
CA GLY A 1 25.08 6.11 -24.72
C GLY A 1 23.87 5.34 -24.22
N SER A 2 22.80 5.37 -24.99
CA SER A 2 21.57 4.67 -24.61
C SER A 2 21.49 3.30 -25.28
N SER A 3 21.77 2.26 -24.50
CA SER A 3 21.74 0.90 -25.01
C SER A 3 21.37 -0.10 -23.90
N GLY A 4 20.34 -0.90 -24.15
CA GLY A 4 19.91 -1.88 -23.17
C GLY A 4 18.44 -1.73 -22.81
N SER A 5 17.64 -2.71 -23.18
CA SER A 5 16.21 -2.69 -22.90
C SER A 5 15.96 -2.59 -21.40
N SER A 6 14.88 -1.90 -21.02
CA SER A 6 14.53 -1.73 -19.62
C SER A 6 13.03 -1.52 -19.46
N GLY A 7 12.35 -2.51 -18.90
CA GLY A 7 10.91 -2.40 -18.70
C GLY A 7 10.35 -3.57 -17.91
N GLY A 8 9.03 -3.55 -17.70
CA GLY A 8 8.40 -4.62 -16.95
C GLY A 8 8.23 -4.28 -15.48
N GLN A 9 7.01 -3.93 -15.09
CA GLN A 9 6.73 -3.57 -13.71
C GLN A 9 6.55 -4.82 -12.85
N THR A 10 6.42 -4.62 -11.54
CA THR A 10 6.25 -5.73 -10.61
C THR A 10 5.09 -5.48 -9.66
N THR A 11 4.68 -6.51 -8.94
CA THR A 11 3.57 -6.39 -7.99
C THR A 11 3.90 -7.11 -6.68
N ILE A 12 3.93 -6.35 -5.59
CA ILE A 12 4.22 -6.91 -4.28
C ILE A 12 2.96 -6.97 -3.41
N GLN A 13 2.92 -7.94 -2.50
CA GLN A 13 1.78 -8.11 -1.61
C GLN A 13 2.14 -7.74 -0.18
N VAL A 14 1.87 -6.49 0.18
CA VAL A 14 2.18 -6.00 1.52
C VAL A 14 1.29 -6.69 2.57
N ARG A 15 1.89 -7.02 3.70
CA ARG A 15 1.16 -7.69 4.78
C ARG A 15 0.96 -6.74 5.96
N VAL A 16 -0.29 -6.36 6.20
CA VAL A 16 -0.62 -5.46 7.30
C VAL A 16 -1.74 -6.04 8.17
N PRO A 17 -1.73 -5.68 9.46
CA PRO A 17 -2.73 -6.15 10.42
C PRO A 17 -4.10 -5.54 10.15
N TYR A 18 -5.10 -6.40 9.96
CA TYR A 18 -6.46 -5.94 9.70
C TYR A 18 -6.77 -4.67 10.47
N ARG A 19 -6.17 -4.53 11.65
CA ARG A 19 -6.37 -3.36 12.49
C ARG A 19 -5.87 -2.09 11.79
N VAL A 20 -4.65 -2.15 11.27
CA VAL A 20 -4.05 -1.03 10.57
C VAL A 20 -4.73 -0.78 9.23
N VAL A 21 -5.22 -1.86 8.62
CA VAL A 21 -5.90 -1.76 7.33
C VAL A 21 -6.86 -0.57 7.30
N GLY A 22 -7.89 -0.64 8.15
CA GLY A 22 -8.87 0.43 8.20
C GLY A 22 -8.22 1.80 8.29
N LEU A 23 -7.16 1.91 9.07
CA LEU A 23 -6.45 3.17 9.24
C LEU A 23 -5.83 3.63 7.93
N VAL A 24 -5.14 2.70 7.26
CA VAL A 24 -4.50 3.01 5.98
C VAL A 24 -5.54 3.40 4.92
N VAL A 25 -6.43 2.48 4.62
CA VAL A 25 -7.48 2.72 3.63
C VAL A 25 -8.09 4.10 3.81
N GLY A 26 -8.49 4.41 5.04
CA GLY A 26 -9.08 5.70 5.32
C GLY A 26 -10.55 5.76 4.93
N PRO A 27 -11.22 6.86 5.30
CA PRO A 27 -12.64 7.06 5.00
C PRO A 27 -12.99 6.74 3.55
N LYS A 28 -13.80 5.70 3.35
CA LYS A 28 -14.19 5.29 2.01
C LYS A 28 -13.08 5.53 1.01
N GLY A 29 -11.84 5.18 1.39
CA GLY A 29 -10.71 5.37 0.52
C GLY A 29 -10.39 6.83 0.30
N ALA A 30 -9.61 7.41 1.21
CA ALA A 30 -9.23 8.81 1.11
C ALA A 30 -7.73 8.99 1.38
N THR A 31 -7.20 8.17 2.28
CA THR A 31 -5.79 8.24 2.63
C THR A 31 -4.96 7.34 1.72
N ILE A 32 -5.45 6.12 1.48
CA ILE A 32 -4.75 5.16 0.64
C ILE A 32 -4.75 5.62 -0.82
N LYS A 33 -5.76 6.40 -1.19
CA LYS A 33 -5.86 6.90 -2.56
C LYS A 33 -4.77 7.92 -2.85
N ARG A 34 -4.44 8.73 -1.84
CA ARG A 34 -3.41 9.76 -2.00
C ARG A 34 -2.05 9.11 -2.24
N ILE A 35 -1.72 8.10 -1.44
CA ILE A 35 -0.45 7.40 -1.56
C ILE A 35 -0.25 6.86 -2.98
N GLN A 36 -1.32 6.29 -3.53
CA GLN A 36 -1.27 5.73 -4.88
C GLN A 36 -0.85 6.79 -5.90
N GLN A 37 -1.08 8.05 -5.56
CA GLN A 37 -0.73 9.15 -6.43
C GLN A 37 0.69 9.64 -6.16
N ARG A 38 1.00 9.83 -4.88
CA ARG A 38 2.33 10.30 -4.49
C ARG A 38 3.39 9.28 -4.85
N THR A 39 3.01 8.00 -4.82
CA THR A 39 3.95 6.92 -5.14
C THR A 39 3.73 6.43 -6.57
N HIS A 40 2.62 6.83 -7.18
CA HIS A 40 2.30 6.44 -8.55
C HIS A 40 2.26 4.91 -8.67
N THR A 41 1.45 4.28 -7.82
CA THR A 41 1.32 2.83 -7.84
C THR A 41 -0.13 2.41 -7.58
N TYR A 42 -0.57 1.37 -8.29
CA TYR A 42 -1.93 0.88 -8.15
C TYR A 42 -2.07 0.01 -6.89
N ILE A 43 -2.54 0.61 -5.82
CA ILE A 43 -2.72 -0.11 -4.56
C ILE A 43 -4.09 -0.76 -4.48
N VAL A 44 -4.12 -2.08 -4.58
CA VAL A 44 -5.37 -2.82 -4.52
C VAL A 44 -5.68 -3.26 -3.09
N THR A 45 -6.94 -3.05 -2.68
CA THR A 45 -7.36 -3.41 -1.34
C THR A 45 -7.94 -4.83 -1.31
N PRO A 46 -7.73 -5.54 -0.19
CA PRO A 46 -8.21 -6.90 -0.02
C PRO A 46 -9.74 -6.96 0.12
N GLY A 47 -10.27 -8.18 0.23
CA GLY A 47 -11.71 -8.34 0.37
C GLY A 47 -12.19 -8.08 1.77
N ARG A 48 -13.49 -8.25 2.00
CA ARG A 48 -14.08 -8.01 3.31
C ARG A 48 -13.90 -9.24 4.20
N ASP A 49 -14.04 -10.42 3.62
CA ASP A 49 -13.90 -11.67 4.35
C ASP A 49 -12.62 -12.40 3.95
N LYS A 50 -11.55 -11.65 3.79
CA LYS A 50 -10.26 -12.22 3.40
C LYS A 50 -9.12 -11.64 4.24
N GLU A 51 -7.97 -12.29 4.21
CA GLU A 51 -6.81 -11.84 4.96
C GLU A 51 -6.36 -10.45 4.50
N PRO A 52 -5.93 -9.62 5.44
CA PRO A 52 -5.46 -8.26 5.15
C PRO A 52 -4.14 -8.25 4.40
N VAL A 53 -4.21 -7.98 3.10
CA VAL A 53 -3.01 -7.94 2.27
C VAL A 53 -3.17 -6.94 1.13
N PHE A 54 -2.35 -5.89 1.15
CA PHE A 54 -2.40 -4.86 0.12
C PHE A 54 -1.52 -5.24 -1.07
N ALA A 55 -2.11 -5.18 -2.26
CA ALA A 55 -1.38 -5.52 -3.48
C ALA A 55 -0.98 -4.25 -4.24
N VAL A 56 0.30 -3.90 -4.16
CA VAL A 56 0.80 -2.72 -4.85
C VAL A 56 1.42 -3.09 -6.19
N THR A 57 0.90 -2.48 -7.26
CA THR A 57 1.40 -2.75 -8.61
C THR A 57 2.17 -1.55 -9.14
N GLY A 58 3.30 -1.83 -9.79
CA GLY A 58 4.11 -0.76 -10.35
C GLY A 58 5.58 -1.12 -10.41
N MET A 59 6.39 -0.20 -10.92
CA MET A 59 7.83 -0.42 -11.03
C MET A 59 8.40 -1.01 -9.73
N PRO A 60 9.57 -1.65 -9.83
CA PRO A 60 10.24 -2.26 -8.69
C PRO A 60 10.78 -1.23 -7.72
N GLU A 61 10.58 0.05 -8.04
CA GLU A 61 11.04 1.13 -7.18
C GLU A 61 9.87 1.97 -6.68
N ASN A 62 8.82 2.08 -7.49
CA ASN A 62 7.65 2.85 -7.12
C ASN A 62 6.83 2.11 -6.06
N VAL A 63 6.57 0.83 -6.30
CA VAL A 63 5.80 0.02 -5.37
C VAL A 63 6.54 -0.16 -4.05
N ASP A 64 7.85 -0.36 -4.14
CA ASP A 64 8.68 -0.54 -2.96
C ASP A 64 8.44 0.58 -1.94
N ARG A 65 8.32 1.81 -2.43
CA ARG A 65 8.09 2.95 -1.58
C ARG A 65 6.72 2.86 -0.90
N ALA A 66 5.69 2.56 -1.69
CA ALA A 66 4.35 2.44 -1.17
C ALA A 66 4.30 1.53 0.05
N ARG A 67 5.02 0.41 -0.03
CA ARG A 67 5.06 -0.54 1.07
C ARG A 67 5.50 0.13 2.36
N GLU A 68 6.54 0.95 2.27
CA GLU A 68 7.07 1.66 3.44
C GLU A 68 6.01 2.58 4.03
N GLU A 69 5.23 3.22 3.16
CA GLU A 69 4.18 4.13 3.60
C GLU A 69 3.07 3.38 4.33
N ILE A 70 2.58 2.31 3.72
CA ILE A 70 1.53 1.50 4.31
C ILE A 70 1.97 0.90 5.64
N GLU A 71 3.20 0.39 5.67
CA GLU A 71 3.75 -0.21 6.88
C GLU A 71 3.93 0.84 7.97
N ALA A 72 4.53 1.97 7.61
CA ALA A 72 4.76 3.04 8.55
C ALA A 72 3.52 3.31 9.40
N HIS A 73 2.40 3.57 8.74
CA HIS A 73 1.14 3.84 9.43
C HIS A 73 1.01 2.97 10.67
N ILE A 74 1.40 1.70 10.55
CA ILE A 74 1.33 0.78 11.67
C ILE A 74 1.81 1.42 12.96
N THR A 75 3.01 1.99 12.91
CA THR A 75 3.60 2.65 14.08
C THR A 75 3.40 4.16 14.01
N LEU A 76 2.32 4.64 14.61
CA LEU A 76 2.02 6.06 14.61
C LEU A 76 0.83 6.37 15.52
N ARG A 77 0.97 7.40 16.36
CA ARG A 77 -0.10 7.79 17.27
C ARG A 77 -0.91 8.94 16.69
N SER A 78 -1.82 8.61 15.78
CA SER A 78 -2.67 9.62 15.14
C SER A 78 -3.92 8.99 14.54
N GLY A 79 -5.08 9.56 14.86
CA GLY A 79 -6.32 9.03 14.34
C GLY A 79 -7.49 9.32 15.26
N PRO A 80 -8.68 9.54 14.67
CA PRO A 80 -9.90 9.83 15.43
C PRO A 80 -10.41 8.61 16.21
N SER A 81 -9.69 7.51 16.10
CA SER A 81 -10.06 6.29 16.79
C SER A 81 -10.45 6.57 18.23
N SER A 82 -11.70 6.27 18.57
CA SER A 82 -12.20 6.50 19.92
C SER A 82 -11.13 6.19 20.96
N GLY A 83 -10.63 7.24 21.61
CA GLY A 83 -9.60 7.07 22.63
C GLY A 83 -8.22 7.39 22.11
N GLY A 1 19.92 8.08 -30.30
CA GLY A 1 18.61 7.83 -30.88
C GLY A 1 17.53 7.66 -29.82
N SER A 2 16.49 6.92 -30.16
CA SER A 2 15.39 6.68 -29.24
C SER A 2 15.05 5.19 -29.14
N SER A 3 14.53 4.77 -28.00
CA SER A 3 14.18 3.38 -27.79
C SER A 3 12.75 3.25 -27.28
N GLY A 4 12.11 2.12 -27.59
CA GLY A 4 10.75 1.90 -27.14
C GLY A 4 10.55 0.53 -26.54
N SER A 5 9.85 0.48 -25.41
CA SER A 5 9.60 -0.78 -24.71
C SER A 5 8.36 -0.67 -23.84
N SER A 6 7.43 -1.61 -24.01
CA SER A 6 6.19 -1.62 -23.23
C SER A 6 6.21 -2.74 -22.20
N GLY A 7 6.25 -2.35 -20.93
CA GLY A 7 6.28 -3.32 -19.85
C GLY A 7 7.56 -3.28 -19.06
N GLY A 8 7.64 -4.07 -17.99
CA GLY A 8 8.83 -4.11 -17.17
C GLY A 8 8.56 -3.64 -15.75
N GLN A 9 7.44 -4.06 -15.19
CA GLN A 9 7.07 -3.68 -13.83
C GLN A 9 6.92 -4.92 -12.94
N THR A 10 6.73 -4.68 -11.64
CA THR A 10 6.57 -5.77 -10.69
C THR A 10 5.38 -5.53 -9.77
N THR A 11 4.96 -6.57 -9.06
CA THR A 11 3.84 -6.47 -8.14
C THR A 11 4.16 -7.13 -6.80
N ILE A 12 4.05 -6.35 -5.73
CA ILE A 12 4.34 -6.85 -4.39
C ILE A 12 3.09 -6.83 -3.52
N GLN A 13 2.98 -7.78 -2.60
CA GLN A 13 1.84 -7.86 -1.71
C GLN A 13 2.22 -7.41 -0.30
N VAL A 14 1.77 -6.22 0.08
CA VAL A 14 2.06 -5.69 1.41
C VAL A 14 1.28 -6.43 2.49
N ARG A 15 1.93 -6.65 3.63
CA ARG A 15 1.30 -7.35 4.74
C ARG A 15 1.05 -6.40 5.91
N VAL A 16 -0.21 -6.19 6.25
CA VAL A 16 -0.58 -5.31 7.34
C VAL A 16 -1.69 -5.92 8.19
N PRO A 17 -1.70 -5.57 9.49
CA PRO A 17 -2.70 -6.08 10.44
C PRO A 17 -4.08 -5.51 10.17
N TYR A 18 -5.08 -6.39 10.11
CA TYR A 18 -6.45 -5.98 9.86
C TYR A 18 -6.78 -4.70 10.63
N ARG A 19 -6.21 -4.57 11.81
CA ARG A 19 -6.43 -3.40 12.65
C ARG A 19 -5.97 -2.13 11.95
N VAL A 20 -4.75 -2.16 11.40
CA VAL A 20 -4.20 -1.01 10.71
C VAL A 20 -4.89 -0.79 9.37
N VAL A 21 -5.30 -1.89 8.74
CA VAL A 21 -5.99 -1.82 7.45
C VAL A 21 -6.97 -0.65 7.41
N GLY A 22 -8.00 -0.72 8.24
CA GLY A 22 -9.00 0.33 8.28
C GLY A 22 -8.37 1.71 8.38
N LEU A 23 -7.32 1.82 9.20
CA LEU A 23 -6.64 3.10 9.39
C LEU A 23 -6.02 3.58 8.08
N VAL A 24 -5.44 2.65 7.33
CA VAL A 24 -4.81 2.99 6.06
C VAL A 24 -5.85 3.39 5.01
N VAL A 25 -6.72 2.45 4.67
CA VAL A 25 -7.78 2.70 3.69
C VAL A 25 -8.35 4.11 3.85
N GLY A 26 -8.73 4.45 5.07
CA GLY A 26 -9.29 5.77 5.34
C GLY A 26 -10.76 5.84 5.00
N PRO A 27 -11.41 6.95 5.42
CA PRO A 27 -12.84 7.17 5.17
C PRO A 27 -13.22 6.90 3.71
N LYS A 28 -13.88 5.78 3.48
CA LYS A 28 -14.31 5.42 2.13
C LYS A 28 -13.18 5.63 1.13
N GLY A 29 -11.97 5.31 1.54
CA GLY A 29 -10.81 5.47 0.65
C GLY A 29 -10.46 6.93 0.44
N ALA A 30 -9.65 7.48 1.33
CA ALA A 30 -9.24 8.88 1.23
C ALA A 30 -7.74 9.02 1.48
N THR A 31 -7.23 8.26 2.44
CA THR A 31 -5.81 8.31 2.78
C THR A 31 -5.00 7.37 1.90
N ILE A 32 -5.52 6.15 1.70
CA ILE A 32 -4.85 5.16 0.87
C ILE A 32 -4.68 5.66 -0.56
N LYS A 33 -5.72 6.30 -1.08
CA LYS A 33 -5.69 6.82 -2.43
C LYS A 33 -4.50 7.76 -2.63
N ARG A 34 -4.19 8.55 -1.61
CA ARG A 34 -3.09 9.49 -1.66
C ARG A 34 -1.77 8.75 -1.94
N ILE A 35 -1.55 7.67 -1.22
CA ILE A 35 -0.34 6.88 -1.38
C ILE A 35 -0.15 6.45 -2.83
N GLN A 36 -1.23 6.01 -3.45
CA GLN A 36 -1.19 5.57 -4.84
C GLN A 36 -0.65 6.67 -5.75
N GLN A 37 -1.01 7.91 -5.44
CA GLN A 37 -0.55 9.05 -6.23
C GLN A 37 0.88 9.44 -5.86
N ARG A 38 1.12 9.66 -4.57
CA ARG A 38 2.44 10.03 -4.09
C ARG A 38 3.50 9.05 -4.61
N THR A 39 3.12 7.79 -4.73
CA THR A 39 4.03 6.76 -5.21
C THR A 39 3.74 6.41 -6.66
N HIS A 40 2.59 6.86 -7.16
CA HIS A 40 2.20 6.58 -8.54
C HIS A 40 2.16 5.08 -8.81
N THR A 41 1.43 4.36 -7.97
CA THR A 41 1.31 2.92 -8.11
C THR A 41 -0.14 2.46 -7.92
N TYR A 42 -0.45 1.28 -8.44
CA TYR A 42 -1.80 0.74 -8.32
C TYR A 42 -1.95 -0.09 -7.05
N ILE A 43 -2.53 0.53 -6.03
CA ILE A 43 -2.74 -0.15 -4.75
C ILE A 43 -4.16 -0.70 -4.63
N VAL A 44 -4.27 -2.02 -4.61
CA VAL A 44 -5.56 -2.68 -4.51
C VAL A 44 -5.81 -3.19 -3.10
N THR A 45 -7.02 -2.95 -2.59
CA THR A 45 -7.38 -3.40 -1.25
C THR A 45 -7.86 -4.84 -1.25
N PRO A 46 -7.63 -5.55 -0.14
CA PRO A 46 -8.04 -6.94 0.02
C PRO A 46 -9.55 -7.11 0.11
N GLY A 47 -10.00 -8.35 0.20
CA GLY A 47 -11.41 -8.62 0.30
C GLY A 47 -11.96 -8.37 1.70
N ARG A 48 -13.28 -8.23 1.80
CA ARG A 48 -13.93 -7.99 3.08
C ARG A 48 -13.79 -9.20 4.00
N ASP A 49 -14.01 -10.38 3.44
CA ASP A 49 -13.91 -11.63 4.20
C ASP A 49 -12.61 -12.36 3.87
N LYS A 50 -11.53 -11.60 3.73
CA LYS A 50 -10.23 -12.17 3.42
C LYS A 50 -9.14 -11.58 4.31
N GLU A 51 -7.98 -12.21 4.32
CA GLU A 51 -6.85 -11.73 5.12
C GLU A 51 -6.44 -10.33 4.69
N PRO A 52 -5.99 -9.53 5.66
CA PRO A 52 -5.54 -8.15 5.41
C PRO A 52 -4.23 -8.10 4.64
N VAL A 53 -4.33 -7.91 3.32
CA VAL A 53 -3.14 -7.84 2.47
C VAL A 53 -3.39 -6.92 1.28
N PHE A 54 -2.51 -5.94 1.11
CA PHE A 54 -2.63 -4.99 0.00
C PHE A 54 -1.75 -5.42 -1.18
N ALA A 55 -2.19 -5.07 -2.38
CA ALA A 55 -1.45 -5.42 -3.59
C ALA A 55 -1.00 -4.17 -4.33
N VAL A 56 0.31 -3.95 -4.37
CA VAL A 56 0.87 -2.79 -5.06
C VAL A 56 1.50 -3.19 -6.39
N THR A 57 1.04 -2.57 -7.47
CA THR A 57 1.56 -2.86 -8.80
C THR A 57 2.32 -1.66 -9.36
N GLY A 58 3.43 -1.94 -10.02
CA GLY A 58 4.24 -0.89 -10.60
C GLY A 58 5.73 -1.20 -10.58
N MET A 59 6.54 -0.24 -10.99
CA MET A 59 7.99 -0.43 -11.02
C MET A 59 8.49 -1.02 -9.72
N PRO A 60 9.68 -1.64 -9.76
CA PRO A 60 10.30 -2.26 -8.59
C PRO A 60 10.76 -1.24 -7.56
N GLU A 61 10.56 0.04 -7.86
CA GLU A 61 10.95 1.12 -6.97
C GLU A 61 9.72 1.88 -6.48
N ASN A 62 8.87 2.29 -7.42
CA ASN A 62 7.67 3.04 -7.08
C ASN A 62 6.77 2.24 -6.14
N VAL A 63 6.64 0.94 -6.42
CA VAL A 63 5.82 0.06 -5.59
C VAL A 63 6.48 -0.20 -4.25
N ASP A 64 7.80 -0.27 -4.25
CA ASP A 64 8.54 -0.52 -3.02
C ASP A 64 8.25 0.55 -1.97
N ARG A 65 8.19 1.80 -2.41
CA ARG A 65 7.90 2.91 -1.51
C ARG A 65 6.49 2.82 -0.96
N ALA A 66 5.56 2.37 -1.78
CA ALA A 66 4.17 2.22 -1.38
C ALA A 66 4.04 1.27 -0.20
N ARG A 67 4.92 0.27 -0.15
CA ARG A 67 4.91 -0.71 0.93
C ARG A 67 5.37 -0.09 2.24
N GLU A 68 6.53 0.55 2.21
CA GLU A 68 7.09 1.18 3.40
C GLU A 68 6.17 2.30 3.90
N GLU A 69 5.47 2.93 2.97
CA GLU A 69 4.55 4.02 3.32
C GLU A 69 3.33 3.49 4.05
N ILE A 70 2.65 2.53 3.43
CA ILE A 70 1.46 1.93 4.03
C ILE A 70 1.76 1.32 5.40
N GLU A 71 2.86 0.55 5.46
CA GLU A 71 3.26 -0.08 6.70
C GLU A 71 3.65 0.95 7.75
N ALA A 72 4.29 2.02 7.30
CA ALA A 72 4.72 3.09 8.20
C ALA A 72 3.61 3.46 9.18
N HIS A 73 2.43 3.76 8.65
CA HIS A 73 1.29 4.13 9.48
C HIS A 73 1.20 3.22 10.71
N ILE A 74 1.61 1.97 10.55
CA ILE A 74 1.57 1.01 11.64
C ILE A 74 2.24 1.57 12.89
N THR A 75 3.46 2.07 12.72
CA THR A 75 4.21 2.64 13.84
C THR A 75 3.72 4.05 14.17
N LEU A 76 3.06 4.69 13.22
CA LEU A 76 2.52 6.03 13.41
C LEU A 76 1.48 6.04 14.53
N ARG A 77 1.45 7.12 15.29
CA ARG A 77 0.48 7.26 16.38
C ARG A 77 -0.09 8.67 16.43
N SER A 78 -1.39 8.78 16.17
CA SER A 78 -2.06 10.08 16.18
C SER A 78 -2.85 10.27 17.47
N GLY A 79 -3.81 9.38 17.71
CA GLY A 79 -4.61 9.47 18.92
C GLY A 79 -5.31 8.18 19.24
N PRO A 80 -5.58 7.95 20.54
CA PRO A 80 -6.26 6.74 21.01
C PRO A 80 -7.73 6.70 20.60
N SER A 81 -8.32 5.51 20.62
CA SER A 81 -9.71 5.33 20.26
C SER A 81 -10.45 4.48 21.29
N SER A 82 -10.01 3.25 21.45
CA SER A 82 -10.62 2.33 22.41
C SER A 82 -10.62 2.94 23.82
N GLY A 83 -11.78 2.92 24.46
CA GLY A 83 -11.90 3.47 25.80
C GLY A 83 -13.32 3.40 26.33
N GLY A 1 27.86 -12.85 -15.90
CA GLY A 1 26.80 -12.43 -14.99
C GLY A 1 25.98 -11.30 -15.55
N SER A 2 25.52 -11.44 -16.80
CA SER A 2 24.73 -10.41 -17.45
C SER A 2 23.25 -10.80 -17.47
N SER A 3 22.38 -9.81 -17.62
CA SER A 3 20.95 -10.04 -17.66
C SER A 3 20.38 -9.77 -19.05
N GLY A 4 19.10 -10.06 -19.23
CA GLY A 4 18.46 -9.84 -20.51
C GLY A 4 17.06 -9.28 -20.38
N SER A 5 16.06 -10.14 -20.58
CA SER A 5 14.66 -9.73 -20.49
C SER A 5 14.03 -10.25 -19.20
N SER A 6 13.94 -9.37 -18.21
CA SER A 6 13.36 -9.73 -16.92
C SER A 6 11.86 -9.49 -16.92
N GLY A 7 11.44 -8.34 -17.43
CA GLY A 7 10.03 -8.01 -17.48
C GLY A 7 9.77 -6.53 -17.27
N GLY A 8 8.50 -6.13 -17.33
CA GLY A 8 8.14 -4.74 -17.14
C GLY A 8 7.98 -4.38 -15.68
N GLN A 9 6.75 -4.06 -15.28
CA GLN A 9 6.45 -3.69 -13.91
C GLN A 9 6.40 -4.92 -13.01
N THR A 10 6.23 -4.70 -11.72
CA THR A 10 6.16 -5.79 -10.76
C THR A 10 5.00 -5.60 -9.79
N THR A 11 4.71 -6.63 -9.00
CA THR A 11 3.62 -6.57 -8.04
C THR A 11 4.00 -7.29 -6.73
N ILE A 12 3.81 -6.60 -5.62
CA ILE A 12 4.13 -7.16 -4.31
C ILE A 12 2.90 -7.19 -3.40
N GLN A 13 2.94 -8.04 -2.39
CA GLN A 13 1.82 -8.15 -1.45
C GLN A 13 2.24 -7.69 -0.05
N VAL A 14 1.76 -6.51 0.34
CA VAL A 14 2.08 -5.96 1.64
C VAL A 14 1.30 -6.65 2.75
N ARG A 15 1.95 -6.86 3.88
CA ARG A 15 1.31 -7.52 5.02
C ARG A 15 1.06 -6.53 6.16
N VAL A 16 -0.20 -6.37 6.54
CA VAL A 16 -0.57 -5.46 7.61
C VAL A 16 -1.70 -6.03 8.45
N PRO A 17 -1.73 -5.65 9.74
CA PRO A 17 -2.75 -6.11 10.68
C PRO A 17 -4.13 -5.52 10.37
N TYR A 18 -5.12 -6.39 10.20
CA TYR A 18 -6.48 -5.96 9.90
C TYR A 18 -6.81 -4.66 10.63
N ARG A 19 -6.27 -4.52 11.84
CA ARG A 19 -6.50 -3.32 12.64
C ARG A 19 -6.03 -2.06 11.91
N VAL A 20 -4.79 -2.12 11.43
CA VAL A 20 -4.21 -0.99 10.71
C VAL A 20 -4.88 -0.79 9.35
N VAL A 21 -5.28 -1.90 8.73
CA VAL A 21 -5.94 -1.85 7.43
C VAL A 21 -6.93 -0.68 7.36
N GLY A 22 -7.99 -0.77 8.15
CA GLY A 22 -9.00 0.29 8.16
C GLY A 22 -8.38 1.66 8.27
N LEU A 23 -7.36 1.79 9.11
CA LEU A 23 -6.68 3.07 9.32
C LEU A 23 -6.04 3.55 8.01
N VAL A 24 -5.40 2.64 7.31
CA VAL A 24 -4.73 2.96 6.05
C VAL A 24 -5.75 3.32 4.97
N VAL A 25 -6.61 2.34 4.64
CA VAL A 25 -7.63 2.55 3.62
C VAL A 25 -8.25 3.94 3.73
N GLY A 26 -8.74 4.26 4.93
CA GLY A 26 -9.35 5.55 5.16
C GLY A 26 -10.83 5.56 4.83
N PRO A 27 -11.53 6.64 5.24
CA PRO A 27 -12.97 6.78 4.99
C PRO A 27 -13.35 6.50 3.54
N LYS A 28 -13.74 5.25 3.27
CA LYS A 28 -14.13 4.85 1.93
C LYS A 28 -13.02 5.15 0.92
N GLY A 29 -11.78 4.86 1.33
CA GLY A 29 -10.65 5.09 0.46
C GLY A 29 -10.36 6.57 0.24
N ALA A 30 -9.72 7.18 1.23
CA ALA A 30 -9.40 8.61 1.15
C ALA A 30 -7.92 8.85 1.44
N THR A 31 -7.38 8.10 2.40
CA THR A 31 -5.97 8.24 2.78
C THR A 31 -5.09 7.36 1.91
N ILE A 32 -5.56 6.15 1.62
CA ILE A 32 -4.81 5.20 0.80
C ILE A 32 -4.65 5.73 -0.62
N LYS A 33 -5.66 6.45 -1.10
CA LYS A 33 -5.64 7.01 -2.44
C LYS A 33 -4.45 7.95 -2.62
N ARG A 34 -4.19 8.77 -1.61
CA ARG A 34 -3.08 9.72 -1.65
C ARG A 34 -1.77 9.00 -1.93
N ILE A 35 -1.52 7.91 -1.21
CA ILE A 35 -0.30 7.14 -1.39
C ILE A 35 -0.13 6.71 -2.85
N GLN A 36 -1.19 6.16 -3.43
CA GLN A 36 -1.16 5.71 -4.81
C GLN A 36 -0.56 6.79 -5.72
N GLN A 37 -0.91 8.04 -5.44
CA GLN A 37 -0.42 9.16 -6.23
C GLN A 37 0.99 9.55 -5.80
N ARG A 38 1.17 9.78 -4.50
CA ARG A 38 2.47 10.16 -3.96
C ARG A 38 3.56 9.20 -4.43
N THR A 39 3.18 7.93 -4.60
CA THR A 39 4.12 6.90 -5.03
C THR A 39 3.87 6.51 -6.49
N HIS A 40 2.72 6.92 -7.01
CA HIS A 40 2.36 6.60 -8.40
C HIS A 40 2.30 5.10 -8.61
N THR A 41 1.53 4.41 -7.77
CA THR A 41 1.39 2.97 -7.88
C THR A 41 -0.07 2.55 -7.74
N TYR A 42 -0.48 1.57 -8.55
CA TYR A 42 -1.85 1.08 -8.52
C TYR A 42 -2.07 0.15 -7.33
N ILE A 43 -2.48 0.72 -6.20
CA ILE A 43 -2.73 -0.05 -5.00
C ILE A 43 -4.13 -0.68 -5.02
N VAL A 44 -4.23 -1.90 -4.52
CA VAL A 44 -5.51 -2.61 -4.48
C VAL A 44 -5.77 -3.20 -3.10
N THR A 45 -6.88 -2.78 -2.48
CA THR A 45 -7.24 -3.26 -1.16
C THR A 45 -7.73 -4.70 -1.21
N PRO A 46 -7.51 -5.45 -0.12
CA PRO A 46 -7.92 -6.85 -0.02
C PRO A 46 -9.44 -7.01 0.07
N GLY A 47 -9.90 -8.25 0.10
CA GLY A 47 -11.32 -8.51 0.18
C GLY A 47 -11.87 -8.30 1.56
N ARG A 48 -13.15 -7.92 1.65
CA ARG A 48 -13.79 -7.69 2.94
C ARG A 48 -13.72 -8.93 3.81
N ASP A 49 -13.83 -10.09 3.19
CA ASP A 49 -13.78 -11.36 3.92
C ASP A 49 -12.50 -12.12 3.60
N LYS A 50 -11.40 -11.39 3.51
CA LYS A 50 -10.10 -11.99 3.20
C LYS A 50 -9.01 -11.44 4.13
N GLU A 51 -7.87 -12.11 4.15
CA GLU A 51 -6.76 -11.69 4.99
C GLU A 51 -6.35 -10.25 4.67
N PRO A 52 -5.94 -9.51 5.72
CA PRO A 52 -5.52 -8.12 5.58
C PRO A 52 -4.20 -7.98 4.84
N VAL A 53 -4.28 -7.76 3.52
CA VAL A 53 -3.09 -7.62 2.69
C VAL A 53 -3.32 -6.63 1.56
N PHE A 54 -2.36 -5.74 1.34
CA PHE A 54 -2.47 -4.74 0.29
C PHE A 54 -1.63 -5.14 -0.93
N ALA A 55 -2.26 -5.13 -2.10
CA ALA A 55 -1.56 -5.48 -3.34
C ALA A 55 -1.14 -4.23 -4.11
N VAL A 56 0.16 -3.97 -4.15
CA VAL A 56 0.68 -2.81 -4.86
C VAL A 56 1.24 -3.21 -6.23
N THR A 57 0.82 -2.49 -7.26
CA THR A 57 1.28 -2.76 -8.62
C THR A 57 2.04 -1.57 -9.19
N GLY A 58 3.18 -1.85 -9.82
CA GLY A 58 3.98 -0.80 -10.41
C GLY A 58 5.45 -1.17 -10.51
N MET A 59 6.26 -0.26 -11.05
CA MET A 59 7.68 -0.50 -11.20
C MET A 59 8.28 -1.07 -9.91
N PRO A 60 9.44 -1.73 -10.04
CA PRO A 60 10.14 -2.34 -8.91
C PRO A 60 10.71 -1.29 -7.96
N GLU A 61 10.50 -0.02 -8.27
CA GLU A 61 10.99 1.07 -7.44
C GLU A 61 9.84 1.91 -6.89
N ASN A 62 8.75 1.95 -7.65
CA ASN A 62 7.58 2.72 -7.24
C ASN A 62 6.77 1.98 -6.19
N VAL A 63 6.54 0.69 -6.43
CA VAL A 63 5.79 -0.14 -5.50
C VAL A 63 6.56 -0.36 -4.20
N ASP A 64 7.88 -0.23 -4.28
CA ASP A 64 8.73 -0.42 -3.13
C ASP A 64 8.50 0.68 -2.09
N ARG A 65 8.30 1.91 -2.57
CA ARG A 65 8.06 3.04 -1.68
C ARG A 65 6.68 2.94 -1.03
N ALA A 66 5.67 2.64 -1.83
CA ALA A 66 4.31 2.51 -1.33
C ALA A 66 4.25 1.53 -0.15
N ARG A 67 5.08 0.49 -0.21
CA ARG A 67 5.12 -0.52 0.84
C ARG A 67 5.59 0.09 2.15
N GLU A 68 6.71 0.80 2.10
CA GLU A 68 7.28 1.42 3.30
C GLU A 68 6.32 2.47 3.85
N GLU A 69 5.47 3.01 2.99
CA GLU A 69 4.50 4.03 3.40
C GLU A 69 3.33 3.40 4.14
N ILE A 70 2.66 2.44 3.49
CA ILE A 70 1.53 1.75 4.09
C ILE A 70 1.88 1.20 5.46
N GLU A 71 2.96 0.42 5.51
CA GLU A 71 3.40 -0.18 6.78
C GLU A 71 3.65 0.89 7.83
N ALA A 72 4.29 1.98 7.42
CA ALA A 72 4.59 3.08 8.33
C ALA A 72 3.40 3.37 9.24
N HIS A 73 2.26 3.67 8.64
CA HIS A 73 1.05 3.98 9.40
C HIS A 73 0.98 3.14 10.67
N ILE A 74 1.45 1.90 10.58
CA ILE A 74 1.44 0.99 11.72
C ILE A 74 2.14 1.61 12.92
N THR A 75 3.43 1.92 12.76
CA THR A 75 4.22 2.52 13.83
C THR A 75 3.73 3.93 14.13
N LEU A 76 3.12 4.58 13.14
CA LEU A 76 2.62 5.94 13.29
C LEU A 76 1.57 6.00 14.40
N ARG A 77 1.52 7.14 15.09
CA ARG A 77 0.56 7.32 16.17
C ARG A 77 -0.72 7.97 15.66
N SER A 78 -1.81 7.77 16.39
CA SER A 78 -3.10 8.33 16.00
C SER A 78 -3.51 9.46 16.95
N GLY A 79 -3.34 9.23 18.25
CA GLY A 79 -3.69 10.24 19.23
C GLY A 79 -2.63 11.32 19.35
N PRO A 80 -3.08 12.57 19.55
CA PRO A 80 -2.19 13.72 19.69
C PRO A 80 -1.40 13.69 20.99
N SER A 81 -1.67 12.68 21.82
CA SER A 81 -0.99 12.54 23.11
C SER A 81 -1.03 11.09 23.58
N SER A 82 -0.18 10.76 24.54
CA SER A 82 -0.11 9.41 25.08
C SER A 82 0.42 9.43 26.51
N GLY A 83 -0.19 8.61 27.36
CA GLY A 83 0.24 8.53 28.75
C GLY A 83 1.06 7.29 29.05
N GLY A 1 21.45 -0.06 -10.86
CA GLY A 1 21.74 -0.13 -12.28
C GLY A 1 20.49 -0.29 -13.12
N SER A 2 20.17 0.75 -13.90
CA SER A 2 18.99 0.71 -14.76
C SER A 2 19.23 1.49 -16.04
N SER A 3 18.78 0.93 -17.16
CA SER A 3 18.95 1.57 -18.46
C SER A 3 17.67 2.27 -18.90
N GLY A 4 17.51 3.52 -18.46
CA GLY A 4 16.32 4.28 -18.82
C GLY A 4 15.04 3.63 -18.31
N SER A 5 14.02 3.61 -19.16
CA SER A 5 12.74 3.02 -18.80
C SER A 5 12.48 1.75 -19.60
N SER A 6 12.18 0.67 -18.89
CA SER A 6 11.91 -0.61 -19.54
C SER A 6 10.50 -1.10 -19.22
N GLY A 7 9.90 -1.84 -20.15
CA GLY A 7 8.56 -2.36 -19.94
C GLY A 7 8.55 -3.61 -19.09
N GLY A 8 8.70 -3.44 -17.78
CA GLY A 8 8.70 -4.59 -16.89
C GLY A 8 8.42 -4.20 -15.46
N GLN A 9 7.15 -4.00 -15.13
CA GLN A 9 6.74 -3.61 -13.79
C GLN A 9 6.53 -4.85 -12.91
N THR A 10 6.53 -4.63 -11.60
CA THR A 10 6.34 -5.73 -10.64
C THR A 10 5.20 -5.42 -9.69
N THR A 11 4.65 -6.48 -9.07
CA THR A 11 3.55 -6.33 -8.14
C THR A 11 3.85 -7.04 -6.83
N ILE A 12 3.94 -6.26 -5.75
CA ILE A 12 4.22 -6.83 -4.43
C ILE A 12 2.96 -6.85 -3.57
N GLN A 13 2.94 -7.76 -2.59
CA GLN A 13 1.79 -7.88 -1.70
C GLN A 13 2.18 -7.51 -0.27
N VAL A 14 1.82 -6.30 0.13
CA VAL A 14 2.14 -5.82 1.48
C VAL A 14 1.31 -6.56 2.53
N ARG A 15 1.92 -6.84 3.67
CA ARG A 15 1.25 -7.55 4.75
C ARG A 15 1.04 -6.63 5.95
N VAL A 16 -0.22 -6.30 6.22
CA VAL A 16 -0.56 -5.42 7.34
C VAL A 16 -1.73 -5.99 8.14
N PRO A 17 -1.76 -5.66 9.44
CA PRO A 17 -2.82 -6.13 10.35
C PRO A 17 -4.16 -5.47 10.05
N TYR A 18 -5.22 -6.26 10.10
CA TYR A 18 -6.57 -5.77 9.83
C TYR A 18 -6.82 -4.47 10.59
N ARG A 19 -6.31 -4.40 11.82
CA ARG A 19 -6.49 -3.21 12.65
C ARG A 19 -5.91 -1.98 11.97
N VAL A 20 -4.77 -2.16 11.30
CA VAL A 20 -4.12 -1.05 10.60
C VAL A 20 -4.81 -0.75 9.27
N VAL A 21 -5.28 -1.81 8.60
CA VAL A 21 -5.96 -1.65 7.32
C VAL A 21 -6.91 -0.45 7.35
N GLY A 22 -7.92 -0.53 8.20
CA GLY A 22 -8.88 0.56 8.30
C GLY A 22 -8.22 1.92 8.41
N LEU A 23 -7.12 1.98 9.16
CA LEU A 23 -6.39 3.22 9.34
C LEU A 23 -5.78 3.70 8.03
N VAL A 24 -5.18 2.77 7.28
CA VAL A 24 -4.57 3.09 6.00
C VAL A 24 -5.63 3.40 4.95
N VAL A 25 -6.49 2.43 4.67
CA VAL A 25 -7.55 2.60 3.68
C VAL A 25 -8.21 3.97 3.81
N GLY A 26 -8.51 4.35 5.05
CA GLY A 26 -9.15 5.64 5.29
C GLY A 26 -10.61 5.65 4.89
N PRO A 27 -11.30 6.75 5.20
CA PRO A 27 -12.72 6.91 4.87
C PRO A 27 -13.03 6.54 3.42
N LYS A 28 -13.82 5.48 3.23
CA LYS A 28 -14.18 5.04 1.91
C LYS A 28 -13.03 5.22 0.93
N GLY A 29 -11.81 4.95 1.39
CA GLY A 29 -10.65 5.09 0.55
C GLY A 29 -10.31 6.54 0.26
N ALA A 30 -9.76 7.23 1.27
CA ALA A 30 -9.39 8.62 1.12
C ALA A 30 -7.90 8.82 1.31
N THR A 31 -7.32 8.08 2.25
CA THR A 31 -5.88 8.17 2.52
C THR A 31 -5.09 7.26 1.59
N ILE A 32 -5.58 6.04 1.40
CA ILE A 32 -4.91 5.08 0.54
C ILE A 32 -4.83 5.59 -0.90
N LYS A 33 -5.82 6.38 -1.29
CA LYS A 33 -5.86 6.94 -2.64
C LYS A 33 -4.75 7.96 -2.84
N ARG A 34 -4.51 8.77 -1.82
CA ARG A 34 -3.47 9.79 -1.88
C ARG A 34 -2.10 9.16 -2.11
N ILE A 35 -1.83 8.08 -1.38
CA ILE A 35 -0.55 7.38 -1.49
C ILE A 35 -0.27 6.98 -2.94
N GLN A 36 -1.22 6.26 -3.54
CA GLN A 36 -1.08 5.82 -4.93
C GLN A 36 -0.52 6.94 -5.80
N GLN A 37 -0.83 8.18 -5.44
CA GLN A 37 -0.36 9.33 -6.20
C GLN A 37 1.09 9.65 -5.86
N ARG A 38 1.38 9.81 -4.56
CA ARG A 38 2.73 10.11 -4.12
C ARG A 38 3.73 9.08 -4.64
N THR A 39 3.26 7.84 -4.80
CA THR A 39 4.11 6.76 -5.29
C THR A 39 3.82 6.47 -6.76
N HIS A 40 2.67 6.93 -7.24
CA HIS A 40 2.28 6.72 -8.63
C HIS A 40 2.20 5.23 -8.95
N THR A 41 1.41 4.50 -8.16
CA THR A 41 1.25 3.06 -8.35
C THR A 41 -0.21 2.66 -8.25
N TYR A 42 -0.49 1.39 -8.53
CA TYR A 42 -1.85 0.87 -8.48
C TYR A 42 -2.05 -0.01 -7.24
N ILE A 43 -2.46 0.61 -6.14
CA ILE A 43 -2.69 -0.11 -4.90
C ILE A 43 -4.07 -0.76 -4.88
N VAL A 44 -4.14 -2.00 -4.41
CA VAL A 44 -5.40 -2.72 -4.34
C VAL A 44 -5.67 -3.22 -2.93
N THR A 45 -6.88 -2.98 -2.45
CA THR A 45 -7.27 -3.40 -1.10
C THR A 45 -7.87 -4.80 -1.12
N PRO A 46 -7.66 -5.56 -0.02
CA PRO A 46 -8.17 -6.92 0.11
C PRO A 46 -9.69 -6.95 0.26
N GLY A 47 -10.23 -8.15 0.41
CA GLY A 47 -11.67 -8.31 0.56
C GLY A 47 -12.12 -8.13 2.00
N ARG A 48 -13.43 -8.18 2.22
CA ARG A 48 -13.99 -8.02 3.55
C ARG A 48 -13.88 -9.32 4.35
N ASP A 49 -14.03 -10.43 3.66
CA ASP A 49 -13.94 -11.75 4.31
C ASP A 49 -12.64 -12.45 3.94
N LYS A 50 -11.56 -11.68 3.89
CA LYS A 50 -10.25 -12.23 3.56
C LYS A 50 -9.16 -11.63 4.45
N GLU A 51 -7.94 -12.12 4.30
CA GLU A 51 -6.82 -11.65 5.10
C GLU A 51 -6.40 -10.24 4.66
N PRO A 52 -6.00 -9.41 5.63
CA PRO A 52 -5.58 -8.03 5.37
C PRO A 52 -4.24 -7.97 4.64
N VAL A 53 -4.30 -7.98 3.31
CA VAL A 53 -3.10 -7.92 2.49
C VAL A 53 -3.28 -6.98 1.30
N PHE A 54 -2.45 -5.94 1.24
CA PHE A 54 -2.53 -4.97 0.16
C PHE A 54 -1.70 -5.42 -1.04
N ALA A 55 -2.14 -5.05 -2.24
CA ALA A 55 -1.44 -5.42 -3.46
C ALA A 55 -1.05 -4.18 -4.26
N VAL A 56 0.23 -3.85 -4.24
CA VAL A 56 0.74 -2.69 -4.97
C VAL A 56 1.41 -3.10 -6.27
N THR A 57 0.97 -2.50 -7.37
CA THR A 57 1.52 -2.81 -8.68
C THR A 57 2.30 -1.62 -9.24
N GLY A 58 3.44 -1.91 -9.87
CA GLY A 58 4.25 -0.85 -10.44
C GLY A 58 5.74 -1.19 -10.43
N MET A 59 6.54 -0.31 -11.01
CA MET A 59 7.98 -0.52 -11.07
C MET A 59 8.51 -1.09 -9.76
N PRO A 60 9.69 -1.72 -9.82
CA PRO A 60 10.33 -2.31 -8.64
C PRO A 60 10.82 -1.26 -7.65
N GLU A 61 10.60 0.01 -7.98
CA GLU A 61 11.02 1.11 -7.13
C GLU A 61 9.83 1.93 -6.67
N ASN A 62 8.84 2.06 -7.53
CA ASN A 62 7.64 2.83 -7.22
C ASN A 62 6.80 2.10 -6.15
N VAL A 63 6.60 0.80 -6.36
CA VAL A 63 5.83 0.00 -5.42
C VAL A 63 6.56 -0.16 -4.09
N ASP A 64 7.88 -0.32 -4.16
CA ASP A 64 8.69 -0.48 -2.96
C ASP A 64 8.42 0.64 -1.96
N ARG A 65 8.31 1.86 -2.48
CA ARG A 65 8.06 3.03 -1.64
C ARG A 65 6.69 2.91 -0.95
N ALA A 66 5.66 2.67 -1.74
CA ALA A 66 4.31 2.54 -1.21
C ALA A 66 4.29 1.65 0.02
N ARG A 67 4.91 0.48 -0.09
CA ARG A 67 4.96 -0.47 1.02
C ARG A 67 5.46 0.21 2.29
N GLU A 68 6.46 1.07 2.15
CA GLU A 68 7.02 1.78 3.29
C GLU A 68 5.95 2.59 4.01
N GLU A 69 5.15 3.33 3.24
CA GLU A 69 4.09 4.15 3.81
C GLU A 69 3.02 3.28 4.46
N ILE A 70 2.45 2.37 3.68
CA ILE A 70 1.42 1.46 4.17
C ILE A 70 1.82 0.83 5.49
N GLU A 71 3.03 0.26 5.53
CA GLU A 71 3.54 -0.37 6.73
C GLU A 71 3.76 0.65 7.84
N ALA A 72 4.40 1.76 7.50
CA ALA A 72 4.67 2.82 8.46
C ALA A 72 3.50 3.01 9.40
N HIS A 73 2.32 3.26 8.85
CA HIS A 73 1.12 3.46 9.64
C HIS A 73 1.12 2.56 10.87
N ILE A 74 1.52 1.31 10.68
CA ILE A 74 1.57 0.34 11.78
C ILE A 74 2.20 0.96 13.02
N THR A 75 3.44 1.44 12.88
CA THR A 75 4.16 2.05 13.99
C THR A 75 3.39 3.26 14.53
N LEU A 76 3.03 4.17 13.65
CA LEU A 76 2.29 5.36 14.04
C LEU A 76 1.31 5.05 15.17
N ARG A 77 1.29 5.93 16.17
CA ARG A 77 0.38 5.75 17.31
C ARG A 77 -1.07 5.88 16.89
N SER A 78 -1.96 5.18 17.60
CA SER A 78 -3.38 5.22 17.31
C SER A 78 -4.02 6.50 17.82
N GLY A 79 -5.03 6.99 17.11
CA GLY A 79 -5.71 8.19 17.52
C GLY A 79 -7.05 7.93 18.17
N PRO A 80 -8.09 7.69 17.34
CA PRO A 80 -9.44 7.41 17.81
C PRO A 80 -9.54 6.05 18.49
N SER A 81 -8.75 5.09 18.01
CA SER A 81 -8.76 3.74 18.57
C SER A 81 -10.09 3.05 18.29
N SER A 82 -10.50 3.05 17.03
CA SER A 82 -11.75 2.43 16.63
C SER A 82 -12.92 3.00 17.42
N GLY A 83 -12.93 4.31 17.57
CA GLY A 83 -14.00 4.96 18.32
C GLY A 83 -13.74 6.44 18.55
N GLY A 1 25.76 -4.61 -22.90
CA GLY A 1 26.68 -5.73 -22.89
C GLY A 1 26.02 -7.01 -22.42
N SER A 2 26.03 -8.03 -23.28
CA SER A 2 25.43 -9.31 -22.95
C SER A 2 24.11 -9.11 -22.21
N SER A 3 23.32 -8.16 -22.67
CA SER A 3 22.03 -7.87 -22.04
C SER A 3 21.15 -9.11 -22.01
N GLY A 4 20.02 -9.01 -21.32
CA GLY A 4 19.10 -10.14 -21.22
C GLY A 4 18.08 -9.97 -20.11
N SER A 5 17.48 -8.78 -20.05
CA SER A 5 16.48 -8.48 -19.03
C SER A 5 15.10 -9.01 -19.44
N SER A 6 14.37 -9.55 -18.47
CA SER A 6 13.04 -10.09 -18.73
C SER A 6 12.07 -9.70 -17.62
N GLY A 7 10.93 -9.15 -18.03
CA GLY A 7 9.93 -8.73 -17.05
C GLY A 7 9.91 -7.23 -16.85
N GLY A 8 8.74 -6.63 -17.05
CA GLY A 8 8.61 -5.18 -16.88
C GLY A 8 8.38 -4.79 -15.44
N GLN A 9 7.16 -4.35 -15.14
CA GLN A 9 6.81 -3.93 -13.78
C GLN A 9 6.71 -5.14 -12.86
N THR A 10 6.34 -4.88 -11.61
CA THR A 10 6.21 -5.94 -10.61
C THR A 10 5.09 -5.64 -9.62
N THR A 11 4.56 -6.68 -8.99
CA THR A 11 3.49 -6.52 -8.01
C THR A 11 3.83 -7.21 -6.70
N ILE A 12 3.85 -6.45 -5.61
CA ILE A 12 4.16 -6.99 -4.29
C ILE A 12 2.92 -7.00 -3.40
N GLN A 13 2.92 -7.90 -2.42
CA GLN A 13 1.80 -8.01 -1.49
C GLN A 13 2.21 -7.53 -0.10
N VAL A 14 1.81 -6.30 0.25
CA VAL A 14 2.13 -5.73 1.54
C VAL A 14 1.36 -6.43 2.66
N ARG A 15 2.07 -6.79 3.73
CA ARG A 15 1.45 -7.47 4.86
C ARG A 15 1.18 -6.48 5.99
N VAL A 16 -0.10 -6.35 6.35
CA VAL A 16 -0.50 -5.44 7.43
C VAL A 16 -1.61 -6.05 8.27
N PRO A 17 -1.65 -5.67 9.56
CA PRO A 17 -2.67 -6.16 10.49
C PRO A 17 -4.05 -5.62 10.19
N TYR A 18 -5.04 -6.50 10.18
CA TYR A 18 -6.42 -6.10 9.90
C TYR A 18 -6.77 -4.80 10.61
N ARG A 19 -6.08 -4.54 11.73
CA ARG A 19 -6.33 -3.34 12.51
C ARG A 19 -5.84 -2.10 11.76
N VAL A 20 -4.58 -2.12 11.34
CA VAL A 20 -3.98 -1.01 10.61
C VAL A 20 -4.68 -0.80 9.27
N VAL A 21 -5.24 -1.88 8.73
CA VAL A 21 -5.93 -1.82 7.44
C VAL A 21 -6.88 -0.64 7.40
N GLY A 22 -7.98 -0.72 8.16
CA GLY A 22 -8.95 0.36 8.18
C GLY A 22 -8.30 1.72 8.27
N LEU A 23 -7.18 1.81 8.98
CA LEU A 23 -6.46 3.07 9.13
C LEU A 23 -5.87 3.52 7.80
N VAL A 24 -5.26 2.59 7.08
CA VAL A 24 -4.66 2.89 5.79
C VAL A 24 -5.72 3.21 4.75
N VAL A 25 -6.53 2.21 4.41
CA VAL A 25 -7.59 2.39 3.42
C VAL A 25 -8.24 3.76 3.55
N GLY A 26 -8.83 4.03 4.71
CA GLY A 26 -9.47 5.30 4.94
C GLY A 26 -10.95 5.28 4.59
N PRO A 27 -11.68 6.31 5.03
CA PRO A 27 -13.12 6.43 4.78
C PRO A 27 -13.48 6.18 3.33
N LYS A 28 -13.83 4.93 3.01
CA LYS A 28 -14.19 4.56 1.65
C LYS A 28 -13.07 4.89 0.68
N GLY A 29 -11.87 4.39 0.96
CA GLY A 29 -10.72 4.65 0.10
C GLY A 29 -10.50 6.13 -0.12
N ALA A 30 -10.04 6.82 0.91
CA ALA A 30 -9.77 8.25 0.81
C ALA A 30 -8.33 8.57 1.19
N THR A 31 -7.84 7.91 2.23
CA THR A 31 -6.47 8.12 2.70
C THR A 31 -5.47 7.39 1.82
N ILE A 32 -5.79 6.13 1.50
CA ILE A 32 -4.91 5.32 0.66
C ILE A 32 -4.59 6.03 -0.65
N LYS A 33 -5.53 6.85 -1.11
CA LYS A 33 -5.34 7.59 -2.36
C LYS A 33 -4.05 8.40 -2.32
N ARG A 34 -3.81 9.07 -1.21
CA ARG A 34 -2.60 9.87 -1.06
C ARG A 34 -1.35 9.01 -1.17
N ILE A 35 -1.50 7.71 -0.93
CA ILE A 35 -0.38 6.78 -1.00
C ILE A 35 -0.14 6.34 -2.44
N GLN A 36 -1.21 6.27 -3.23
CA GLN A 36 -1.10 5.86 -4.61
C GLN A 36 -0.70 7.03 -5.51
N GLN A 37 -1.00 8.24 -5.04
CA GLN A 37 -0.68 9.45 -5.80
C GLN A 37 0.78 9.86 -5.56
N ARG A 38 1.22 9.76 -4.31
CA ARG A 38 2.59 10.12 -3.96
C ARG A 38 3.59 9.20 -4.64
N THR A 39 3.22 7.92 -4.79
CA THR A 39 4.09 6.95 -5.43
C THR A 39 3.67 6.70 -6.86
N HIS A 40 2.44 7.07 -7.19
CA HIS A 40 1.91 6.89 -8.54
C HIS A 40 1.86 5.41 -8.91
N THR A 41 1.35 4.59 -7.99
CA THR A 41 1.24 3.16 -8.22
C THR A 41 -0.21 2.69 -8.13
N TYR A 42 -0.47 1.49 -8.62
CA TYR A 42 -1.81 0.93 -8.59
C TYR A 42 -2.01 0.03 -7.38
N ILE A 43 -2.43 0.62 -6.27
CA ILE A 43 -2.65 -0.12 -5.03
C ILE A 43 -4.08 -0.66 -4.98
N VAL A 44 -4.21 -1.93 -4.63
CA VAL A 44 -5.51 -2.57 -4.53
C VAL A 44 -5.79 -3.04 -3.11
N THR A 45 -6.98 -2.72 -2.60
CA THR A 45 -7.36 -3.12 -1.25
C THR A 45 -7.95 -4.52 -1.24
N PRO A 46 -7.74 -5.25 -0.13
CA PRO A 46 -8.24 -6.61 0.04
C PRO A 46 -9.76 -6.65 0.19
N GLY A 47 -10.31 -7.86 0.28
CA GLY A 47 -11.75 -8.01 0.42
C GLY A 47 -12.22 -7.79 1.84
N ARG A 48 -13.52 -7.89 2.05
CA ARG A 48 -14.10 -7.70 3.39
C ARG A 48 -13.91 -8.94 4.25
N ASP A 49 -14.15 -10.11 3.65
CA ASP A 49 -14.01 -11.37 4.36
C ASP A 49 -12.74 -12.10 3.94
N LYS A 50 -11.64 -11.34 3.82
CA LYS A 50 -10.36 -11.91 3.42
C LYS A 50 -9.24 -11.40 4.32
N GLU A 51 -8.07 -12.02 4.20
CA GLU A 51 -6.91 -11.63 5.00
C GLU A 51 -6.44 -10.23 4.63
N PRO A 52 -5.98 -9.47 5.63
CA PRO A 52 -5.49 -8.10 5.44
C PRO A 52 -4.17 -8.06 4.66
N VAL A 53 -4.25 -7.87 3.36
CA VAL A 53 -3.07 -7.81 2.51
C VAL A 53 -3.28 -6.86 1.33
N PHE A 54 -2.44 -5.82 1.27
CA PHE A 54 -2.53 -4.84 0.20
C PHE A 54 -1.70 -5.28 -1.01
N ALA A 55 -2.24 -5.05 -2.20
CA ALA A 55 -1.55 -5.41 -3.44
C ALA A 55 -1.10 -4.17 -4.20
N VAL A 56 0.21 -3.94 -4.24
CA VAL A 56 0.76 -2.78 -4.93
C VAL A 56 1.38 -3.20 -6.26
N THR A 57 0.90 -2.61 -7.35
CA THR A 57 1.42 -2.91 -8.68
C THR A 57 2.18 -1.73 -9.26
N GLY A 58 3.39 -2.00 -9.76
CA GLY A 58 4.20 -0.94 -10.34
C GLY A 58 5.67 -1.31 -10.37
N MET A 59 6.49 -0.41 -10.92
CA MET A 59 7.93 -0.65 -11.01
C MET A 59 8.47 -1.18 -9.69
N PRO A 60 9.64 -1.83 -9.76
CA PRO A 60 10.30 -2.40 -8.58
C PRO A 60 10.84 -1.34 -7.64
N GLU A 61 10.66 -0.07 -8.02
CA GLU A 61 11.12 1.05 -7.20
C GLU A 61 9.96 1.91 -6.75
N ASN A 62 8.87 1.88 -7.50
CA ASN A 62 7.67 2.66 -7.18
C ASN A 62 6.81 1.93 -6.15
N VAL A 63 6.55 0.65 -6.41
CA VAL A 63 5.74 -0.16 -5.51
C VAL A 63 6.43 -0.33 -4.16
N ASP A 64 7.75 -0.47 -4.18
CA ASP A 64 8.52 -0.64 -2.95
C ASP A 64 8.30 0.53 -2.01
N ARG A 65 8.35 1.74 -2.55
CA ARG A 65 8.16 2.94 -1.76
C ARG A 65 6.78 2.97 -1.11
N ALA A 66 5.76 2.61 -1.90
CA ALA A 66 4.39 2.58 -1.41
C ALA A 66 4.27 1.73 -0.15
N ARG A 67 4.92 0.57 -0.16
CA ARG A 67 4.88 -0.34 0.98
C ARG A 67 5.45 0.34 2.22
N GLU A 68 6.55 1.06 2.06
CA GLU A 68 7.19 1.75 3.17
C GLU A 68 6.19 2.64 3.89
N GLU A 69 5.36 3.35 3.13
CA GLU A 69 4.36 4.24 3.71
C GLU A 69 3.23 3.45 4.35
N ILE A 70 2.67 2.50 3.61
CA ILE A 70 1.58 1.68 4.11
C ILE A 70 1.93 1.09 5.48
N GLU A 71 3.07 0.42 5.55
CA GLU A 71 3.52 -0.19 6.80
C GLU A 71 3.87 0.87 7.83
N ALA A 72 4.53 1.94 7.38
CA ALA A 72 4.92 3.02 8.27
C ALA A 72 3.84 3.33 9.29
N HIS A 73 2.67 3.71 8.80
CA HIS A 73 1.54 4.02 9.67
C HIS A 73 1.54 3.12 10.91
N ILE A 74 1.84 1.84 10.70
CA ILE A 74 1.88 0.88 11.79
C ILE A 74 2.68 1.42 12.97
N THR A 75 3.92 1.81 12.71
CA THR A 75 4.79 2.34 13.75
C THR A 75 4.83 3.86 13.70
N LEU A 76 3.90 4.51 14.40
CA LEU A 76 3.83 5.96 14.44
C LEU A 76 3.25 6.45 15.76
N ARG A 77 3.55 7.69 16.11
CA ARG A 77 3.06 8.27 17.36
C ARG A 77 3.12 9.80 17.30
N SER A 78 2.12 10.45 17.87
CA SER A 78 2.05 11.90 17.89
C SER A 78 3.25 12.49 18.64
N GLY A 79 3.97 13.40 17.97
CA GLY A 79 5.13 14.01 18.59
C GLY A 79 6.33 14.04 17.67
N PRO A 80 7.21 13.03 17.80
CA PRO A 80 8.42 12.92 16.98
C PRO A 80 8.10 12.58 15.53
N SER A 81 8.15 13.58 14.66
CA SER A 81 7.86 13.39 13.25
C SER A 81 8.33 14.60 12.44
N SER A 82 8.22 14.49 11.12
CA SER A 82 8.63 15.57 10.23
C SER A 82 7.50 16.59 10.05
N GLY A 83 6.29 16.09 9.87
CA GLY A 83 5.14 16.96 9.70
C GLY A 83 3.83 16.20 9.60
N GLY A 1 19.05 12.16 -16.76
CA GLY A 1 18.53 10.82 -16.88
C GLY A 1 17.90 10.55 -18.24
N SER A 2 17.63 9.28 -18.53
CA SER A 2 17.03 8.90 -19.80
C SER A 2 16.30 7.57 -19.69
N SER A 3 14.98 7.60 -19.80
CA SER A 3 14.18 6.39 -19.70
C SER A 3 13.73 5.91 -21.08
N GLY A 4 13.17 4.71 -21.13
CA GLY A 4 12.72 4.16 -22.40
C GLY A 4 12.63 2.64 -22.38
N SER A 5 13.78 1.98 -22.52
CA SER A 5 13.82 0.52 -22.53
C SER A 5 12.82 -0.05 -21.54
N SER A 6 11.77 -0.68 -22.06
CA SER A 6 10.73 -1.27 -21.22
C SER A 6 11.23 -2.56 -20.58
N GLY A 7 10.46 -3.07 -19.62
CA GLY A 7 10.85 -4.30 -18.94
C GLY A 7 9.65 -5.03 -18.37
N GLY A 8 8.79 -4.32 -17.67
CA GLY A 8 7.60 -4.92 -17.09
C GLY A 8 7.48 -4.62 -15.61
N GLN A 9 6.47 -3.84 -15.25
CA GLN A 9 6.23 -3.47 -13.86
C GLN A 9 6.09 -4.73 -12.99
N THR A 10 6.08 -4.52 -11.67
CA THR A 10 5.95 -5.63 -10.73
C THR A 10 4.86 -5.35 -9.71
N THR A 11 4.36 -6.42 -9.08
CA THR A 11 3.31 -6.29 -8.08
C THR A 11 3.66 -7.07 -6.81
N ILE A 12 3.73 -6.36 -5.69
CA ILE A 12 4.06 -6.98 -4.42
C ILE A 12 2.86 -6.98 -3.48
N GLN A 13 2.81 -7.94 -2.57
CA GLN A 13 1.71 -8.05 -1.62
C GLN A 13 2.17 -7.66 -0.22
N VAL A 14 1.85 -6.44 0.18
CA VAL A 14 2.22 -5.94 1.50
C VAL A 14 1.38 -6.59 2.59
N ARG A 15 2.01 -6.87 3.73
CA ARG A 15 1.32 -7.50 4.85
C ARG A 15 1.07 -6.49 5.96
N VAL A 16 -0.21 -6.30 6.30
CA VAL A 16 -0.59 -5.36 7.34
C VAL A 16 -1.73 -5.92 8.19
N PRO A 17 -1.77 -5.49 9.46
CA PRO A 17 -2.80 -5.93 10.41
C PRO A 17 -4.18 -5.38 10.07
N TYR A 18 -5.20 -6.21 10.18
CA TYR A 18 -6.57 -5.80 9.89
C TYR A 18 -6.89 -4.47 10.57
N ARG A 19 -6.20 -4.18 11.66
CA ARG A 19 -6.41 -2.95 12.40
C ARG A 19 -5.90 -1.75 11.60
N VAL A 20 -4.70 -1.86 11.07
CA VAL A 20 -4.10 -0.79 10.28
C VAL A 20 -4.84 -0.59 8.96
N VAL A 21 -5.43 -1.68 8.45
CA VAL A 21 -6.17 -1.62 7.20
C VAL A 21 -7.04 -0.37 7.12
N GLY A 22 -8.03 -0.30 8.00
CA GLY A 22 -8.92 0.85 8.03
C GLY A 22 -8.18 2.16 7.99
N LEU A 23 -7.01 2.20 8.62
CA LEU A 23 -6.19 3.41 8.66
C LEU A 23 -5.58 3.69 7.29
N VAL A 24 -5.03 2.66 6.66
CA VAL A 24 -4.41 2.79 5.35
C VAL A 24 -5.45 3.17 4.30
N VAL A 25 -6.47 2.33 4.15
CA VAL A 25 -7.52 2.57 3.17
C VAL A 25 -8.17 3.94 3.39
N GLY A 26 -8.53 4.23 4.64
CA GLY A 26 -9.14 5.50 4.95
C GLY A 26 -10.63 5.51 4.66
N PRO A 27 -11.31 6.60 5.07
CA PRO A 27 -12.75 6.75 4.86
C PRO A 27 -13.17 6.42 3.44
N LYS A 28 -13.68 5.21 3.25
CA LYS A 28 -14.13 4.77 1.92
C LYS A 28 -13.02 4.94 0.89
N GLY A 29 -11.80 4.59 1.27
CA GLY A 29 -10.68 4.71 0.36
C GLY A 29 -10.33 6.15 0.05
N ALA A 30 -9.83 6.86 1.05
CA ALA A 30 -9.46 8.27 0.88
C ALA A 30 -8.01 8.50 1.26
N THR A 31 -7.53 7.77 2.27
CA THR A 31 -6.15 7.90 2.72
C THR A 31 -5.19 7.20 1.75
N ILE A 32 -5.59 6.04 1.25
CA ILE A 32 -4.78 5.29 0.32
C ILE A 32 -4.62 6.03 -1.01
N LYS A 33 -5.56 6.92 -1.30
CA LYS A 33 -5.53 7.69 -2.53
C LYS A 33 -4.30 8.58 -2.59
N ARG A 34 -3.94 9.15 -1.44
CA ARG A 34 -2.77 10.03 -1.36
C ARG A 34 -1.49 9.24 -1.61
N ILE A 35 -1.44 8.01 -1.12
CA ILE A 35 -0.27 7.16 -1.30
C ILE A 35 -0.13 6.71 -2.74
N GLN A 36 -1.23 6.19 -3.30
CA GLN A 36 -1.22 5.72 -4.69
C GLN A 36 -0.69 6.80 -5.62
N GLN A 37 -1.03 8.05 -5.34
CA GLN A 37 -0.59 9.17 -6.15
C GLN A 37 0.83 9.59 -5.79
N ARG A 38 1.05 9.84 -4.50
CA ARG A 38 2.36 10.25 -4.02
C ARG A 38 3.44 9.28 -4.48
N THR A 39 3.08 8.01 -4.57
CA THR A 39 4.02 6.97 -5.00
C THR A 39 3.76 6.56 -6.44
N HIS A 40 2.59 6.93 -6.96
CA HIS A 40 2.22 6.59 -8.32
C HIS A 40 2.17 5.08 -8.53
N THR A 41 1.41 4.40 -7.68
CA THR A 41 1.29 2.94 -7.76
C THR A 41 -0.16 2.51 -7.55
N TYR A 42 -0.60 1.54 -8.35
CA TYR A 42 -1.96 1.04 -8.24
C TYR A 42 -2.11 0.10 -7.05
N ILE A 43 -2.50 0.67 -5.90
CA ILE A 43 -2.68 -0.11 -4.69
C ILE A 43 -4.06 -0.77 -4.66
N VAL A 44 -4.09 -2.05 -4.30
CA VAL A 44 -5.34 -2.79 -4.22
C VAL A 44 -5.59 -3.32 -2.81
N THR A 45 -6.77 -3.06 -2.28
CA THR A 45 -7.13 -3.51 -0.94
C THR A 45 -7.63 -4.96 -0.97
N PRO A 46 -7.46 -5.66 0.16
CA PRO A 46 -7.88 -7.05 0.30
C PRO A 46 -9.41 -7.19 0.33
N GLY A 47 -9.88 -8.43 0.39
CA GLY A 47 -11.32 -8.67 0.42
C GLY A 47 -11.93 -8.35 1.77
N ARG A 48 -13.23 -8.06 1.77
CA ARG A 48 -13.93 -7.74 3.01
C ARG A 48 -13.93 -8.93 3.97
N ASP A 49 -13.87 -10.13 3.40
CA ASP A 49 -13.87 -11.35 4.20
C ASP A 49 -12.60 -12.16 3.96
N LYS A 50 -11.48 -11.46 3.79
CA LYS A 50 -10.20 -12.11 3.54
C LYS A 50 -9.10 -11.47 4.40
N GLU A 51 -7.99 -12.20 4.55
CA GLU A 51 -6.86 -11.70 5.32
C GLU A 51 -6.42 -10.33 4.83
N PRO A 52 -6.00 -9.47 5.78
CA PRO A 52 -5.54 -8.11 5.47
C PRO A 52 -4.22 -8.09 4.74
N VAL A 53 -4.27 -7.98 3.42
CA VAL A 53 -3.07 -7.96 2.59
C VAL A 53 -3.24 -7.03 1.39
N PHE A 54 -2.42 -5.99 1.33
CA PHE A 54 -2.48 -5.03 0.25
C PHE A 54 -1.63 -5.48 -0.93
N ALA A 55 -2.07 -5.17 -2.15
CA ALA A 55 -1.35 -5.55 -3.36
C ALA A 55 -0.99 -4.32 -4.18
N VAL A 56 0.26 -3.87 -4.05
CA VAL A 56 0.72 -2.70 -4.78
C VAL A 56 1.27 -3.10 -6.15
N THR A 57 0.83 -2.40 -7.19
CA THR A 57 1.28 -2.68 -8.55
C THR A 57 2.02 -1.50 -9.13
N GLY A 58 3.19 -1.76 -9.71
CA GLY A 58 3.99 -0.71 -10.30
C GLY A 58 5.46 -1.06 -10.38
N MET A 59 6.24 -0.18 -11.01
CA MET A 59 7.68 -0.41 -11.14
C MET A 59 8.27 -1.03 -9.88
N PRO A 60 9.43 -1.67 -10.01
CA PRO A 60 10.11 -2.32 -8.89
C PRO A 60 10.67 -1.30 -7.89
N GLU A 61 10.45 -0.02 -8.16
CA GLU A 61 10.92 1.05 -7.29
C GLU A 61 9.76 1.88 -6.76
N ASN A 62 8.77 2.11 -7.61
CA ASN A 62 7.60 2.89 -7.22
C ASN A 62 6.78 2.16 -6.18
N VAL A 63 6.54 0.87 -6.41
CA VAL A 63 5.77 0.06 -5.49
C VAL A 63 6.52 -0.15 -4.17
N ASP A 64 7.83 -0.32 -4.27
CA ASP A 64 8.67 -0.52 -3.09
C ASP A 64 8.43 0.59 -2.06
N ARG A 65 8.36 1.82 -2.54
CA ARG A 65 8.14 2.97 -1.66
C ARG A 65 6.80 2.85 -0.94
N ALA A 66 5.72 2.75 -1.71
CA ALA A 66 4.39 2.62 -1.14
C ALA A 66 4.38 1.68 0.05
N ARG A 67 4.98 0.50 -0.13
CA ARG A 67 5.04 -0.50 0.94
C ARG A 67 5.50 0.13 2.24
N GLU A 68 6.47 1.03 2.15
CA GLU A 68 7.01 1.70 3.33
C GLU A 68 5.89 2.40 4.11
N GLU A 69 5.28 3.40 3.50
CA GLU A 69 4.20 4.14 4.13
C GLU A 69 3.10 3.19 4.61
N ILE A 70 2.71 2.27 3.75
CA ILE A 70 1.66 1.30 4.09
C ILE A 70 1.88 0.74 5.49
N GLU A 71 2.97 -0.01 5.67
CA GLU A 71 3.28 -0.61 6.95
C GLU A 71 3.68 0.46 7.97
N ALA A 72 4.25 1.55 7.48
CA ALA A 72 4.67 2.66 8.34
C ALA A 72 3.56 3.05 9.30
N HIS A 73 2.36 3.25 8.76
CA HIS A 73 1.21 3.63 9.58
C HIS A 73 1.12 2.76 10.83
N ILE A 74 1.65 1.55 10.74
CA ILE A 74 1.63 0.62 11.87
C ILE A 74 2.17 1.28 13.13
N THR A 75 3.21 2.08 12.98
CA THR A 75 3.83 2.76 14.10
C THR A 75 3.35 4.22 14.19
N LEU A 76 2.04 4.41 14.04
CA LEU A 76 1.46 5.75 14.11
C LEU A 76 0.26 5.77 15.04
N ARG A 77 -0.14 6.97 15.45
CA ARG A 77 -1.29 7.12 16.34
C ARG A 77 -2.49 7.69 15.60
N SER A 78 -3.51 6.86 15.43
CA SER A 78 -4.72 7.28 14.73
C SER A 78 -5.97 6.70 15.40
N GLY A 79 -7.13 7.20 15.00
CA GLY A 79 -8.38 6.73 15.57
C GLY A 79 -9.48 7.76 15.48
N PRO A 80 -9.92 8.06 14.25
CA PRO A 80 -10.98 9.04 13.99
C PRO A 80 -12.35 8.54 14.45
N SER A 81 -12.68 7.31 14.08
CA SER A 81 -13.95 6.72 14.45
C SER A 81 -13.87 5.19 14.48
N SER A 82 -14.70 4.57 15.31
CA SER A 82 -14.70 3.12 15.43
C SER A 82 -16.13 2.58 15.40
N GLY A 83 -16.66 2.41 14.19
CA GLY A 83 -18.01 1.90 14.04
C GLY A 83 -18.63 2.28 12.72
N GLY A 1 19.33 -13.47 -19.19
CA GLY A 1 19.15 -12.04 -19.36
C GLY A 1 20.26 -11.23 -18.73
N SER A 2 19.98 -9.96 -18.43
CA SER A 2 20.97 -9.08 -17.82
C SER A 2 20.72 -8.95 -16.32
N SER A 3 19.50 -8.58 -15.95
CA SER A 3 19.15 -8.42 -14.54
C SER A 3 17.95 -9.29 -14.19
N GLY A 4 18.23 -10.45 -13.60
CA GLY A 4 17.17 -11.37 -13.21
C GLY A 4 16.23 -11.67 -14.36
N SER A 5 15.02 -12.12 -14.02
CA SER A 5 14.03 -12.46 -15.03
C SER A 5 12.77 -11.62 -14.86
N SER A 6 12.69 -10.52 -15.59
CA SER A 6 11.54 -9.62 -15.52
C SER A 6 11.34 -8.90 -16.86
N GLY A 7 10.23 -8.17 -16.95
CA GLY A 7 9.94 -7.43 -18.17
C GLY A 7 9.99 -5.93 -17.98
N GLY A 8 9.15 -5.43 -17.07
CA GLY A 8 9.12 -4.00 -16.82
C GLY A 8 8.72 -3.68 -15.39
N GLN A 9 7.42 -3.66 -15.13
CA GLN A 9 6.90 -3.37 -13.80
C GLN A 9 6.72 -4.64 -12.99
N THR A 10 6.68 -4.51 -11.67
CA THR A 10 6.51 -5.65 -10.78
C THR A 10 5.32 -5.47 -9.86
N THR A 11 4.93 -6.54 -9.18
CA THR A 11 3.79 -6.49 -8.27
C THR A 11 4.09 -7.25 -6.98
N ILE A 12 3.95 -6.55 -5.85
CA ILE A 12 4.20 -7.15 -4.55
C ILE A 12 2.96 -7.08 -3.65
N GLN A 13 2.89 -7.99 -2.69
CA GLN A 13 1.76 -8.02 -1.77
C GLN A 13 2.16 -7.49 -0.39
N VAL A 14 1.62 -6.33 -0.03
CA VAL A 14 1.92 -5.72 1.26
C VAL A 14 1.17 -6.42 2.39
N ARG A 15 1.87 -6.68 3.49
CA ARG A 15 1.27 -7.34 4.64
C ARG A 15 1.06 -6.36 5.78
N VAL A 16 -0.19 -6.15 6.16
CA VAL A 16 -0.53 -5.23 7.24
C VAL A 16 -1.60 -5.82 8.15
N PRO A 17 -1.57 -5.42 9.43
CA PRO A 17 -2.55 -5.89 10.42
C PRO A 17 -3.95 -5.34 10.18
N TYR A 18 -4.94 -6.21 10.25
CA TYR A 18 -6.33 -5.81 10.03
C TYR A 18 -6.66 -4.54 10.81
N ARG A 19 -5.88 -4.29 11.85
CA ARG A 19 -6.09 -3.10 12.68
C ARG A 19 -5.66 -1.83 11.94
N VAL A 20 -4.51 -1.90 11.28
CA VAL A 20 -3.99 -0.76 10.53
C VAL A 20 -4.76 -0.56 9.24
N VAL A 21 -5.20 -1.66 8.63
CA VAL A 21 -5.96 -1.60 7.39
C VAL A 21 -6.92 -0.41 7.38
N GLY A 22 -7.96 -0.50 8.21
CA GLY A 22 -8.93 0.56 8.28
C GLY A 22 -8.30 1.94 8.33
N LEU A 23 -7.15 2.04 9.00
CA LEU A 23 -6.44 3.30 9.11
C LEU A 23 -5.87 3.73 7.76
N VAL A 24 -5.27 2.77 7.05
CA VAL A 24 -4.70 3.05 5.74
C VAL A 24 -5.78 3.45 4.73
N VAL A 25 -6.68 2.51 4.45
CA VAL A 25 -7.77 2.75 3.51
C VAL A 25 -8.34 4.15 3.68
N GLY A 26 -8.67 4.50 4.92
CA GLY A 26 -9.23 5.82 5.20
C GLY A 26 -10.71 5.90 4.87
N PRO A 27 -11.35 6.99 5.31
CA PRO A 27 -12.78 7.22 5.07
C PRO A 27 -13.17 6.97 3.62
N LYS A 28 -13.76 5.80 3.35
CA LYS A 28 -14.18 5.45 2.01
C LYS A 28 -13.05 5.67 1.00
N GLY A 29 -11.85 5.23 1.37
CA GLY A 29 -10.70 5.39 0.49
C GLY A 29 -10.32 6.84 0.28
N ALA A 30 -9.74 7.45 1.32
CA ALA A 30 -9.32 8.84 1.24
C ALA A 30 -7.81 8.98 1.46
N THR A 31 -7.28 8.19 2.39
CA THR A 31 -5.86 8.23 2.69
C THR A 31 -5.07 7.34 1.74
N ILE A 32 -5.60 6.14 1.48
CA ILE A 32 -4.94 5.20 0.59
C ILE A 32 -4.77 5.80 -0.81
N LYS A 33 -5.75 6.57 -1.25
CA LYS A 33 -5.70 7.20 -2.56
C LYS A 33 -4.47 8.08 -2.69
N ARG A 34 -4.18 8.84 -1.64
CA ARG A 34 -3.02 9.73 -1.64
C ARG A 34 -1.73 8.95 -1.91
N ILE A 35 -1.60 7.81 -1.25
CA ILE A 35 -0.42 6.96 -1.41
C ILE A 35 -0.23 6.56 -2.87
N GLN A 36 -1.31 6.12 -3.50
CA GLN A 36 -1.27 5.70 -4.90
C GLN A 36 -0.84 6.86 -5.80
N GLN A 37 -0.98 8.08 -5.30
CA GLN A 37 -0.60 9.26 -6.06
C GLN A 37 0.85 9.64 -5.78
N ARG A 38 1.24 9.63 -4.52
CA ARG A 38 2.60 9.98 -4.13
C ARG A 38 3.58 8.93 -4.63
N THR A 39 3.14 7.69 -4.69
CA THR A 39 3.98 6.59 -5.15
C THR A 39 3.66 6.21 -6.59
N HIS A 40 2.50 6.66 -7.07
CA HIS A 40 2.07 6.38 -8.43
C HIS A 40 2.02 4.88 -8.68
N THR A 41 1.36 4.16 -7.78
CA THR A 41 1.23 2.70 -7.89
C THR A 41 -0.21 2.26 -7.68
N TYR A 42 -0.60 1.20 -8.38
CA TYR A 42 -1.95 0.67 -8.28
C TYR A 42 -2.11 -0.17 -7.01
N ILE A 43 -2.64 0.45 -5.97
CA ILE A 43 -2.85 -0.24 -4.69
C ILE A 43 -4.24 -0.86 -4.63
N VAL A 44 -4.28 -2.19 -4.57
CA VAL A 44 -5.55 -2.91 -4.50
C VAL A 44 -5.80 -3.44 -3.09
N THR A 45 -6.95 -3.08 -2.52
CA THR A 45 -7.31 -3.53 -1.18
C THR A 45 -7.78 -4.98 -1.19
N PRO A 46 -7.60 -5.66 -0.06
CA PRO A 46 -7.99 -7.07 0.09
C PRO A 46 -9.50 -7.25 0.12
N GLY A 47 -9.95 -8.51 0.16
CA GLY A 47 -11.37 -8.79 0.19
C GLY A 47 -11.98 -8.58 1.55
N ARG A 48 -13.29 -8.39 1.59
CA ARG A 48 -13.99 -8.18 2.85
C ARG A 48 -13.86 -9.40 3.76
N ASP A 49 -14.03 -10.58 3.18
CA ASP A 49 -13.92 -11.82 3.94
C ASP A 49 -12.60 -12.52 3.66
N LYS A 50 -11.52 -11.74 3.61
CA LYS A 50 -10.20 -12.28 3.36
C LYS A 50 -9.16 -11.63 4.26
N GLU A 51 -7.99 -12.26 4.35
CA GLU A 51 -6.91 -11.73 5.20
C GLU A 51 -6.48 -10.35 4.72
N PRO A 52 -6.03 -9.51 5.66
CA PRO A 52 -5.57 -8.15 5.37
C PRO A 52 -4.26 -8.14 4.59
N VAL A 53 -4.35 -7.92 3.28
CA VAL A 53 -3.17 -7.88 2.43
C VAL A 53 -3.42 -7.02 1.20
N PHE A 54 -2.62 -5.97 1.04
CA PHE A 54 -2.74 -5.06 -0.10
C PHE A 54 -1.88 -5.53 -1.26
N ALA A 55 -2.25 -5.11 -2.47
CA ALA A 55 -1.51 -5.49 -3.68
C ALA A 55 -1.03 -4.26 -4.42
N VAL A 56 0.26 -3.96 -4.32
CA VAL A 56 0.85 -2.81 -4.99
C VAL A 56 1.47 -3.22 -6.32
N THR A 57 1.03 -2.57 -7.40
CA THR A 57 1.55 -2.86 -8.74
C THR A 57 2.28 -1.66 -9.32
N GLY A 58 3.46 -1.91 -9.88
CA GLY A 58 4.24 -0.84 -10.46
C GLY A 58 5.73 -1.15 -10.49
N MET A 59 6.53 -0.15 -10.86
CA MET A 59 7.98 -0.34 -10.92
C MET A 59 8.51 -0.94 -9.62
N PRO A 60 9.71 -1.54 -9.70
CA PRO A 60 10.35 -2.16 -8.53
C PRO A 60 10.81 -1.14 -7.51
N GLU A 61 10.56 0.14 -7.80
CA GLU A 61 10.95 1.21 -6.89
C GLU A 61 9.74 2.01 -6.43
N ASN A 62 8.75 2.13 -7.32
CA ASN A 62 7.53 2.86 -7.00
C ASN A 62 6.65 2.07 -6.02
N VAL A 63 6.43 0.80 -6.34
CA VAL A 63 5.61 -0.06 -5.50
C VAL A 63 6.24 -0.26 -4.12
N ASP A 64 7.57 -0.32 -4.09
CA ASP A 64 8.31 -0.50 -2.84
C ASP A 64 8.04 0.67 -1.89
N ARG A 65 7.96 1.87 -2.45
CA ARG A 65 7.72 3.06 -1.65
C ARG A 65 6.36 3.00 -0.97
N ALA A 66 5.37 2.52 -1.71
CA ALA A 66 4.01 2.39 -1.19
C ALA A 66 3.97 1.45 0.01
N ARG A 67 4.81 0.42 -0.02
CA ARG A 67 4.87 -0.55 1.06
C ARG A 67 5.38 0.09 2.34
N GLU A 68 6.51 0.78 2.24
CA GLU A 68 7.11 1.44 3.39
C GLU A 68 6.16 2.47 3.99
N GLU A 69 5.27 3.00 3.16
CA GLU A 69 4.30 3.99 3.60
C GLU A 69 3.15 3.34 4.37
N ILE A 70 2.53 2.34 3.75
CA ILE A 70 1.43 1.63 4.38
C ILE A 70 1.84 1.01 5.70
N GLU A 71 3.05 0.45 5.73
CA GLU A 71 3.58 -0.17 6.94
C GLU A 71 3.92 0.87 7.99
N ALA A 72 4.47 2.00 7.54
CA ALA A 72 4.85 3.08 8.44
C ALA A 72 3.76 3.34 9.47
N HIS A 73 2.54 3.59 8.99
CA HIS A 73 1.42 3.85 9.87
C HIS A 73 1.43 2.91 11.07
N ILE A 74 1.93 1.70 10.87
CA ILE A 74 2.00 0.72 11.93
C ILE A 74 2.77 1.26 13.13
N THR A 75 3.91 1.89 12.86
CA THR A 75 4.73 2.46 13.93
C THR A 75 4.00 3.57 14.66
N LEU A 76 3.44 4.51 13.91
CA LEU A 76 2.70 5.62 14.50
C LEU A 76 1.96 5.18 15.76
N ARG A 77 1.13 4.16 15.62
CA ARG A 77 0.36 3.64 16.75
C ARG A 77 -0.33 4.77 17.51
N SER A 78 -0.94 5.69 16.76
CA SER A 78 -1.64 6.81 17.36
C SER A 78 -2.37 6.41 18.63
N GLY A 79 -3.11 5.31 18.54
CA GLY A 79 -3.85 4.81 19.70
C GLY A 79 -5.16 4.14 19.31
N PRO A 80 -6.26 4.91 19.37
CA PRO A 80 -7.59 4.41 19.01
C PRO A 80 -7.73 4.12 17.53
N SER A 81 -8.74 3.33 17.17
CA SER A 81 -8.99 2.99 15.78
C SER A 81 -10.43 3.30 15.39
N SER A 82 -10.61 4.39 14.64
CA SER A 82 -11.94 4.81 14.20
C SER A 82 -12.52 3.79 13.23
N GLY A 83 -13.60 3.13 13.65
CA GLY A 83 -14.24 2.15 12.80
C GLY A 83 -14.76 0.95 13.59
N GLY A 1 19.04 0.56 -24.83
CA GLY A 1 17.98 -0.30 -24.32
C GLY A 1 16.77 -0.32 -25.23
N SER A 2 15.58 -0.36 -24.63
CA SER A 2 14.34 -0.38 -25.38
C SER A 2 14.41 -1.41 -26.51
N SER A 3 14.97 -2.57 -26.21
CA SER A 3 15.10 -3.63 -27.19
C SER A 3 14.04 -4.70 -27.00
N GLY A 4 13.25 -4.96 -28.04
CA GLY A 4 12.20 -5.95 -27.96
C GLY A 4 11.29 -5.73 -26.76
N SER A 5 10.57 -6.78 -26.38
CA SER A 5 9.66 -6.71 -25.24
C SER A 5 9.95 -7.82 -24.24
N SER A 6 10.61 -7.46 -23.14
CA SER A 6 10.95 -8.42 -22.10
C SER A 6 10.97 -7.76 -20.73
N GLY A 7 10.15 -8.28 -19.82
CA GLY A 7 10.08 -7.73 -18.47
C GLY A 7 9.57 -6.31 -18.46
N GLY A 8 9.11 -5.85 -17.30
CA GLY A 8 8.60 -4.50 -17.18
C GLY A 8 8.40 -4.08 -15.73
N GLN A 9 7.14 -4.02 -15.30
CA GLN A 9 6.82 -3.63 -13.94
C GLN A 9 6.65 -4.85 -13.04
N THR A 10 6.61 -4.63 -11.74
CA THR A 10 6.45 -5.71 -10.77
C THR A 10 5.31 -5.43 -9.82
N THR A 11 4.82 -6.49 -9.16
CA THR A 11 3.72 -6.36 -8.22
C THR A 11 4.03 -7.08 -6.91
N ILE A 12 3.99 -6.34 -5.81
CA ILE A 12 4.27 -6.92 -4.49
C ILE A 12 3.02 -6.93 -3.63
N GLN A 13 2.99 -7.83 -2.65
CA GLN A 13 1.85 -7.94 -1.75
C GLN A 13 2.21 -7.46 -0.35
N VAL A 14 1.81 -6.24 -0.02
CA VAL A 14 2.10 -5.66 1.28
C VAL A 14 1.32 -6.38 2.38
N ARG A 15 1.97 -6.58 3.52
CA ARG A 15 1.34 -7.25 4.65
C ARG A 15 1.05 -6.26 5.78
N VAL A 16 -0.21 -6.22 6.20
CA VAL A 16 -0.62 -5.32 7.28
C VAL A 16 -1.74 -5.93 8.11
N PRO A 17 -1.77 -5.58 9.41
CA PRO A 17 -2.79 -6.09 10.34
C PRO A 17 -4.17 -5.54 10.04
N TYR A 18 -5.18 -6.40 10.14
CA TYR A 18 -6.56 -5.99 9.88
C TYR A 18 -6.91 -4.71 10.64
N ARG A 19 -6.14 -4.43 11.69
CA ARG A 19 -6.36 -3.25 12.50
C ARG A 19 -5.90 -1.99 11.76
N VAL A 20 -4.70 -2.06 11.18
CA VAL A 20 -4.14 -0.93 10.46
C VAL A 20 -4.92 -0.67 9.17
N VAL A 21 -5.36 -1.74 8.53
CA VAL A 21 -6.13 -1.63 7.28
C VAL A 21 -7.10 -0.46 7.34
N GLY A 22 -8.08 -0.57 8.25
CA GLY A 22 -9.07 0.48 8.40
C GLY A 22 -8.45 1.86 8.47
N LEU A 23 -7.29 1.95 9.11
CA LEU A 23 -6.59 3.22 9.26
C LEU A 23 -6.03 3.69 7.92
N VAL A 24 -5.44 2.76 7.18
CA VAL A 24 -4.85 3.06 5.88
C VAL A 24 -5.93 3.44 4.87
N VAL A 25 -6.81 2.49 4.58
CA VAL A 25 -7.90 2.73 3.63
C VAL A 25 -8.47 4.12 3.79
N GLY A 26 -8.80 4.50 5.02
CA GLY A 26 -9.35 5.81 5.28
C GLY A 26 -10.81 5.91 4.87
N PRO A 27 -11.44 7.04 5.23
CA PRO A 27 -12.86 7.28 4.91
C PRO A 27 -13.18 6.98 3.44
N LYS A 28 -13.82 5.83 3.21
CA LYS A 28 -14.18 5.42 1.86
C LYS A 28 -13.01 5.62 0.90
N GLY A 29 -11.83 5.21 1.32
CA GLY A 29 -10.65 5.36 0.48
C GLY A 29 -10.27 6.80 0.27
N ALA A 30 -9.76 7.45 1.31
CA ALA A 30 -9.36 8.84 1.22
C ALA A 30 -7.86 8.99 1.48
N THR A 31 -7.33 8.20 2.41
CA THR A 31 -5.93 8.24 2.74
C THR A 31 -5.10 7.32 1.84
N ILE A 32 -5.62 6.11 1.63
CA ILE A 32 -4.94 5.13 0.78
C ILE A 32 -4.78 5.66 -0.64
N LYS A 33 -5.70 6.53 -1.06
CA LYS A 33 -5.66 7.11 -2.39
C LYS A 33 -4.43 7.98 -2.58
N ARG A 34 -4.16 8.84 -1.60
CA ARG A 34 -3.00 9.72 -1.66
C ARG A 34 -1.72 8.94 -1.94
N ILE A 35 -1.50 7.87 -1.18
CA ILE A 35 -0.32 7.04 -1.36
C ILE A 35 -0.15 6.62 -2.81
N GLN A 36 -1.19 6.02 -3.38
CA GLN A 36 -1.16 5.59 -4.77
C GLN A 36 -0.58 6.68 -5.67
N GLN A 37 -0.91 7.92 -5.36
CA GLN A 37 -0.43 9.05 -6.14
C GLN A 37 1.01 9.41 -5.76
N ARG A 38 1.21 9.74 -4.49
CA ARG A 38 2.53 10.10 -3.99
C ARG A 38 3.59 9.15 -4.54
N THR A 39 3.25 7.88 -4.64
CA THR A 39 4.17 6.88 -5.16
C THR A 39 3.87 6.54 -6.61
N HIS A 40 2.63 6.80 -7.04
CA HIS A 40 2.22 6.52 -8.41
C HIS A 40 2.14 5.02 -8.66
N THR A 41 1.40 4.32 -7.80
CA THR A 41 1.24 2.88 -7.93
C THR A 41 -0.22 2.47 -7.78
N TYR A 42 -0.57 1.33 -8.36
CA TYR A 42 -1.94 0.83 -8.29
C TYR A 42 -2.14 -0.06 -7.07
N ILE A 43 -2.64 0.52 -5.99
CA ILE A 43 -2.87 -0.22 -4.76
C ILE A 43 -4.24 -0.88 -4.76
N VAL A 44 -4.30 -2.12 -4.29
CA VAL A 44 -5.56 -2.85 -4.23
C VAL A 44 -5.79 -3.44 -2.85
N THR A 45 -6.94 -3.11 -2.25
CA THR A 45 -7.29 -3.59 -0.93
C THR A 45 -7.83 -5.02 -0.99
N PRO A 46 -7.66 -5.77 0.10
CA PRO A 46 -8.13 -7.16 0.19
C PRO A 46 -9.65 -7.25 0.25
N GLY A 47 -10.16 -8.46 0.42
CA GLY A 47 -11.60 -8.67 0.49
C GLY A 47 -12.14 -8.44 1.89
N ARG A 48 -13.47 -8.39 2.00
CA ARG A 48 -14.12 -8.16 3.28
C ARG A 48 -14.05 -9.42 4.15
N ASP A 49 -13.88 -10.57 3.51
CA ASP A 49 -13.80 -11.84 4.21
C ASP A 49 -12.49 -12.56 3.89
N LYS A 50 -11.40 -11.80 3.83
CA LYS A 50 -10.10 -12.37 3.52
C LYS A 50 -9.02 -11.74 4.39
N GLU A 51 -7.80 -12.26 4.29
CA GLU A 51 -6.68 -11.75 5.08
C GLU A 51 -6.30 -10.34 4.62
N PRO A 52 -5.91 -9.50 5.58
CA PRO A 52 -5.51 -8.11 5.31
C PRO A 52 -4.19 -8.02 4.55
N VAL A 53 -4.27 -8.01 3.23
CA VAL A 53 -3.08 -7.93 2.38
C VAL A 53 -3.30 -6.98 1.21
N PHE A 54 -2.48 -5.94 1.14
CA PHE A 54 -2.58 -4.95 0.07
C PHE A 54 -1.73 -5.37 -1.13
N ALA A 55 -2.19 -5.01 -2.33
CA ALA A 55 -1.47 -5.34 -3.56
C ALA A 55 -1.04 -4.09 -4.29
N VAL A 56 0.27 -3.87 -4.36
CA VAL A 56 0.82 -2.70 -5.05
C VAL A 56 1.46 -3.09 -6.38
N THR A 57 1.00 -2.45 -7.45
CA THR A 57 1.52 -2.73 -8.78
C THR A 57 2.31 -1.53 -9.33
N GLY A 58 3.45 -1.82 -9.95
CA GLY A 58 4.28 -0.76 -10.50
C GLY A 58 5.74 -1.14 -10.53
N MET A 59 6.58 -0.20 -10.97
CA MET A 59 8.02 -0.44 -11.05
C MET A 59 8.53 -1.07 -9.75
N PRO A 60 9.71 -1.72 -9.84
CA PRO A 60 10.33 -2.37 -8.69
C PRO A 60 10.86 -1.37 -7.67
N GLU A 61 10.70 -0.08 -7.98
CA GLU A 61 11.16 0.98 -7.09
C GLU A 61 9.98 1.80 -6.56
N ASN A 62 8.99 2.01 -7.42
CA ASN A 62 7.81 2.78 -7.04
C ASN A 62 6.94 2.00 -6.06
N VAL A 63 6.63 0.75 -6.42
CA VAL A 63 5.82 -0.10 -5.57
C VAL A 63 6.45 -0.30 -4.20
N ASP A 64 7.78 -0.24 -4.16
CA ASP A 64 8.51 -0.42 -2.91
C ASP A 64 8.21 0.73 -1.95
N ARG A 65 8.16 1.94 -2.48
CA ARG A 65 7.88 3.12 -1.66
C ARG A 65 6.47 3.07 -1.10
N ALA A 66 5.55 2.48 -1.87
CA ALA A 66 4.16 2.36 -1.44
C ALA A 66 4.03 1.44 -0.23
N ARG A 67 4.84 0.39 -0.20
CA ARG A 67 4.81 -0.57 0.90
C ARG A 67 5.24 0.09 2.21
N GLU A 68 6.47 0.61 2.22
CA GLU A 68 7.01 1.27 3.41
C GLU A 68 6.04 2.33 3.92
N GLU A 69 5.31 2.95 3.01
CA GLU A 69 4.35 3.98 3.36
C GLU A 69 3.18 3.40 4.17
N ILE A 70 2.53 2.40 3.60
CA ILE A 70 1.40 1.75 4.26
C ILE A 70 1.81 1.18 5.61
N GLU A 71 2.86 0.35 5.60
CA GLU A 71 3.35 -0.26 6.83
C GLU A 71 3.75 0.80 7.86
N ALA A 72 4.40 1.86 7.38
CA ALA A 72 4.84 2.95 8.24
C ALA A 72 3.77 3.28 9.27
N HIS A 73 2.58 3.67 8.78
CA HIS A 73 1.47 4.02 9.65
C HIS A 73 1.44 3.12 10.88
N ILE A 74 1.75 1.84 10.67
CA ILE A 74 1.75 0.87 11.77
C ILE A 74 2.47 1.43 13.00
N THR A 75 3.76 1.66 12.87
CA THR A 75 4.56 2.19 13.96
C THR A 75 4.13 3.61 14.33
N LEU A 76 3.67 4.36 13.32
CA LEU A 76 3.23 5.74 13.53
C LEU A 76 2.21 5.81 14.65
N ARG A 77 2.58 6.44 15.75
CA ARG A 77 1.69 6.59 16.89
C ARG A 77 1.47 5.24 17.59
N SER A 78 2.56 4.50 17.78
CA SER A 78 2.49 3.20 18.42
C SER A 78 2.87 3.30 19.90
N GLY A 79 2.24 2.48 20.73
CA GLY A 79 2.52 2.49 22.15
C GLY A 79 1.35 3.01 22.97
N PRO A 80 1.56 3.12 24.29
CA PRO A 80 0.53 3.60 25.22
C PRO A 80 0.23 5.08 25.04
N SER A 81 -0.75 5.39 24.19
CA SER A 81 -1.13 6.77 23.93
C SER A 81 -2.27 7.21 24.85
N SER A 82 -2.14 8.40 25.42
CA SER A 82 -3.15 8.93 26.32
C SER A 82 -3.15 8.18 27.64
N GLY A 83 -1.96 7.88 28.15
CA GLY A 83 -1.85 7.16 29.41
C GLY A 83 -1.61 5.68 29.20
N GLY A 1 22.46 4.03 -26.60
CA GLY A 1 21.54 3.71 -27.67
C GLY A 1 20.87 2.36 -27.49
N SER A 2 19.80 2.34 -26.70
CA SER A 2 19.07 1.10 -26.43
C SER A 2 17.96 0.90 -27.45
N SER A 3 17.16 1.93 -27.67
CA SER A 3 16.06 1.87 -28.62
C SER A 3 14.99 0.87 -28.15
N GLY A 4 14.70 0.90 -26.86
CA GLY A 4 13.71 -0.01 -26.31
C GLY A 4 12.44 0.71 -25.90
N SER A 5 11.30 0.08 -26.16
CA SER A 5 10.01 0.66 -25.81
C SER A 5 9.41 -0.02 -24.58
N SER A 6 9.42 -1.34 -24.57
CA SER A 6 8.88 -2.10 -23.46
C SER A 6 9.63 -1.79 -22.17
N GLY A 7 9.11 -2.28 -21.06
CA GLY A 7 9.73 -2.04 -19.77
C GLY A 7 9.73 -3.27 -18.88
N GLY A 8 8.70 -3.38 -18.04
CA GLY A 8 8.59 -4.51 -17.15
C GLY A 8 8.36 -4.09 -15.71
N GLN A 9 7.09 -4.13 -15.28
CA GLN A 9 6.74 -3.75 -13.92
C GLN A 9 6.57 -4.98 -13.04
N THR A 10 6.46 -4.75 -11.72
CA THR A 10 6.29 -5.84 -10.77
C THR A 10 5.19 -5.54 -9.77
N THR A 11 4.73 -6.57 -9.08
CA THR A 11 3.67 -6.41 -8.09
C THR A 11 4.03 -7.10 -6.78
N ILE A 12 3.97 -6.35 -5.69
CA ILE A 12 4.29 -6.89 -4.37
C ILE A 12 3.05 -6.96 -3.49
N GLN A 13 3.08 -7.87 -2.51
CA GLN A 13 1.96 -8.04 -1.60
C GLN A 13 2.34 -7.61 -0.18
N VAL A 14 1.92 -6.40 0.19
CA VAL A 14 2.20 -5.87 1.52
C VAL A 14 1.37 -6.58 2.59
N ARG A 15 2.00 -6.83 3.74
CA ARG A 15 1.32 -7.49 4.84
C ARG A 15 1.10 -6.54 6.02
N VAL A 16 -0.16 -6.25 6.32
CA VAL A 16 -0.50 -5.35 7.41
C VAL A 16 -1.59 -5.95 8.28
N PRO A 17 -1.59 -5.59 9.58
CA PRO A 17 -2.58 -6.06 10.54
C PRO A 17 -3.97 -5.49 10.28
N TYR A 18 -4.94 -6.37 10.11
CA TYR A 18 -6.32 -5.93 9.86
C TYR A 18 -6.65 -4.66 10.63
N ARG A 19 -6.04 -4.52 11.81
CA ARG A 19 -6.26 -3.34 12.64
C ARG A 19 -5.79 -2.07 11.94
N VAL A 20 -4.54 -2.11 11.48
CA VAL A 20 -3.96 -0.96 10.79
C VAL A 20 -4.67 -0.69 9.47
N VAL A 21 -5.16 -1.75 8.83
CA VAL A 21 -5.87 -1.63 7.56
C VAL A 21 -6.83 -0.45 7.58
N GLY A 22 -7.92 -0.60 8.32
CA GLY A 22 -8.91 0.46 8.42
C GLY A 22 -8.27 1.84 8.45
N LEU A 23 -7.13 1.95 9.12
CA LEU A 23 -6.43 3.22 9.24
C LEU A 23 -5.82 3.62 7.89
N VAL A 24 -5.30 2.64 7.17
CA VAL A 24 -4.69 2.91 5.87
C VAL A 24 -5.75 3.29 4.83
N VAL A 25 -6.65 2.36 4.54
CA VAL A 25 -7.72 2.61 3.58
C VAL A 25 -8.34 3.98 3.79
N GLY A 26 -8.81 4.24 5.00
CA GLY A 26 -9.42 5.52 5.31
C GLY A 26 -10.88 5.57 4.91
N PRO A 27 -11.57 6.67 5.29
CA PRO A 27 -12.98 6.87 4.98
C PRO A 27 -13.30 6.59 3.50
N LYS A 28 -13.96 5.47 3.26
CA LYS A 28 -14.34 5.07 1.90
C LYS A 28 -13.17 5.30 0.94
N GLY A 29 -11.96 5.00 1.40
CA GLY A 29 -10.78 5.17 0.57
C GLY A 29 -10.47 6.63 0.29
N ALA A 30 -9.92 7.31 1.30
CA ALA A 30 -9.58 8.72 1.17
C ALA A 30 -8.08 8.94 1.40
N THR A 31 -7.53 8.25 2.39
CA THR A 31 -6.12 8.38 2.72
C THR A 31 -5.27 7.52 1.80
N ILE A 32 -5.71 6.28 1.58
CA ILE A 32 -4.99 5.35 0.73
C ILE A 32 -4.75 5.95 -0.66
N LYS A 33 -5.77 6.64 -1.17
CA LYS A 33 -5.67 7.27 -2.48
C LYS A 33 -4.41 8.12 -2.60
N ARG A 34 -4.14 8.90 -1.55
CA ARG A 34 -2.97 9.77 -1.54
C ARG A 34 -1.69 8.95 -1.58
N ILE A 35 -1.79 7.68 -1.20
CA ILE A 35 -0.63 6.79 -1.19
C ILE A 35 -0.34 6.27 -2.59
N GLN A 36 -1.39 6.00 -3.36
CA GLN A 36 -1.23 5.51 -4.72
C GLN A 36 -0.87 6.64 -5.68
N GLN A 37 -1.28 7.85 -5.33
CA GLN A 37 -1.00 9.01 -6.16
C GLN A 37 0.41 9.55 -5.88
N ARG A 38 0.78 9.58 -4.61
CA ARG A 38 2.09 10.07 -4.21
C ARG A 38 3.20 9.21 -4.81
N THR A 39 2.97 7.90 -4.84
CA THR A 39 3.95 6.96 -5.37
C THR A 39 3.57 6.52 -6.78
N HIS A 40 2.39 6.93 -7.22
CA HIS A 40 1.90 6.57 -8.56
C HIS A 40 1.91 5.06 -8.76
N THR A 41 1.28 4.35 -7.83
CA THR A 41 1.22 2.89 -7.89
C THR A 41 -0.21 2.40 -7.75
N TYR A 42 -0.51 1.26 -8.37
CA TYR A 42 -1.85 0.68 -8.30
C TYR A 42 -1.96 -0.28 -7.13
N ILE A 43 -2.41 0.23 -5.99
CA ILE A 43 -2.57 -0.59 -4.79
C ILE A 43 -3.92 -1.31 -4.79
N VAL A 44 -3.87 -2.63 -4.67
CA VAL A 44 -5.08 -3.44 -4.65
C VAL A 44 -5.46 -3.83 -3.23
N THR A 45 -6.54 -3.24 -2.73
CA THR A 45 -7.02 -3.53 -1.38
C THR A 45 -7.79 -4.84 -1.34
N PRO A 46 -7.71 -5.53 -0.18
CA PRO A 46 -8.39 -6.81 0.01
C PRO A 46 -9.91 -6.66 0.09
N GLY A 47 -10.62 -7.77 0.02
CA GLY A 47 -12.08 -7.74 0.09
C GLY A 47 -12.58 -7.59 1.50
N ARG A 48 -13.87 -7.86 1.71
CA ARG A 48 -14.48 -7.75 3.02
C ARG A 48 -14.00 -8.87 3.93
N ASP A 49 -14.15 -10.11 3.48
CA ASP A 49 -13.73 -11.27 4.25
C ASP A 49 -12.43 -11.85 3.72
N LYS A 50 -11.50 -10.96 3.35
CA LYS A 50 -10.21 -11.39 2.82
C LYS A 50 -9.07 -10.91 3.72
N GLU A 51 -8.07 -11.77 3.89
CA GLU A 51 -6.92 -11.43 4.72
C GLU A 51 -6.41 -10.03 4.41
N PRO A 52 -5.97 -9.31 5.45
CA PRO A 52 -5.44 -7.95 5.31
C PRO A 52 -4.10 -7.91 4.59
N VAL A 53 -4.15 -7.95 3.26
CA VAL A 53 -2.95 -7.92 2.45
C VAL A 53 -3.13 -7.04 1.21
N PHE A 54 -2.31 -6.01 1.10
CA PHE A 54 -2.39 -5.09 -0.03
C PHE A 54 -1.48 -5.54 -1.17
N ALA A 55 -1.90 -5.26 -2.39
CA ALA A 55 -1.13 -5.65 -3.57
C ALA A 55 -0.73 -4.42 -4.39
N VAL A 56 0.51 -3.96 -4.19
CA VAL A 56 1.01 -2.80 -4.91
C VAL A 56 1.60 -3.19 -6.26
N THR A 57 1.02 -2.65 -7.33
CA THR A 57 1.49 -2.96 -8.68
C THR A 57 2.21 -1.77 -9.29
N GLY A 58 3.38 -2.02 -9.86
CA GLY A 58 4.15 -0.96 -10.48
C GLY A 58 5.63 -1.28 -10.55
N MET A 59 6.43 -0.31 -10.96
CA MET A 59 7.88 -0.49 -11.07
C MET A 59 8.45 -1.07 -9.78
N PRO A 60 9.63 -1.70 -9.88
CA PRO A 60 10.31 -2.31 -8.73
C PRO A 60 10.83 -1.27 -7.75
N GLU A 61 10.65 0.01 -8.09
CA GLU A 61 11.11 1.09 -7.24
C GLU A 61 9.92 1.87 -6.67
N ASN A 62 8.84 1.96 -7.45
CA ASN A 62 7.65 2.67 -7.03
C ASN A 62 6.84 1.85 -6.04
N VAL A 63 6.52 0.61 -6.43
CA VAL A 63 5.75 -0.28 -5.57
C VAL A 63 6.39 -0.43 -4.20
N ASP A 64 7.73 -0.40 -4.18
CA ASP A 64 8.47 -0.53 -2.93
C ASP A 64 8.10 0.58 -1.96
N ARG A 65 8.48 1.81 -2.31
CA ARG A 65 8.19 2.97 -1.46
C ARG A 65 6.76 2.90 -0.94
N ALA A 66 5.81 2.71 -1.85
CA ALA A 66 4.40 2.64 -1.47
C ALA A 66 4.20 1.76 -0.24
N ARG A 67 4.99 0.70 -0.15
CA ARG A 67 4.90 -0.23 0.97
C ARG A 67 5.47 0.40 2.23
N GLU A 68 6.51 1.21 2.07
CA GLU A 68 7.15 1.87 3.21
C GLU A 68 6.15 2.72 3.97
N GLU A 69 5.27 3.39 3.25
CA GLU A 69 4.25 4.24 3.86
C GLU A 69 3.19 3.40 4.56
N ILE A 70 2.60 2.46 3.81
CA ILE A 70 1.57 1.59 4.36
C ILE A 70 2.02 0.97 5.67
N GLU A 71 3.23 0.40 5.68
CA GLU A 71 3.77 -0.23 6.87
C GLU A 71 4.00 0.79 7.98
N ALA A 72 4.55 1.95 7.60
CA ALA A 72 4.82 3.00 8.56
C ALA A 72 3.64 3.21 9.50
N HIS A 73 2.47 3.50 8.93
CA HIS A 73 1.27 3.72 9.72
C HIS A 73 1.24 2.80 10.94
N ILE A 74 1.72 1.57 10.77
CA ILE A 74 1.75 0.61 11.86
C ILE A 74 2.44 1.19 13.09
N THR A 75 3.68 1.66 12.90
CA THR A 75 4.43 2.25 14.00
C THR A 75 3.82 3.57 14.45
N LEU A 76 3.50 4.43 13.50
CA LEU A 76 2.90 5.73 13.81
C LEU A 76 1.74 5.58 14.77
N ARG A 77 1.90 6.10 15.98
CA ARG A 77 0.86 6.03 17.00
C ARG A 77 -0.04 7.25 16.94
N SER A 78 -1.32 7.04 16.62
CA SER A 78 -2.27 8.13 16.54
C SER A 78 -2.77 8.54 17.92
N GLY A 79 -3.25 7.56 18.68
CA GLY A 79 -3.74 7.82 20.02
C GLY A 79 -5.15 8.39 20.01
N PRO A 80 -5.73 8.57 21.21
CA PRO A 80 -7.08 9.11 21.36
C PRO A 80 -7.17 10.59 20.99
N SER A 81 -6.03 11.16 20.58
CA SER A 81 -5.97 12.57 20.21
C SER A 81 -7.12 12.91 19.26
N SER A 82 -7.55 14.17 19.30
CA SER A 82 -8.64 14.64 18.45
C SER A 82 -8.12 15.05 17.08
N GLY A 83 -8.68 14.44 16.03
CA GLY A 83 -8.26 14.77 14.68
C GLY A 83 -9.35 15.43 13.88
N GLY A 1 22.67 -15.29 -24.85
CA GLY A 1 21.33 -15.75 -25.18
C GLY A 1 20.33 -14.61 -25.23
N SER A 2 19.11 -14.89 -24.79
CA SER A 2 18.06 -13.89 -24.78
C SER A 2 17.85 -13.31 -23.38
N SER A 3 18.03 -12.00 -23.25
CA SER A 3 17.86 -11.33 -21.96
C SER A 3 16.66 -10.39 -21.99
N GLY A 4 15.55 -10.85 -21.44
CA GLY A 4 14.34 -10.04 -21.41
C GLY A 4 13.17 -10.76 -20.77
N SER A 5 12.33 -10.01 -20.05
CA SER A 5 11.18 -10.59 -19.38
C SER A 5 9.88 -10.17 -20.07
N SER A 6 8.92 -11.08 -20.12
CA SER A 6 7.63 -10.78 -20.75
C SER A 6 7.06 -9.47 -20.25
N GLY A 7 6.91 -9.36 -18.93
CA GLY A 7 6.38 -8.15 -18.34
C GLY A 7 7.45 -7.11 -18.07
N GLY A 8 7.02 -5.91 -17.70
CA GLY A 8 7.97 -4.84 -17.41
C GLY A 8 7.95 -4.42 -15.96
N GLN A 9 6.75 -4.23 -15.41
CA GLN A 9 6.60 -3.82 -14.02
C GLN A 9 6.45 -5.03 -13.11
N THR A 10 6.34 -4.79 -11.81
CA THR A 10 6.18 -5.85 -10.84
C THR A 10 5.07 -5.53 -9.84
N THR A 11 4.52 -6.56 -9.21
CA THR A 11 3.46 -6.39 -8.23
C THR A 11 3.78 -7.12 -6.93
N ILE A 12 3.90 -6.36 -5.84
CA ILE A 12 4.20 -6.94 -4.54
C ILE A 12 2.97 -6.92 -3.63
N GLN A 13 2.94 -7.84 -2.68
CA GLN A 13 1.83 -7.94 -1.75
C GLN A 13 2.26 -7.56 -0.33
N VAL A 14 1.85 -6.37 0.10
CA VAL A 14 2.21 -5.90 1.44
C VAL A 14 1.26 -6.47 2.49
N ARG A 15 1.80 -6.74 3.68
CA ARG A 15 1.02 -7.29 4.76
C ARG A 15 0.81 -6.26 5.87
N VAL A 16 -0.33 -6.33 6.54
CA VAL A 16 -0.65 -5.39 7.62
C VAL A 16 -1.71 -5.96 8.54
N PRO A 17 -1.67 -5.56 9.81
CA PRO A 17 -2.63 -6.01 10.83
C PRO A 17 -4.03 -5.46 10.59
N TYR A 18 -5.02 -6.35 10.55
CA TYR A 18 -6.40 -5.95 10.33
C TYR A 18 -6.73 -4.70 11.12
N ARG A 19 -5.99 -4.47 12.20
CA ARG A 19 -6.21 -3.30 13.05
C ARG A 19 -5.76 -2.02 12.34
N VAL A 20 -4.60 -2.08 11.70
CA VAL A 20 -4.05 -0.93 10.99
C VAL A 20 -4.81 -0.70 9.68
N VAL A 21 -5.22 -1.79 9.04
CA VAL A 21 -5.95 -1.70 7.78
C VAL A 21 -6.95 -0.54 7.79
N GLY A 22 -7.93 -0.62 8.68
CA GLY A 22 -8.93 0.42 8.78
C GLY A 22 -8.32 1.81 8.79
N LEU A 23 -7.19 1.95 9.48
CA LEU A 23 -6.50 3.23 9.57
C LEU A 23 -5.93 3.64 8.22
N VAL A 24 -5.26 2.70 7.55
CA VAL A 24 -4.68 2.96 6.25
C VAL A 24 -5.76 3.29 5.22
N VAL A 25 -6.61 2.31 4.94
CA VAL A 25 -7.69 2.50 3.97
C VAL A 25 -8.32 3.89 4.10
N GLY A 26 -8.66 4.26 5.32
CA GLY A 26 -9.27 5.56 5.56
C GLY A 26 -10.69 5.63 5.07
N PRO A 27 -11.38 6.74 5.37
CA PRO A 27 -12.76 6.96 4.97
C PRO A 27 -13.00 6.65 3.49
N LYS A 28 -13.85 5.67 3.23
CA LYS A 28 -14.16 5.27 1.85
C LYS A 28 -12.92 5.41 0.96
N GLY A 29 -11.78 4.95 1.47
CA GLY A 29 -10.55 5.02 0.71
C GLY A 29 -10.15 6.44 0.39
N ALA A 30 -9.81 7.21 1.43
CA ALA A 30 -9.41 8.59 1.25
C ALA A 30 -7.90 8.75 1.41
N THR A 31 -7.33 8.02 2.36
CA THR A 31 -5.91 8.07 2.63
C THR A 31 -5.14 7.14 1.69
N ILE A 32 -5.59 5.89 1.62
CA ILE A 32 -4.94 4.90 0.76
C ILE A 32 -4.75 5.44 -0.65
N LYS A 33 -5.76 6.15 -1.15
CA LYS A 33 -5.71 6.72 -2.49
C LYS A 33 -4.55 7.72 -2.60
N ARG A 34 -4.39 8.56 -1.59
CA ARG A 34 -3.32 9.55 -1.59
C ARG A 34 -1.97 8.90 -1.81
N ILE A 35 -1.76 7.75 -1.16
CA ILE A 35 -0.50 7.01 -1.29
C ILE A 35 -0.23 6.65 -2.75
N GLN A 36 -1.22 6.06 -3.40
CA GLN A 36 -1.09 5.65 -4.79
C GLN A 36 -0.50 6.77 -5.64
N GLN A 37 -0.85 8.02 -5.29
CA GLN A 37 -0.36 9.18 -6.01
C GLN A 37 1.05 9.55 -5.56
N ARG A 38 1.22 9.74 -4.25
CA ARG A 38 2.51 10.10 -3.69
C ARG A 38 3.59 9.12 -4.16
N THR A 39 3.21 7.86 -4.34
CA THR A 39 4.14 6.84 -4.78
C THR A 39 3.94 6.51 -6.25
N HIS A 40 2.79 6.91 -6.80
CA HIS A 40 2.49 6.66 -8.20
C HIS A 40 2.45 5.16 -8.48
N THR A 41 1.69 4.43 -7.68
CA THR A 41 1.57 2.98 -7.85
C THR A 41 0.12 2.53 -7.69
N TYR A 42 -0.28 1.57 -8.51
CA TYR A 42 -1.65 1.05 -8.47
C TYR A 42 -1.83 0.10 -7.29
N ILE A 43 -2.38 0.63 -6.20
CA ILE A 43 -2.61 -0.17 -5.00
C ILE A 43 -3.99 -0.82 -5.03
N VAL A 44 -4.06 -2.05 -4.55
CA VAL A 44 -5.33 -2.79 -4.52
C VAL A 44 -5.64 -3.29 -3.12
N THR A 45 -6.84 -3.01 -2.63
CA THR A 45 -7.25 -3.44 -1.30
C THR A 45 -7.83 -4.85 -1.34
N PRO A 46 -7.65 -5.59 -0.24
CA PRO A 46 -8.15 -6.96 -0.12
C PRO A 46 -9.67 -7.02 -0.03
N GLY A 47 -10.20 -8.24 0.03
CA GLY A 47 -11.64 -8.42 0.12
C GLY A 47 -12.17 -8.23 1.52
N ARG A 48 -13.50 -8.19 1.65
CA ARG A 48 -14.12 -8.01 2.97
C ARG A 48 -13.98 -9.27 3.81
N ASP A 49 -14.17 -10.42 3.18
CA ASP A 49 -14.06 -11.70 3.89
C ASP A 49 -12.75 -12.40 3.53
N LYS A 50 -11.66 -11.63 3.47
CA LYS A 50 -10.36 -12.18 3.13
C LYS A 50 -9.27 -11.56 4.01
N GLU A 51 -8.13 -12.24 4.12
CA GLU A 51 -7.03 -11.76 4.92
C GLU A 51 -6.56 -10.38 4.44
N PRO A 52 -6.18 -9.52 5.39
CA PRO A 52 -5.72 -8.16 5.09
C PRO A 52 -4.35 -8.15 4.41
N VAL A 53 -4.36 -7.96 3.09
CA VAL A 53 -3.13 -7.93 2.32
C VAL A 53 -3.25 -6.98 1.13
N PHE A 54 -2.46 -5.91 1.15
CA PHE A 54 -2.47 -4.92 0.08
C PHE A 54 -1.61 -5.38 -1.09
N ALA A 55 -2.04 -5.08 -2.31
CA ALA A 55 -1.31 -5.45 -3.51
C ALA A 55 -0.90 -4.22 -4.31
N VAL A 56 0.39 -3.90 -4.27
CA VAL A 56 0.91 -2.74 -4.99
C VAL A 56 1.47 -3.15 -6.34
N THR A 57 0.95 -2.54 -7.40
CA THR A 57 1.40 -2.84 -8.75
C THR A 57 2.17 -1.67 -9.35
N GLY A 58 3.35 -1.95 -9.89
CA GLY A 58 4.16 -0.91 -10.49
C GLY A 58 5.63 -1.28 -10.55
N MET A 59 6.45 -0.38 -11.11
CA MET A 59 7.87 -0.63 -11.24
C MET A 59 8.45 -1.20 -9.94
N PRO A 60 9.61 -1.86 -10.05
CA PRO A 60 10.28 -2.46 -8.90
C PRO A 60 10.84 -1.42 -7.93
N GLU A 61 10.63 -0.14 -8.26
CA GLU A 61 11.11 0.95 -7.43
C GLU A 61 9.94 1.79 -6.89
N ASN A 62 8.93 1.97 -7.74
CA ASN A 62 7.76 2.76 -7.35
C ASN A 62 6.91 2.00 -6.34
N VAL A 63 6.68 0.72 -6.59
CA VAL A 63 5.89 -0.11 -5.69
C VAL A 63 6.61 -0.31 -4.35
N ASP A 64 7.92 -0.46 -4.41
CA ASP A 64 8.72 -0.66 -3.22
C ASP A 64 8.50 0.47 -2.22
N ARG A 65 8.39 1.69 -2.74
CA ARG A 65 8.19 2.87 -1.89
C ARG A 65 6.85 2.78 -1.16
N ALA A 66 5.80 2.43 -1.89
CA ALA A 66 4.47 2.30 -1.30
C ALA A 66 4.50 1.45 -0.04
N ARG A 67 5.24 0.34 -0.10
CA ARG A 67 5.36 -0.56 1.04
C ARG A 67 5.69 0.22 2.32
N GLU A 68 6.66 1.12 2.23
CA GLU A 68 7.06 1.93 3.37
C GLU A 68 5.91 2.82 3.84
N GLU A 69 5.15 3.35 2.88
CA GLU A 69 4.03 4.22 3.18
C GLU A 69 2.96 3.48 3.99
N ILE A 70 2.43 2.41 3.41
CA ILE A 70 1.40 1.61 4.07
C ILE A 70 1.86 1.18 5.46
N GLU A 71 3.06 0.61 5.54
CA GLU A 71 3.61 0.15 6.80
C GLU A 71 3.73 1.31 7.79
N ALA A 72 4.22 2.44 7.30
CA ALA A 72 4.39 3.62 8.14
C ALA A 72 3.15 3.88 8.98
N HIS A 73 2.00 4.02 8.32
CA HIS A 73 0.74 4.27 9.00
C HIS A 73 0.69 3.51 10.32
N ILE A 74 1.15 2.26 10.30
CA ILE A 74 1.14 1.42 11.49
C ILE A 74 1.67 2.18 12.70
N THR A 75 2.91 2.68 12.59
CA THR A 75 3.53 3.42 13.67
C THR A 75 3.23 4.91 13.55
N LEU A 76 1.98 5.24 13.23
CA LEU A 76 1.57 6.63 13.10
C LEU A 76 1.35 7.27 14.47
N ARG A 77 2.41 7.88 15.00
CA ARG A 77 2.33 8.54 16.29
C ARG A 77 1.94 7.54 17.38
N SER A 78 2.57 6.38 17.38
CA SER A 78 2.29 5.34 18.37
C SER A 78 2.72 5.77 19.76
N GLY A 79 2.16 5.13 20.78
CA GLY A 79 2.50 5.46 22.15
C GLY A 79 1.28 5.48 23.06
N PRO A 80 0.70 6.67 23.27
CA PRO A 80 -0.47 6.85 24.12
C PRO A 80 -1.73 6.23 23.50
N SER A 81 -1.58 5.70 22.30
CA SER A 81 -2.71 5.09 21.61
C SER A 81 -2.77 3.58 21.88
N SER A 82 -3.82 3.14 22.56
CA SER A 82 -3.98 1.73 22.87
C SER A 82 -4.42 0.93 21.65
N GLY A 83 -5.41 1.47 20.93
CA GLY A 83 -5.90 0.79 19.75
C GLY A 83 -5.06 1.08 18.52
N GLY A 1 25.92 -7.31 -22.94
CA GLY A 1 25.49 -6.57 -24.12
C GLY A 1 25.58 -5.07 -23.94
N SER A 2 24.60 -4.35 -24.46
CA SER A 2 24.59 -2.89 -24.35
C SER A 2 23.33 -2.40 -23.64
N SER A 3 23.34 -1.15 -23.22
CA SER A 3 22.19 -0.56 -22.53
C SER A 3 20.90 -0.85 -23.28
N GLY A 4 19.79 -0.89 -22.54
CA GLY A 4 18.50 -1.15 -23.15
C GLY A 4 17.42 -0.21 -22.65
N SER A 5 16.62 -0.69 -21.71
CA SER A 5 15.53 0.12 -21.16
C SER A 5 14.86 -0.61 -19.99
N SER A 6 14.42 0.15 -19.00
CA SER A 6 13.76 -0.42 -17.82
C SER A 6 12.29 -0.68 -18.10
N GLY A 7 11.97 -1.92 -18.48
CA GLY A 7 10.60 -2.27 -18.76
C GLY A 7 10.10 -3.41 -17.89
N GLY A 8 8.78 -3.62 -17.88
CA GLY A 8 8.21 -4.69 -17.08
C GLY A 8 8.08 -4.30 -15.62
N GLN A 9 6.86 -4.01 -15.19
CA GLN A 9 6.62 -3.62 -13.80
C GLN A 9 6.47 -4.85 -12.92
N THR A 10 6.35 -4.62 -11.61
CA THR A 10 6.21 -5.71 -10.65
C THR A 10 5.09 -5.43 -9.67
N THR A 11 4.65 -6.47 -8.96
CA THR A 11 3.58 -6.34 -7.98
C THR A 11 3.95 -7.01 -6.67
N ILE A 12 3.89 -6.26 -5.58
CA ILE A 12 4.22 -6.81 -4.26
C ILE A 12 2.98 -6.90 -3.39
N GLN A 13 2.99 -7.85 -2.45
CA GLN A 13 1.86 -8.05 -1.55
C GLN A 13 2.21 -7.58 -0.14
N VAL A 14 1.81 -6.36 0.19
CA VAL A 14 2.08 -5.79 1.51
C VAL A 14 1.27 -6.51 2.58
N ARG A 15 1.93 -6.80 3.71
CA ARG A 15 1.29 -7.49 4.81
C ARG A 15 1.04 -6.54 5.99
N VAL A 16 -0.22 -6.30 6.31
CA VAL A 16 -0.57 -5.41 7.41
C VAL A 16 -1.71 -5.99 8.24
N PRO A 17 -1.73 -5.64 9.53
CA PRO A 17 -2.77 -6.12 10.46
C PRO A 17 -4.14 -5.51 10.17
N TYR A 18 -5.14 -6.38 10.03
CA TYR A 18 -6.50 -5.93 9.74
C TYR A 18 -6.83 -4.67 10.53
N ARG A 19 -6.17 -4.49 11.68
CA ARG A 19 -6.39 -3.32 12.52
C ARG A 19 -5.90 -2.05 11.83
N VAL A 20 -4.71 -2.13 11.25
CA VAL A 20 -4.12 -0.99 10.56
C VAL A 20 -4.81 -0.75 9.21
N VAL A 21 -5.31 -1.82 8.62
CA VAL A 21 -5.99 -1.73 7.33
C VAL A 21 -6.96 -0.55 7.30
N GLY A 22 -7.97 -0.61 8.16
CA GLY A 22 -8.95 0.46 8.22
C GLY A 22 -8.32 1.83 8.32
N LEU A 23 -7.24 1.92 9.08
CA LEU A 23 -6.53 3.18 9.26
C LEU A 23 -5.89 3.64 7.95
N VAL A 24 -5.23 2.71 7.27
CA VAL A 24 -4.57 3.02 6.00
C VAL A 24 -5.61 3.38 4.93
N VAL A 25 -6.53 2.45 4.66
CA VAL A 25 -7.56 2.66 3.66
C VAL A 25 -8.16 4.06 3.78
N GLY A 26 -8.64 4.38 4.98
CA GLY A 26 -9.24 5.69 5.20
C GLY A 26 -10.71 5.73 4.81
N PRO A 27 -11.37 6.86 5.14
CA PRO A 27 -12.79 7.05 4.82
C PRO A 27 -13.12 6.68 3.38
N LYS A 28 -13.45 5.41 3.15
CA LYS A 28 -13.79 4.93 1.82
C LYS A 28 -12.65 5.18 0.84
N GLY A 29 -11.45 4.80 1.25
CA GLY A 29 -10.29 4.99 0.39
C GLY A 29 -9.96 6.45 0.17
N ALA A 30 -9.69 7.17 1.25
CA ALA A 30 -9.37 8.59 1.16
C ALA A 30 -7.88 8.84 1.35
N THR A 31 -7.29 8.10 2.30
CA THR A 31 -5.87 8.23 2.59
C THR A 31 -5.03 7.36 1.67
N ILE A 32 -5.40 6.09 1.58
CA ILE A 32 -4.68 5.14 0.73
C ILE A 32 -4.56 5.67 -0.70
N LYS A 33 -5.52 6.48 -1.11
CA LYS A 33 -5.52 7.06 -2.44
C LYS A 33 -4.34 8.01 -2.63
N ARG A 34 -4.17 8.91 -1.67
CA ARG A 34 -3.07 9.88 -1.73
C ARG A 34 -1.74 9.17 -1.98
N ILE A 35 -1.55 8.03 -1.33
CA ILE A 35 -0.32 7.26 -1.49
C ILE A 35 -0.15 6.77 -2.93
N GLN A 36 -1.22 6.22 -3.48
CA GLN A 36 -1.18 5.72 -4.86
C GLN A 36 -0.57 6.74 -5.80
N GLN A 37 -0.86 8.02 -5.55
CA GLN A 37 -0.35 9.10 -6.37
C GLN A 37 1.07 9.47 -5.95
N ARG A 38 1.27 9.68 -4.66
CA ARG A 38 2.58 10.04 -4.14
C ARG A 38 3.64 9.05 -4.59
N THR A 39 3.24 7.79 -4.71
CA THR A 39 4.16 6.74 -5.14
C THR A 39 3.89 6.32 -6.58
N HIS A 40 2.76 6.77 -7.11
CA HIS A 40 2.38 6.44 -8.48
C HIS A 40 2.30 4.92 -8.68
N THR A 41 1.51 4.27 -7.83
CA THR A 41 1.34 2.83 -7.91
C THR A 41 -0.11 2.42 -7.67
N TYR A 42 -0.59 1.46 -8.44
CA TYR A 42 -1.96 0.98 -8.33
C TYR A 42 -2.13 0.10 -7.09
N ILE A 43 -2.61 0.70 -6.01
CA ILE A 43 -2.82 -0.04 -4.77
C ILE A 43 -4.20 -0.69 -4.75
N VAL A 44 -4.22 -2.01 -4.56
CA VAL A 44 -5.47 -2.76 -4.51
C VAL A 44 -5.79 -3.20 -3.09
N THR A 45 -7.00 -2.91 -2.63
CA THR A 45 -7.43 -3.28 -1.29
C THR A 45 -8.02 -4.67 -1.27
N PRO A 46 -7.78 -5.41 -0.18
CA PRO A 46 -8.28 -6.78 -0.01
C PRO A 46 -9.79 -6.82 0.19
N GLY A 47 -10.33 -8.02 0.40
CA GLY A 47 -11.76 -8.16 0.60
C GLY A 47 -12.16 -8.07 2.06
N ARG A 48 -13.44 -8.29 2.34
CA ARG A 48 -13.95 -8.23 3.70
C ARG A 48 -13.74 -9.56 4.43
N ASP A 49 -13.98 -10.65 3.71
CA ASP A 49 -13.82 -11.98 4.28
C ASP A 49 -12.50 -12.61 3.85
N LYS A 50 -11.45 -11.79 3.80
CA LYS A 50 -10.13 -12.26 3.40
C LYS A 50 -9.05 -11.67 4.30
N GLU A 51 -7.83 -12.20 4.16
CA GLU A 51 -6.71 -11.72 4.96
C GLU A 51 -6.30 -10.30 4.54
N PRO A 52 -5.90 -9.50 5.52
CA PRO A 52 -5.47 -8.11 5.29
C PRO A 52 -4.16 -8.02 4.53
N VAL A 53 -4.25 -8.04 3.20
CA VAL A 53 -3.06 -7.96 2.36
C VAL A 53 -3.29 -7.03 1.18
N PHE A 54 -2.46 -5.99 1.07
CA PHE A 54 -2.58 -5.02 -0.01
C PHE A 54 -1.70 -5.43 -1.20
N ALA A 55 -2.21 -5.17 -2.40
CA ALA A 55 -1.47 -5.51 -3.62
C ALA A 55 -1.07 -4.25 -4.39
N VAL A 56 0.21 -3.90 -4.30
CA VAL A 56 0.72 -2.72 -5.00
C VAL A 56 1.31 -3.09 -6.35
N THR A 57 0.82 -2.45 -7.40
CA THR A 57 1.30 -2.71 -8.75
C THR A 57 2.07 -1.52 -9.30
N GLY A 58 3.24 -1.79 -9.87
CA GLY A 58 4.06 -0.73 -10.43
C GLY A 58 5.53 -1.09 -10.48
N MET A 59 6.35 -0.19 -11.02
CA MET A 59 7.78 -0.42 -11.13
C MET A 59 8.33 -1.04 -9.84
N PRO A 60 9.50 -1.67 -9.95
CA PRO A 60 10.15 -2.32 -8.80
C PRO A 60 10.70 -1.30 -7.80
N GLU A 61 10.48 -0.02 -8.09
CA GLU A 61 10.94 1.05 -7.21
C GLU A 61 9.77 1.87 -6.69
N ASN A 62 8.77 2.06 -7.55
CA ASN A 62 7.58 2.83 -7.17
C ASN A 62 6.75 2.09 -6.12
N VAL A 63 6.54 0.80 -6.35
CA VAL A 63 5.77 -0.02 -5.43
C VAL A 63 6.49 -0.19 -4.09
N ASP A 64 7.82 -0.36 -4.16
CA ASP A 64 8.63 -0.52 -2.96
C ASP A 64 8.40 0.64 -2.00
N ARG A 65 8.33 1.84 -2.52
CA ARG A 65 8.12 3.03 -1.70
C ARG A 65 6.79 2.95 -0.95
N ALA A 66 5.71 2.71 -1.69
CA ALA A 66 4.39 2.61 -1.10
C ALA A 66 4.40 1.65 0.10
N ARG A 67 4.92 0.45 -0.12
CA ARG A 67 4.98 -0.55 0.94
C ARG A 67 5.42 0.08 2.25
N GLU A 68 6.37 1.01 2.17
CA GLU A 68 6.88 1.69 3.36
C GLU A 68 5.82 2.60 3.96
N GLU A 69 5.15 3.37 3.11
CA GLU A 69 4.10 4.28 3.56
C GLU A 69 2.99 3.53 4.30
N ILE A 70 2.44 2.52 3.63
CA ILE A 70 1.37 1.72 4.22
C ILE A 70 1.80 1.13 5.56
N GLU A 71 2.95 0.49 5.58
CA GLU A 71 3.48 -0.12 6.79
C GLU A 71 3.66 0.93 7.89
N ALA A 72 4.26 2.06 7.53
CA ALA A 72 4.50 3.15 8.46
C ALA A 72 3.33 3.29 9.43
N HIS A 73 2.13 3.51 8.88
CA HIS A 73 0.93 3.68 9.70
C HIS A 73 1.00 2.79 10.93
N ILE A 74 1.44 1.55 10.75
CA ILE A 74 1.54 0.60 11.85
C ILE A 74 2.24 1.23 13.06
N THR A 75 3.42 1.79 12.82
CA THR A 75 4.18 2.43 13.90
C THR A 75 3.55 3.76 14.30
N LEU A 76 3.17 4.56 13.30
CA LEU A 76 2.56 5.85 13.55
C LEU A 76 1.52 5.76 14.67
N ARG A 77 1.62 6.67 15.64
CA ARG A 77 0.69 6.69 16.77
C ARG A 77 -0.55 7.50 16.43
N SER A 78 -1.72 6.92 16.66
CA SER A 78 -2.98 7.59 16.38
C SER A 78 -3.85 7.68 17.63
N GLY A 79 -3.94 6.57 18.36
CA GLY A 79 -4.73 6.54 19.58
C GLY A 79 -4.72 7.88 20.31
N PRO A 80 -5.75 8.69 20.06
CA PRO A 80 -5.88 10.01 20.69
C PRO A 80 -6.18 9.92 22.19
N SER A 81 -6.08 11.05 22.87
CA SER A 81 -6.34 11.09 24.31
C SER A 81 -7.79 11.48 24.59
N SER A 82 -8.29 11.04 25.74
CA SER A 82 -9.66 11.34 26.13
C SER A 82 -10.60 11.28 24.92
N GLY A 83 -10.39 10.28 24.08
CA GLY A 83 -11.22 10.13 22.89
C GLY A 83 -10.50 9.42 21.77
N GLY A 1 26.04 -6.07 -22.93
CA GLY A 1 25.36 -7.03 -22.09
C GLY A 1 23.91 -6.65 -21.83
N SER A 2 22.98 -7.39 -22.43
CA SER A 2 21.56 -7.12 -22.27
C SER A 2 20.74 -8.39 -22.46
N SER A 3 19.44 -8.29 -22.21
CA SER A 3 18.54 -9.43 -22.34
C SER A 3 17.08 -8.98 -22.35
N GLY A 4 16.18 -9.93 -22.57
CA GLY A 4 14.77 -9.62 -22.59
C GLY A 4 14.03 -10.15 -21.39
N SER A 5 13.94 -9.34 -20.34
CA SER A 5 13.26 -9.75 -19.12
C SER A 5 11.87 -10.31 -19.42
N SER A 6 11.46 -11.30 -18.64
CA SER A 6 10.15 -11.93 -18.82
C SER A 6 9.06 -11.12 -18.14
N GLY A 7 9.14 -9.80 -18.27
CA GLY A 7 8.15 -8.93 -17.64
C GLY A 7 8.72 -7.59 -17.24
N GLY A 8 7.86 -6.58 -17.16
CA GLY A 8 8.31 -5.25 -16.78
C GLY A 8 7.99 -4.91 -15.34
N GLN A 9 6.94 -4.12 -15.15
CA GLN A 9 6.54 -3.72 -13.80
C GLN A 9 6.34 -4.95 -12.90
N THR A 10 6.43 -4.73 -11.59
CA THR A 10 6.27 -5.82 -10.63
C THR A 10 5.16 -5.52 -9.64
N THR A 11 4.64 -6.56 -9.00
CA THR A 11 3.57 -6.41 -8.03
C THR A 11 3.89 -7.13 -6.73
N ILE A 12 3.94 -6.39 -5.63
CA ILE A 12 4.24 -6.96 -4.33
C ILE A 12 2.99 -7.00 -3.44
N GLN A 13 2.99 -7.92 -2.48
CA GLN A 13 1.86 -8.06 -1.57
C GLN A 13 2.27 -7.70 -0.14
N VAL A 14 2.00 -6.45 0.24
CA VAL A 14 2.34 -5.98 1.59
C VAL A 14 1.51 -6.69 2.64
N ARG A 15 2.14 -7.01 3.77
CA ARG A 15 1.46 -7.70 4.85
C ARG A 15 1.19 -6.74 6.02
N VAL A 16 -0.08 -6.42 6.24
CA VAL A 16 -0.47 -5.51 7.31
C VAL A 16 -1.64 -6.08 8.11
N PRO A 17 -1.72 -5.72 9.39
CA PRO A 17 -2.78 -6.17 10.28
C PRO A 17 -4.14 -5.55 9.93
N TYR A 18 -5.21 -6.29 10.19
CA TYR A 18 -6.56 -5.81 9.91
C TYR A 18 -6.81 -4.46 10.58
N ARG A 19 -6.32 -4.30 11.79
CA ARG A 19 -6.49 -3.07 12.54
C ARG A 19 -5.92 -1.89 11.76
N VAL A 20 -4.75 -2.09 11.16
CA VAL A 20 -4.11 -1.03 10.38
C VAL A 20 -4.84 -0.77 9.07
N VAL A 21 -5.36 -1.83 8.47
CA VAL A 21 -6.09 -1.72 7.22
C VAL A 21 -7.05 -0.54 7.25
N GLY A 22 -8.11 -0.66 8.05
CA GLY A 22 -9.08 0.41 8.15
C GLY A 22 -8.43 1.79 8.19
N LEU A 23 -7.26 1.87 8.81
CA LEU A 23 -6.54 3.13 8.91
C LEU A 23 -5.98 3.55 7.57
N VAL A 24 -5.17 2.67 6.97
CA VAL A 24 -4.56 2.95 5.67
C VAL A 24 -5.62 3.35 4.64
N VAL A 25 -6.59 2.46 4.44
CA VAL A 25 -7.66 2.71 3.48
C VAL A 25 -8.29 4.09 3.71
N GLY A 26 -8.73 4.34 4.93
CA GLY A 26 -9.34 5.61 5.26
C GLY A 26 -10.79 5.68 4.83
N PRO A 27 -11.50 6.74 5.28
CA PRO A 27 -12.91 6.94 4.96
C PRO A 27 -13.20 6.77 3.47
N LYS A 28 -13.66 5.58 3.09
CA LYS A 28 -13.98 5.29 1.71
C LYS A 28 -12.78 5.58 0.80
N GLY A 29 -11.61 5.08 1.21
CA GLY A 29 -10.40 5.29 0.43
C GLY A 29 -10.06 6.76 0.27
N ALA A 30 -9.69 7.40 1.37
CA ALA A 30 -9.33 8.81 1.35
C ALA A 30 -7.84 9.01 1.62
N THR A 31 -7.29 8.20 2.53
CA THR A 31 -5.88 8.29 2.88
C THR A 31 -5.03 7.45 1.93
N ILE A 32 -5.50 6.25 1.63
CA ILE A 32 -4.79 5.34 0.74
C ILE A 32 -4.66 5.94 -0.67
N LYS A 33 -5.70 6.65 -1.10
CA LYS A 33 -5.70 7.28 -2.41
C LYS A 33 -4.50 8.20 -2.58
N ARG A 34 -4.25 9.02 -1.57
CA ARG A 34 -3.12 9.96 -1.60
C ARG A 34 -1.82 9.23 -1.90
N ILE A 35 -1.64 8.07 -1.28
CA ILE A 35 -0.44 7.27 -1.48
C ILE A 35 -0.29 6.85 -2.94
N GLN A 36 -1.29 6.12 -3.44
CA GLN A 36 -1.28 5.65 -4.82
C GLN A 36 -0.76 6.75 -5.76
N GLN A 37 -1.11 8.00 -5.45
CA GLN A 37 -0.69 9.13 -6.26
C GLN A 37 0.74 9.53 -5.93
N ARG A 38 0.99 9.78 -4.65
CA ARG A 38 2.31 10.19 -4.19
C ARG A 38 3.39 9.24 -4.72
N THR A 39 3.03 7.96 -4.82
CA THR A 39 3.96 6.94 -5.31
C THR A 39 3.62 6.51 -6.73
N HIS A 40 2.46 6.97 -7.21
CA HIS A 40 2.02 6.64 -8.56
C HIS A 40 2.01 5.12 -8.77
N THR A 41 1.30 4.41 -7.89
CA THR A 41 1.22 2.96 -7.97
C THR A 41 -0.21 2.48 -7.75
N TYR A 42 -0.57 1.39 -8.40
CA TYR A 42 -1.91 0.82 -8.28
C TYR A 42 -2.03 -0.04 -7.03
N ILE A 43 -2.55 0.54 -5.96
CA ILE A 43 -2.71 -0.18 -4.71
C ILE A 43 -4.07 -0.86 -4.64
N VAL A 44 -4.07 -2.18 -4.58
CA VAL A 44 -5.31 -2.95 -4.51
C VAL A 44 -5.56 -3.46 -3.09
N THR A 45 -6.62 -2.95 -2.48
CA THR A 45 -6.98 -3.34 -1.12
C THR A 45 -7.54 -4.75 -1.09
N PRO A 46 -7.39 -5.43 0.07
CA PRO A 46 -7.88 -6.80 0.25
C PRO A 46 -9.40 -6.87 0.30
N GLY A 47 -9.93 -8.08 0.41
CA GLY A 47 -11.37 -8.27 0.47
C GLY A 47 -11.93 -8.09 1.86
N ARG A 48 -13.25 -8.05 1.97
CA ARG A 48 -13.91 -7.89 3.27
C ARG A 48 -13.73 -9.15 4.12
N ASP A 49 -14.01 -10.30 3.53
CA ASP A 49 -13.89 -11.57 4.24
C ASP A 49 -12.58 -12.26 3.89
N LYS A 50 -11.49 -11.49 3.84
CA LYS A 50 -10.18 -12.03 3.52
C LYS A 50 -9.11 -11.43 4.42
N GLU A 51 -7.91 -12.00 4.38
CA GLU A 51 -6.79 -11.52 5.20
C GLU A 51 -6.36 -10.14 4.74
N PRO A 52 -5.95 -9.30 5.71
CA PRO A 52 -5.50 -7.93 5.44
C PRO A 52 -4.15 -7.90 4.71
N VAL A 53 -4.20 -7.70 3.40
CA VAL A 53 -2.99 -7.65 2.59
C VAL A 53 -3.15 -6.67 1.43
N PHE A 54 -2.20 -5.75 1.30
CA PHE A 54 -2.23 -4.77 0.22
C PHE A 54 -1.36 -5.21 -0.95
N ALA A 55 -1.96 -5.26 -2.14
CA ALA A 55 -1.24 -5.66 -3.34
C ALA A 55 -0.89 -4.45 -4.21
N VAL A 56 0.35 -4.00 -4.10
CA VAL A 56 0.81 -2.85 -4.87
C VAL A 56 1.36 -3.29 -6.22
N THR A 57 0.95 -2.59 -7.28
CA THR A 57 1.41 -2.90 -8.63
C THR A 57 2.14 -1.71 -9.25
N GLY A 58 3.34 -1.97 -9.77
CA GLY A 58 4.12 -0.91 -10.39
C GLY A 58 5.59 -1.23 -10.43
N MET A 59 6.38 -0.33 -11.01
CA MET A 59 7.82 -0.52 -11.11
C MET A 59 8.39 -1.10 -9.83
N PRO A 60 9.57 -1.71 -9.92
CA PRO A 60 10.24 -2.33 -8.77
C PRO A 60 10.75 -1.28 -7.77
N GLU A 61 10.55 -0.01 -8.11
CA GLU A 61 10.99 1.08 -7.24
C GLU A 61 9.80 1.90 -6.75
N ASN A 62 8.82 2.09 -7.62
CA ASN A 62 7.63 2.85 -7.27
C ASN A 62 6.79 2.11 -6.23
N VAL A 63 6.60 0.82 -6.44
CA VAL A 63 5.82 0.00 -5.51
C VAL A 63 6.55 -0.16 -4.18
N ASP A 64 7.87 -0.35 -4.26
CA ASP A 64 8.70 -0.51 -3.06
C ASP A 64 8.45 0.63 -2.08
N ARG A 65 8.34 1.84 -2.60
CA ARG A 65 8.11 3.02 -1.77
C ARG A 65 6.77 2.94 -1.07
N ALA A 66 5.69 2.84 -1.85
CA ALA A 66 4.35 2.75 -1.30
C ALA A 66 4.30 1.79 -0.11
N ARG A 67 4.92 0.63 -0.27
CA ARG A 67 4.95 -0.36 0.79
C ARG A 67 5.33 0.26 2.12
N GLU A 68 6.36 1.11 2.09
CA GLU A 68 6.82 1.78 3.31
C GLU A 68 5.68 2.51 4.00
N GLU A 69 5.09 3.48 3.29
CA GLU A 69 3.99 4.25 3.84
C GLU A 69 2.87 3.35 4.35
N ILE A 70 2.62 2.28 3.60
CA ILE A 70 1.57 1.32 3.97
C ILE A 70 1.80 0.78 5.38
N GLU A 71 2.83 -0.05 5.53
CA GLU A 71 3.15 -0.63 6.82
C GLU A 71 3.45 0.46 7.86
N ALA A 72 4.02 1.56 7.39
CA ALA A 72 4.36 2.67 8.28
C ALA A 72 3.29 2.86 9.34
N HIS A 73 2.05 3.07 8.90
CA HIS A 73 0.93 3.27 9.81
C HIS A 73 1.07 2.38 11.04
N ILE A 74 1.48 1.13 10.83
CA ILE A 74 1.65 0.19 11.92
C ILE A 74 2.31 0.84 13.13
N THR A 75 3.46 1.47 12.89
CA THR A 75 4.20 2.14 13.96
C THR A 75 3.37 3.28 14.56
N LEU A 76 2.77 4.09 13.69
CA LEU A 76 1.96 5.21 14.13
C LEU A 76 1.22 4.87 15.42
N ARG A 77 0.94 5.90 16.22
CA ARG A 77 0.23 5.70 17.49
C ARG A 77 -0.70 6.89 17.78
N SER A 78 -1.91 6.58 18.24
CA SER A 78 -2.88 7.62 18.55
C SER A 78 -2.97 7.85 20.05
N GLY A 79 -1.81 7.91 20.70
CA GLY A 79 -1.76 8.13 22.14
C GLY A 79 -0.59 7.43 22.79
N PRO A 80 0.52 8.17 22.97
CA PRO A 80 1.73 7.64 23.60
C PRO A 80 1.54 7.38 25.09
N SER A 81 0.47 7.92 25.66
CA SER A 81 0.19 7.74 27.07
C SER A 81 0.55 6.33 27.53
N SER A 82 1.08 6.22 28.74
CA SER A 82 1.47 4.94 29.30
C SER A 82 0.72 4.65 30.59
N GLY A 83 0.23 3.43 30.74
CA GLY A 83 -0.49 3.05 31.93
C GLY A 83 0.08 1.82 32.60
N GLY A 1 14.17 -2.69 -28.99
CA GLY A 1 13.24 -3.72 -29.38
C GLY A 1 12.14 -3.20 -30.30
N SER A 2 11.05 -3.96 -30.39
CA SER A 2 9.93 -3.57 -31.24
C SER A 2 9.04 -2.55 -30.54
N SER A 3 8.13 -1.94 -31.29
CA SER A 3 7.22 -0.94 -30.75
C SER A 3 5.78 -1.37 -30.90
N GLY A 4 5.10 -1.59 -29.77
CA GLY A 4 3.72 -2.01 -29.80
C GLY A 4 3.12 -2.14 -28.42
N SER A 5 3.42 -3.25 -27.74
CA SER A 5 2.91 -3.50 -26.40
C SER A 5 4.04 -3.83 -25.44
N SER A 6 5.14 -3.09 -25.55
CA SER A 6 6.30 -3.32 -24.68
C SER A 6 6.04 -2.78 -23.28
N GLY A 7 5.92 -3.68 -22.31
CA GLY A 7 5.68 -3.26 -20.94
C GLY A 7 6.80 -3.68 -20.01
N GLY A 8 6.51 -3.71 -18.71
CA GLY A 8 7.51 -4.09 -17.73
C GLY A 8 7.25 -3.49 -16.37
N GLN A 9 7.05 -4.34 -15.37
CA GLN A 9 6.79 -3.88 -14.01
C GLN A 9 6.71 -5.04 -13.04
N THR A 10 6.52 -4.75 -11.76
CA THR A 10 6.42 -5.78 -10.73
C THR A 10 5.28 -5.50 -9.77
N THR A 11 4.87 -6.52 -9.04
CA THR A 11 3.77 -6.38 -8.09
C THR A 11 4.10 -7.08 -6.77
N ILE A 12 4.02 -6.33 -5.68
CA ILE A 12 4.31 -6.88 -4.36
C ILE A 12 3.07 -6.90 -3.48
N GLN A 13 3.04 -7.81 -2.51
CA GLN A 13 1.90 -7.92 -1.61
C GLN A 13 2.26 -7.45 -0.20
N VAL A 14 1.76 -6.28 0.17
CA VAL A 14 2.04 -5.71 1.49
C VAL A 14 1.27 -6.45 2.57
N ARG A 15 1.92 -6.70 3.69
CA ARG A 15 1.30 -7.40 4.81
C ARG A 15 1.06 -6.45 5.98
N VAL A 16 -0.20 -6.22 6.31
CA VAL A 16 -0.55 -5.33 7.42
C VAL A 16 -1.64 -5.94 8.29
N PRO A 17 -1.63 -5.59 9.58
CA PRO A 17 -2.62 -6.09 10.54
C PRO A 17 -4.02 -5.53 10.28
N TYR A 18 -5.00 -6.42 10.22
CA TYR A 18 -6.38 -6.01 9.98
C TYR A 18 -6.71 -4.74 10.74
N ARG A 19 -6.03 -4.53 11.87
CA ARG A 19 -6.26 -3.35 12.69
C ARG A 19 -5.83 -2.08 11.95
N VAL A 20 -4.60 -2.09 11.43
CA VAL A 20 -4.07 -0.94 10.70
C VAL A 20 -4.83 -0.73 9.39
N VAL A 21 -5.22 -1.83 8.75
CA VAL A 21 -5.95 -1.75 7.49
C VAL A 21 -6.93 -0.59 7.50
N GLY A 22 -7.98 -0.70 8.31
CA GLY A 22 -8.98 0.35 8.38
C GLY A 22 -8.35 1.73 8.50
N LEU A 23 -7.29 1.82 9.28
CA LEU A 23 -6.59 3.10 9.47
C LEU A 23 -5.99 3.59 8.17
N VAL A 24 -5.41 2.67 7.40
CA VAL A 24 -4.79 3.01 6.12
C VAL A 24 -5.84 3.42 5.09
N VAL A 25 -6.69 2.46 4.73
CA VAL A 25 -7.74 2.72 3.75
C VAL A 25 -8.33 4.12 3.93
N GLY A 26 -8.63 4.48 5.18
CA GLY A 26 -9.19 5.78 5.45
C GLY A 26 -10.65 5.89 5.07
N PRO A 27 -11.28 7.01 5.43
CA PRO A 27 -12.70 7.25 5.13
C PRO A 27 -13.05 6.93 3.67
N LYS A 28 -13.85 5.90 3.47
CA LYS A 28 -14.26 5.50 2.14
C LYS A 28 -13.12 5.69 1.14
N GLY A 29 -11.91 5.34 1.56
CA GLY A 29 -10.75 5.49 0.68
C GLY A 29 -10.38 6.93 0.46
N ALA A 30 -9.62 7.51 1.39
CA ALA A 30 -9.20 8.90 1.28
C ALA A 30 -7.69 9.03 1.49
N THR A 31 -7.16 8.28 2.46
CA THR A 31 -5.74 8.31 2.76
C THR A 31 -4.96 7.37 1.84
N ILE A 32 -5.49 6.17 1.65
CA ILE A 32 -4.85 5.18 0.79
C ILE A 32 -4.71 5.68 -0.63
N LYS A 33 -5.74 6.37 -1.11
CA LYS A 33 -5.73 6.92 -2.46
C LYS A 33 -4.56 7.88 -2.65
N ARG A 34 -4.31 8.70 -1.65
CA ARG A 34 -3.22 9.67 -1.71
C ARG A 34 -1.88 8.97 -1.97
N ILE A 35 -1.68 7.84 -1.29
CA ILE A 35 -0.44 7.07 -1.44
C ILE A 35 -0.26 6.63 -2.89
N GLN A 36 -1.32 6.05 -3.47
CA GLN A 36 -1.27 5.57 -4.84
C GLN A 36 -0.69 6.64 -5.77
N GLN A 37 -1.02 7.90 -5.49
CA GLN A 37 -0.52 9.01 -6.31
C GLN A 37 0.89 9.40 -5.88
N ARG A 38 1.05 9.71 -4.60
CA ARG A 38 2.35 10.10 -4.07
C ARG A 38 3.44 9.11 -4.49
N THR A 39 3.07 7.85 -4.62
CA THR A 39 4.00 6.81 -5.03
C THR A 39 3.78 6.40 -6.47
N HIS A 40 2.64 6.80 -7.03
CA HIS A 40 2.30 6.47 -8.41
C HIS A 40 2.26 4.95 -8.61
N THR A 41 1.48 4.27 -7.79
CA THR A 41 1.36 2.82 -7.87
C THR A 41 -0.09 2.38 -7.66
N TYR A 42 -0.50 1.34 -8.39
CA TYR A 42 -1.86 0.83 -8.29
C TYR A 42 -2.03 -0.02 -7.04
N ILE A 43 -2.61 0.56 -6.01
CA ILE A 43 -2.83 -0.14 -4.74
C ILE A 43 -4.21 -0.80 -4.71
N VAL A 44 -4.23 -2.12 -4.59
CA VAL A 44 -5.48 -2.86 -4.53
C VAL A 44 -5.74 -3.42 -3.14
N THR A 45 -6.92 -3.14 -2.60
CA THR A 45 -7.29 -3.61 -1.28
C THR A 45 -7.87 -5.02 -1.34
N PRO A 46 -7.69 -5.77 -0.23
CA PRO A 46 -8.19 -7.15 -0.14
C PRO A 46 -9.72 -7.22 -0.06
N GLY A 47 -10.25 -8.43 -0.02
CA GLY A 47 -11.69 -8.60 0.04
C GLY A 47 -12.23 -8.45 1.46
N ARG A 48 -13.55 -8.35 1.58
CA ARG A 48 -14.18 -8.20 2.88
C ARG A 48 -13.95 -9.43 3.74
N ASP A 49 -14.10 -10.61 3.15
CA ASP A 49 -13.90 -11.85 3.87
C ASP A 49 -12.56 -12.48 3.51
N LYS A 50 -11.52 -11.65 3.47
CA LYS A 50 -10.18 -12.12 3.14
C LYS A 50 -9.16 -11.58 4.13
N GLU A 51 -7.93 -12.08 4.03
CA GLU A 51 -6.86 -11.64 4.91
C GLU A 51 -6.41 -10.22 4.56
N PRO A 52 -5.96 -9.47 5.58
CA PRO A 52 -5.49 -8.10 5.40
C PRO A 52 -4.17 -8.03 4.64
N VAL A 53 -4.26 -7.98 3.32
CA VAL A 53 -3.06 -7.91 2.48
C VAL A 53 -3.31 -7.03 1.26
N PHE A 54 -2.50 -5.98 1.12
CA PHE A 54 -2.63 -5.06 0.00
C PHE A 54 -1.77 -5.51 -1.17
N ALA A 55 -2.17 -5.13 -2.38
CA ALA A 55 -1.43 -5.49 -3.58
C ALA A 55 -1.00 -4.24 -4.36
N VAL A 56 0.28 -3.92 -4.32
CA VAL A 56 0.81 -2.76 -5.02
C VAL A 56 1.42 -3.17 -6.36
N THR A 57 0.95 -2.53 -7.43
CA THR A 57 1.45 -2.82 -8.77
C THR A 57 2.23 -1.63 -9.33
N GLY A 58 3.36 -1.92 -9.97
CA GLY A 58 4.17 -0.87 -10.54
C GLY A 58 5.64 -1.25 -10.62
N MET A 59 6.48 -0.29 -11.00
CA MET A 59 7.91 -0.52 -11.12
C MET A 59 8.47 -1.09 -9.81
N PRO A 60 9.65 -1.72 -9.89
CA PRO A 60 10.31 -2.33 -8.73
C PRO A 60 10.84 -1.27 -7.77
N GLU A 61 10.65 -0.01 -8.12
CA GLU A 61 11.11 1.10 -7.28
C GLU A 61 9.93 1.94 -6.79
N ASN A 62 8.85 1.94 -7.57
CA ASN A 62 7.66 2.70 -7.22
C ASN A 62 6.80 1.94 -6.21
N VAL A 63 6.63 0.64 -6.45
CA VAL A 63 5.83 -0.20 -5.57
C VAL A 63 6.52 -0.40 -4.24
N ASP A 64 7.84 -0.49 -4.26
CA ASP A 64 8.62 -0.67 -3.05
C ASP A 64 8.33 0.43 -2.02
N ARG A 65 8.35 1.68 -2.50
CA ARG A 65 8.09 2.82 -1.62
C ARG A 65 6.73 2.70 -0.96
N ALA A 66 5.68 2.53 -1.77
CA ALA A 66 4.33 2.40 -1.27
C ALA A 66 4.28 1.48 -0.06
N ARG A 67 4.97 0.34 -0.16
CA ARG A 67 5.00 -0.63 0.93
C ARG A 67 5.42 0.04 2.24
N GLU A 68 6.46 0.86 2.17
CA GLU A 68 6.95 1.55 3.35
C GLU A 68 5.90 2.53 3.89
N GLU A 69 5.26 3.25 2.99
CA GLU A 69 4.24 4.22 3.36
C GLU A 69 3.11 3.54 4.15
N ILE A 70 2.54 2.49 3.57
CA ILE A 70 1.46 1.76 4.21
C ILE A 70 1.87 1.28 5.59
N GLU A 71 2.98 0.54 5.65
CA GLU A 71 3.48 0.01 6.91
C GLU A 71 3.71 1.14 7.92
N ALA A 72 4.35 2.20 7.46
CA ALA A 72 4.63 3.35 8.33
C ALA A 72 3.47 3.63 9.27
N HIS A 73 2.31 3.91 8.70
CA HIS A 73 1.12 4.19 9.50
C HIS A 73 1.09 3.35 10.76
N ILE A 74 1.53 2.10 10.65
CA ILE A 74 1.56 1.20 11.79
C ILE A 74 2.26 1.83 12.98
N THR A 75 3.52 2.20 12.78
CA THR A 75 4.31 2.83 13.83
C THR A 75 4.01 4.32 13.95
N LEU A 76 2.71 4.65 13.94
CA LEU A 76 2.28 6.04 14.04
C LEU A 76 0.99 6.15 14.83
N ARG A 77 1.01 6.96 15.88
CA ARG A 77 -0.17 7.16 16.72
C ARG A 77 -0.79 8.53 16.48
N SER A 78 -2.12 8.60 16.50
CA SER A 78 -2.82 9.85 16.29
C SER A 78 -3.25 10.46 17.61
N GLY A 79 -3.68 11.72 17.56
CA GLY A 79 -4.11 12.41 18.76
C GLY A 79 -3.22 13.59 19.10
N PRO A 80 -3.53 14.27 20.22
CA PRO A 80 -2.76 15.42 20.69
C PRO A 80 -1.38 15.03 21.20
N SER A 81 -0.49 16.02 21.30
CA SER A 81 0.86 15.79 21.78
C SER A 81 1.15 16.59 23.04
N SER A 82 0.75 17.85 23.03
CA SER A 82 0.97 18.74 24.18
C SER A 82 0.36 18.14 25.44
N GLY A 83 -0.95 17.89 25.40
CA GLY A 83 -1.63 17.32 26.56
C GLY A 83 -2.15 15.92 26.28
#